data_7MI5
#
_entry.id   7MI5
#
loop_
_entity.id
_entity.type
_entity.pdbx_description
1 polymer 'CRISPR-associated exonuclease Cas4/endonuclease Cas1 fusion'
2 polymer 'CRISPR-associated endoribonuclease Cas2'
3 polymer 'DNA (26-MER)'
4 polymer 'DNA (34-MER)'
5 non-polymer 'IRON/SULFUR CLUSTER'
6 non-polymer 'MANGANESE (II) ION'
#
loop_
_entity_poly.entity_id
_entity_poly.type
_entity_poly.pdbx_seq_one_letter_code
_entity_poly.pdbx_strand_id
1 'polypeptide(L)'
;MAETDGSIPLIPVRMLNEHVYCPRLAYLMWVQGEFSHNEFTVDGVIRHRRVDAGGGVLPSETQEDSRIHARSVSLSSERL
GITAKIDLVEGEGAYVSPVDYKRGKRPHVAGGAYEPERVQLCAQGLLLREHGFASDGGALYFVASRERVPVAFDDELIGR
TLAAIDEMGRTALSGTMPPPLEDSPKCPRCSLVGICLPDEVRFLSHLSVEPRPIIPADGRGLPLYVQSPKAYVRKDGDCL
VIEEERVRVAEARLGETSQVALFGNATLTTAALHECLRREIPVTWLSYGGWFMGHTVSTGHRNVETRTYQYQRSFDPETC
LNLARRWIVAKIANCRTLLRRNWRGEGDEAKAPPGLLMSLQDDMRHAMRAPSLEVLLGIEGASAGRYFQHFSRMLRGGDG
EGMGFDFTTRNRRPPKDPVNALLSFAYAMLTREWTVALAAVGLDPYRGFYHQPRFGRPALALDMMEPFRPLIADSTVLMA
INNGEIRTGDFVRSAGGCNLTDSARKRFIAGFERRMEQEVTHPIFKYTISYRRLLEVQARLLTRYLSGEIPAYPNFVTR
;
A,B,C,D
2 'polypeptide(L)'
;MEHLYIVSYDIRNQRRWRRLFKTMHGFGCWLQLSVFQCRLDRIRIIKMEAAINEIVNHAEDHVLILDLGPAENVKPKVSS
IGKTFDPILRQAVIV
;
E,F
3 'polydeoxyribonucleotide'
;(DC)(DA)(DC)(DC)(DA)(DT)(DC)(DG)(DT)(DG)(DA)(DG)(DG)(DC)(DC)(DT)(DC)(DA)(DG)(DC)
(DT)(DA)(DC)(DG)(DA)(DC)(DT)(DT)(DT)(DT)(DT)(DG)(DG)(DG)(DT)(DT)(DT)
;
G
4 'polydeoxyribonucleotide'
;(DG)(DT)(DC)(DG)(DT)(DA)(DG)(DC)(DT)(DG)(DA)(DG)(DG)(DC)(DC)(DT)(DC)(DA)(DC)(DG)
(DA)(DT)(DG)(DG)(DA)(DC)(DT)(DT)(DT)(DT)(DT)(DG)(DA)(DA)(DT)(DT)(DT)
;
H
#
# COMPACT_ATOMS: atom_id res chain seq x y z
N GLY A 6 26.70 -18.19 44.88
CA GLY A 6 25.42 -17.93 44.26
C GLY A 6 25.37 -16.57 43.62
N SER A 7 26.55 -15.98 43.46
CA SER A 7 26.64 -14.62 42.97
C SER A 7 26.18 -14.48 41.53
N ILE A 8 26.26 -15.55 40.76
CA ILE A 8 26.04 -15.45 39.33
C ILE A 8 25.87 -16.83 38.71
N PRO A 9 24.84 -17.05 37.92
CA PRO A 9 24.66 -18.33 37.24
C PRO A 9 25.40 -18.36 35.91
N LEU A 10 25.08 -19.38 35.13
CA LEU A 10 25.63 -19.50 33.79
C LEU A 10 25.08 -18.36 32.94
N ILE A 11 25.91 -17.86 32.04
CA ILE A 11 25.52 -16.71 31.26
C ILE A 11 24.90 -17.17 29.94
N PRO A 12 23.70 -16.71 29.61
CA PRO A 12 23.13 -17.03 28.29
C PRO A 12 23.99 -16.49 27.18
N VAL A 13 24.06 -17.26 26.09
CA VAL A 13 25.01 -16.95 25.02
C VAL A 13 24.64 -15.70 24.24
N ARG A 14 23.38 -15.51 23.85
CA ARG A 14 23.10 -14.23 23.20
C ARG A 14 23.36 -13.05 24.11
N MET A 15 23.43 -13.27 25.41
CA MET A 15 23.81 -12.14 26.22
C MET A 15 25.24 -11.73 25.92
N LEU A 16 26.10 -12.71 25.63
CA LEU A 16 27.39 -12.38 25.03
C LEU A 16 27.20 -11.67 23.70
N ASN A 17 26.32 -12.21 22.85
CA ASN A 17 26.09 -11.62 21.53
C ASN A 17 25.85 -10.13 21.63
N GLU A 18 24.97 -9.75 22.54
CA GLU A 18 24.67 -8.35 22.71
C GLU A 18 25.81 -7.65 23.42
N HIS A 19 26.57 -8.38 24.21
CA HIS A 19 27.53 -7.70 25.05
C HIS A 19 28.57 -6.97 24.24
N VAL A 20 29.23 -7.70 23.35
CA VAL A 20 30.14 -7.05 22.41
C VAL A 20 29.40 -6.05 21.54
N TYR A 21 28.11 -6.27 21.33
CA TYR A 21 27.32 -5.28 20.64
C TYR A 21 27.26 -3.99 21.43
N CYS A 22 26.91 -4.07 22.72
CA CYS A 22 26.84 -2.93 23.62
C CYS A 22 26.89 -3.39 25.07
N PRO A 23 28.05 -3.31 25.72
CA PRO A 23 28.16 -3.85 27.08
C PRO A 23 27.14 -3.28 28.05
N ARG A 24 26.87 -1.98 27.95
CA ARG A 24 25.76 -1.41 28.70
C ARG A 24 24.47 -2.16 28.43
N LEU A 25 24.15 -2.34 27.15
CA LEU A 25 22.95 -3.05 26.78
C LEU A 25 22.92 -4.43 27.43
N ALA A 26 24.08 -5.10 27.44
CA ALA A 26 24.12 -6.43 28.03
C ALA A 26 23.84 -6.37 29.52
N TYR A 27 24.49 -5.45 30.23
CA TYR A 27 24.22 -5.30 31.65
C TYR A 27 22.74 -5.16 31.88
N LEU A 28 22.11 -4.25 31.14
CA LEU A 28 20.69 -4.01 31.31
C LEU A 28 19.91 -5.28 31.05
N MET A 29 20.23 -5.94 29.94
CA MET A 29 19.38 -6.99 29.43
C MET A 29 19.49 -8.25 30.26
N TRP A 30 20.60 -8.44 30.96
CA TRP A 30 20.78 -9.64 31.74
C TRP A 30 20.64 -9.40 33.24
N VAL A 31 21.43 -8.47 33.78
CA VAL A 31 21.43 -8.26 35.22
C VAL A 31 20.06 -7.85 35.72
N GLN A 32 19.32 -7.07 34.95
CA GLN A 32 17.97 -6.69 35.34
C GLN A 32 16.96 -7.02 34.25
N GLY A 33 17.40 -7.21 33.01
CA GLY A 33 16.48 -7.59 31.96
C GLY A 33 15.90 -6.40 31.21
N GLU A 34 14.68 -6.02 31.56
CA GLU A 34 13.96 -4.94 30.90
C GLU A 34 13.99 -5.09 29.38
N PHE A 35 13.47 -6.21 28.93
CA PHE A 35 13.40 -6.44 27.50
C PHE A 35 12.37 -5.50 26.89
N SER A 36 12.51 -5.24 25.60
CA SER A 36 11.53 -4.42 24.89
C SER A 36 11.56 -4.80 23.43
N HIS A 37 10.53 -4.39 22.71
CA HIS A 37 10.35 -4.78 21.33
C HIS A 37 10.33 -3.55 20.42
N ASN A 38 10.94 -3.70 19.26
CA ASN A 38 10.81 -2.72 18.19
C ASN A 38 10.66 -3.50 16.89
N GLU A 39 10.81 -2.80 15.77
CA GLU A 39 10.57 -3.41 14.47
C GLU A 39 11.38 -4.69 14.30
N PHE A 40 12.69 -4.59 14.51
CA PHE A 40 13.58 -5.69 14.18
C PHE A 40 13.51 -6.81 15.20
N THR A 41 13.31 -6.47 16.47
CA THR A 41 13.14 -7.51 17.48
C THR A 41 11.92 -8.37 17.17
N VAL A 42 10.79 -7.72 16.90
CA VAL A 42 9.58 -8.46 16.57
C VAL A 42 9.80 -9.26 15.29
N ASP A 43 10.41 -8.64 14.29
CA ASP A 43 10.67 -9.34 13.04
C ASP A 43 11.47 -10.61 13.26
N GLY A 44 12.55 -10.51 14.03
CA GLY A 44 13.38 -11.68 14.28
C GLY A 44 12.63 -12.75 15.04
N VAL A 45 11.81 -12.35 16.01
CA VAL A 45 10.98 -13.32 16.71
C VAL A 45 10.09 -14.06 15.73
N ILE A 46 9.48 -13.31 14.82
CA ILE A 46 8.57 -13.91 13.84
C ILE A 46 9.30 -14.91 12.99
N ARG A 47 10.45 -14.52 12.44
CA ARG A 47 11.14 -15.44 11.54
C ARG A 47 11.66 -16.66 12.29
N HIS A 48 12.12 -16.47 13.54
CA HIS A 48 12.59 -17.61 14.32
C HIS A 48 11.47 -18.59 14.63
N ARG A 49 10.29 -18.08 15.01
CA ARG A 49 9.32 -18.94 15.67
C ARG A 49 8.78 -20.02 14.74
N ARG A 50 8.43 -19.64 13.50
CA ARG A 50 7.63 -20.55 12.69
C ARG A 50 8.37 -21.84 12.38
N VAL A 51 9.69 -21.84 12.42
CA VAL A 51 10.40 -23.06 12.07
C VAL A 51 11.13 -23.56 13.30
N ASP A 52 11.92 -22.70 13.92
CA ASP A 52 12.85 -23.17 14.95
C ASP A 52 12.20 -23.35 16.30
N ALA A 53 11.14 -22.60 16.62
CA ALA A 53 10.47 -22.82 17.90
C ALA A 53 9.93 -24.24 17.99
N GLY A 54 9.41 -24.76 16.88
CA GLY A 54 9.12 -26.18 16.82
C GLY A 54 10.40 -26.99 16.91
N GLY A 55 10.34 -28.05 17.70
CA GLY A 55 11.51 -28.88 17.93
C GLY A 55 11.87 -29.71 16.71
N GLY A 56 13.00 -30.38 16.82
CA GLY A 56 13.51 -31.22 15.75
C GLY A 56 14.11 -32.48 16.29
N VAL A 57 15.14 -32.98 15.60
CA VAL A 57 15.76 -34.24 15.99
C VAL A 57 16.60 -34.01 17.25
N LEU A 58 16.79 -35.08 18.02
CA LEU A 58 17.54 -35.05 19.26
C LEU A 58 19.04 -35.24 18.99
N PRO A 59 19.90 -34.66 19.83
CA PRO A 59 21.33 -34.97 19.73
C PRO A 59 21.64 -36.28 20.41
N SER A 60 21.99 -37.30 19.62
CA SER A 60 22.25 -38.61 20.16
C SER A 60 23.50 -38.57 21.04
N GLU A 61 23.41 -39.21 22.20
CA GLU A 61 24.60 -39.37 23.04
C GLU A 61 25.64 -40.19 22.29
N THR A 62 25.21 -41.26 21.63
CA THR A 62 26.09 -42.15 20.87
C THR A 62 25.90 -41.85 19.39
N GLN A 63 26.99 -41.56 18.71
CA GLN A 63 26.97 -41.11 17.33
C GLN A 63 27.97 -41.91 16.51
N GLU A 64 27.49 -42.71 15.56
CA GLU A 64 28.38 -43.50 14.74
C GLU A 64 28.37 -43.07 13.28
N ASP A 65 27.20 -43.12 12.63
CA ASP A 65 27.11 -42.74 11.21
C ASP A 65 25.65 -42.39 10.94
N SER A 66 25.34 -41.10 10.94
CA SER A 66 23.99 -40.66 10.62
C SER A 66 23.99 -39.15 10.43
N ARG A 67 22.98 -38.68 9.72
CA ARG A 67 22.74 -37.25 9.60
C ARG A 67 21.92 -36.78 10.80
N ILE A 68 22.34 -35.69 11.42
CA ILE A 68 21.58 -35.10 12.52
C ILE A 68 21.11 -33.72 12.07
N HIS A 69 19.83 -33.47 12.27
CA HIS A 69 19.21 -32.21 11.90
C HIS A 69 18.62 -31.56 13.13
N ALA A 70 19.40 -31.56 14.21
CA ALA A 70 18.88 -31.18 15.51
C ALA A 70 18.45 -29.72 15.55
N ARG A 71 17.35 -29.48 16.25
CA ARG A 71 16.77 -28.16 16.40
C ARG A 71 16.43 -27.94 17.86
N SER A 72 16.75 -26.74 18.36
CA SER A 72 16.42 -26.34 19.73
C SER A 72 17.03 -27.30 20.74
N VAL A 73 18.36 -27.30 20.76
CA VAL A 73 19.14 -28.18 21.61
C VAL A 73 19.52 -27.44 22.88
N SER A 74 19.40 -28.13 24.02
CA SER A 74 19.74 -27.57 25.32
C SER A 74 21.16 -27.97 25.67
N LEU A 75 22.08 -27.01 25.63
CA LEU A 75 23.42 -27.25 26.12
C LEU A 75 23.84 -26.14 27.05
N SER A 76 24.64 -26.52 28.04
CA SER A 76 25.09 -25.61 29.08
C SER A 76 26.41 -26.16 29.59
N SER A 77 27.31 -25.25 29.97
CA SER A 77 28.65 -25.67 30.37
C SER A 77 28.92 -25.35 31.82
N GLU A 78 28.96 -26.42 32.60
CA GLU A 78 29.68 -26.50 33.86
C GLU A 78 30.94 -25.64 33.94
N ARG A 79 31.91 -25.83 33.06
CA ARG A 79 33.22 -25.22 33.28
C ARG A 79 33.34 -23.89 32.56
N LEU A 80 32.73 -23.78 31.39
CA LEU A 80 32.76 -22.52 30.68
C LEU A 80 31.93 -21.47 31.39
N GLY A 81 30.84 -21.90 32.03
CA GLY A 81 29.98 -20.98 32.74
C GLY A 81 28.84 -20.39 31.95
N ILE A 82 28.37 -21.07 30.90
CA ILE A 82 27.34 -20.52 30.03
C ILE A 82 26.30 -21.58 29.70
N THR A 83 25.24 -21.14 29.05
CA THR A 83 24.10 -21.98 28.69
C THR A 83 23.61 -21.54 27.32
N ALA A 84 23.09 -22.48 26.54
CA ALA A 84 22.62 -22.12 25.21
C ALA A 84 21.48 -23.01 24.75
N LYS A 85 20.64 -22.43 23.89
CA LYS A 85 19.81 -23.16 22.93
C LYS A 85 20.38 -22.91 21.54
N ILE A 86 20.93 -23.97 20.95
CA ILE A 86 21.44 -23.88 19.59
C ILE A 86 20.26 -23.66 18.65
N ASP A 87 20.45 -22.79 17.65
CA ASP A 87 19.34 -22.47 16.77
C ASP A 87 19.06 -23.63 15.82
N LEU A 88 20.09 -24.35 15.40
CA LEU A 88 19.94 -25.61 14.69
C LEU A 88 21.28 -26.31 14.68
N VAL A 89 21.26 -27.65 14.66
CA VAL A 89 22.48 -28.43 14.62
C VAL A 89 22.50 -29.23 13.34
N GLU A 90 23.57 -29.07 12.55
CA GLU A 90 23.79 -29.84 11.33
C GLU A 90 25.08 -30.63 11.49
N GLY A 91 24.95 -31.94 11.61
CA GLY A 91 26.14 -32.75 11.83
C GLY A 91 26.14 -34.06 11.06
N GLU A 92 27.31 -34.45 10.59
CA GLU A 92 27.49 -35.70 9.84
C GLU A 92 28.19 -36.70 10.75
N GLY A 93 27.41 -37.56 11.40
CA GLY A 93 27.96 -38.61 12.22
C GLY A 93 28.59 -38.13 13.52
N ALA A 94 29.77 -37.51 13.43
CA ALA A 94 30.46 -37.05 14.62
C ALA A 94 31.11 -35.69 14.42
N TYR A 95 30.81 -35.02 13.32
CA TYR A 95 31.35 -33.70 13.01
C TYR A 95 30.16 -32.78 12.83
N VAL A 96 29.81 -32.06 13.89
CA VAL A 96 28.60 -31.29 13.92
C VAL A 96 28.93 -29.82 13.70
N SER A 97 27.91 -29.01 13.46
CA SER A 97 28.09 -27.60 13.21
C SER A 97 26.87 -26.81 13.65
N PRO A 98 27.06 -25.71 14.34
CA PRO A 98 25.93 -24.87 14.72
C PRO A 98 25.35 -24.16 13.52
N VAL A 99 24.08 -23.78 13.63
CA VAL A 99 23.37 -23.06 12.59
C VAL A 99 22.54 -21.98 13.26
N ASP A 100 22.76 -20.72 12.90
CA ASP A 100 21.99 -19.62 13.43
C ASP A 100 21.11 -19.02 12.34
N TYR A 101 19.91 -18.60 12.73
CA TYR A 101 19.04 -17.88 11.83
C TYR A 101 19.05 -16.38 12.14
N LYS A 102 18.96 -15.58 11.08
CA LYS A 102 18.89 -14.14 11.24
C LYS A 102 17.66 -13.63 10.52
N ARG A 103 17.44 -12.31 10.55
CA ARG A 103 16.22 -11.70 10.02
C ARG A 103 16.44 -10.87 8.77
N GLY A 104 17.62 -10.28 8.59
CA GLY A 104 17.86 -9.33 7.53
C GLY A 104 18.63 -9.91 6.36
N LYS A 105 19.36 -9.02 5.69
CA LYS A 105 20.19 -9.40 4.56
C LYS A 105 21.55 -9.88 5.05
N ARG A 106 22.38 -10.28 4.10
CA ARG A 106 23.78 -10.46 4.42
C ARG A 106 24.41 -9.10 4.61
N PRO A 107 24.97 -8.81 5.79
CA PRO A 107 25.59 -7.51 6.00
C PRO A 107 26.79 -7.32 5.09
N HIS A 108 27.01 -6.07 4.70
CA HIS A 108 28.07 -5.73 3.76
C HIS A 108 29.37 -5.50 4.51
N VAL A 109 29.85 -6.57 5.14
CA VAL A 109 31.04 -6.54 5.97
C VAL A 109 31.93 -7.70 5.55
N ALA A 110 33.21 -7.57 5.85
CA ALA A 110 34.15 -8.66 5.58
C ALA A 110 33.70 -9.92 6.29
N GLY A 111 33.55 -11.00 5.53
CA GLY A 111 33.03 -12.24 6.06
C GLY A 111 31.53 -12.31 6.12
N GLY A 112 30.83 -11.23 5.77
CA GLY A 112 29.39 -11.24 5.78
C GLY A 112 28.76 -11.42 7.15
N ALA A 113 29.52 -11.22 8.22
CA ALA A 113 29.00 -11.35 9.57
C ALA A 113 29.73 -10.39 10.48
N TYR A 114 28.98 -9.71 11.33
CA TYR A 114 29.59 -8.78 12.26
C TYR A 114 30.25 -9.55 13.39
N GLU A 115 31.03 -8.84 14.19
CA GLU A 115 31.69 -9.48 15.32
C GLU A 115 30.76 -10.27 16.22
N PRO A 116 29.64 -9.73 16.69
CA PRO A 116 28.90 -10.41 17.75
C PRO A 116 28.38 -11.80 17.39
N GLU A 117 27.67 -11.91 16.28
CA GLU A 117 27.13 -13.20 15.88
C GLU A 117 28.23 -14.22 15.67
N ARG A 118 29.40 -13.76 15.23
CA ARG A 118 30.56 -14.65 15.17
C ARG A 118 30.93 -15.14 16.55
N VAL A 119 30.79 -14.29 17.56
CA VAL A 119 31.05 -14.73 18.92
C VAL A 119 30.03 -15.77 19.36
N GLN A 120 28.74 -15.53 19.08
CA GLN A 120 27.75 -16.60 19.16
C GLN A 120 28.28 -17.91 18.62
N LEU A 121 28.61 -17.91 17.33
CA LEU A 121 28.94 -19.16 16.68
C LEU A 121 30.13 -19.83 17.36
N CYS A 122 31.20 -19.06 17.57
CA CYS A 122 32.38 -19.63 18.20
C CYS A 122 32.07 -20.19 19.58
N ALA A 123 31.39 -19.40 20.41
CA ALA A 123 31.21 -19.79 21.81
C ALA A 123 30.32 -21.01 21.94
N GLN A 124 29.15 -21.00 21.30
CA GLN A 124 28.29 -22.16 21.45
C GLN A 124 28.82 -23.35 20.66
N GLY A 125 29.72 -23.10 19.70
CA GLY A 125 30.45 -24.21 19.12
C GLY A 125 31.38 -24.85 20.13
N LEU A 126 32.05 -24.02 20.92
CA LEU A 126 32.84 -24.55 22.02
C LEU A 126 31.96 -25.32 23.00
N LEU A 127 30.73 -24.85 23.20
CA LEU A 127 29.80 -25.59 24.02
C LEU A 127 29.52 -26.97 23.43
N LEU A 128 29.31 -27.03 22.13
CA LEU A 128 29.15 -28.31 21.46
C LEU A 128 30.38 -29.19 21.70
N ARG A 129 31.57 -28.60 21.61
CA ARG A 129 32.79 -29.36 21.87
C ARG A 129 32.81 -29.92 23.27
N GLU A 130 32.44 -29.11 24.26
CA GLU A 130 32.51 -29.55 25.65
C GLU A 130 31.67 -30.79 25.87
N HIS A 131 30.59 -30.93 25.12
CA HIS A 131 29.74 -32.11 25.21
C HIS A 131 30.23 -33.26 24.36
N GLY A 132 31.51 -33.24 23.99
CA GLY A 132 32.10 -34.34 23.23
C GLY A 132 31.76 -34.27 21.77
N PHE A 133 32.17 -33.19 21.11
CA PHE A 133 31.89 -33.00 19.70
C PHE A 133 33.00 -32.19 19.07
N ALA A 134 33.21 -32.43 17.78
CA ALA A 134 34.18 -31.68 17.01
C ALA A 134 33.42 -30.77 16.06
N SER A 135 33.39 -29.48 16.37
CA SER A 135 32.59 -28.54 15.60
C SER A 135 33.45 -27.64 14.71
N ASP A 136 34.38 -26.91 15.30
CA ASP A 136 35.41 -26.17 14.57
C ASP A 136 34.83 -25.16 13.58
N GLY A 137 33.53 -24.92 13.65
CA GLY A 137 32.93 -23.95 12.77
C GLY A 137 31.46 -24.22 12.59
N GLY A 138 30.76 -23.15 12.21
CA GLY A 138 29.33 -23.23 12.01
C GLY A 138 28.94 -22.41 10.81
N ALA A 139 27.75 -21.81 10.90
CA ALA A 139 27.24 -21.01 9.79
C ALA A 139 26.17 -20.06 10.32
N LEU A 140 25.87 -19.06 9.51
CA LEU A 140 24.79 -18.11 9.76
C LEU A 140 23.79 -18.29 8.62
N TYR A 141 22.57 -18.64 8.97
CA TYR A 141 21.55 -18.82 7.94
C TYR A 141 20.64 -17.60 7.95
N PHE A 142 20.88 -16.68 7.03
CA PHE A 142 20.00 -15.53 6.89
C PHE A 142 18.67 -16.00 6.32
N VAL A 143 17.59 -15.78 7.05
CA VAL A 143 16.29 -16.22 6.58
C VAL A 143 15.86 -15.46 5.34
N ALA A 144 16.04 -14.14 5.36
CA ALA A 144 15.49 -13.30 4.29
C ALA A 144 16.12 -13.65 2.95
N SER A 145 17.43 -13.54 2.84
CA SER A 145 18.08 -13.93 1.60
C SER A 145 18.35 -15.44 1.56
N ARG A 146 17.97 -16.18 2.60
CA ARG A 146 17.78 -17.60 2.47
C ARG A 146 19.13 -18.31 2.32
N GLU A 147 20.18 -17.59 2.75
CA GLU A 147 21.56 -17.93 2.41
C GLU A 147 22.29 -18.44 3.65
N ARG A 148 23.17 -19.42 3.43
CA ARG A 148 24.10 -19.84 4.47
C ARG A 148 25.45 -19.17 4.28
N VAL A 149 26.00 -18.63 5.37
CA VAL A 149 27.35 -18.08 5.36
C VAL A 149 28.18 -18.80 6.41
N PRO A 150 29.10 -19.68 6.02
CA PRO A 150 29.86 -20.43 7.02
C PRO A 150 30.77 -19.53 7.83
N VAL A 151 31.06 -19.97 9.05
CA VAL A 151 32.00 -19.31 9.94
C VAL A 151 33.01 -20.35 10.41
N ALA A 152 34.28 -20.04 10.25
CA ALA A 152 35.36 -20.86 10.80
C ALA A 152 35.74 -20.33 12.17
N PHE A 153 36.11 -21.22 13.08
CA PHE A 153 36.43 -20.84 14.45
C PHE A 153 37.92 -20.50 14.55
N ASP A 154 38.19 -19.23 14.73
CA ASP A 154 39.56 -18.75 14.89
C ASP A 154 40.11 -19.15 16.26
N ASP A 155 41.37 -18.79 16.46
CA ASP A 155 41.95 -18.87 17.79
C ASP A 155 41.59 -17.63 18.60
N GLU A 156 41.99 -16.46 18.12
CA GLU A 156 41.68 -15.25 18.86
C GLU A 156 40.20 -14.95 18.87
N LEU A 157 39.41 -15.50 17.95
CA LEU A 157 37.97 -15.42 18.13
C LEU A 157 37.55 -16.12 19.42
N ILE A 158 38.11 -17.30 19.67
CA ILE A 158 37.90 -17.96 20.94
C ILE A 158 38.40 -17.08 22.06
N GLY A 159 39.51 -16.38 21.84
CA GLY A 159 40.00 -15.44 22.83
C GLY A 159 38.98 -14.36 23.13
N ARG A 160 38.37 -13.80 22.08
CA ARG A 160 37.32 -12.81 22.26
C ARG A 160 36.22 -13.39 23.11
N THR A 161 35.78 -14.59 22.77
CA THR A 161 34.68 -15.21 23.48
C THR A 161 35.01 -15.36 24.96
N LEU A 162 36.16 -15.93 25.27
CA LEU A 162 36.50 -16.20 26.65
C LEU A 162 36.73 -14.92 27.43
N ALA A 163 37.40 -13.93 26.82
CA ALA A 163 37.60 -12.66 27.50
C ALA A 163 36.26 -11.99 27.78
N ALA A 164 35.34 -12.07 26.82
CA ALA A 164 34.03 -11.50 27.03
C ALA A 164 33.31 -12.21 28.16
N ILE A 165 33.44 -13.54 28.23
CA ILE A 165 32.92 -14.28 29.38
C ILE A 165 33.47 -13.67 30.65
N ASP A 166 34.79 -13.51 30.69
CA ASP A 166 35.45 -12.98 31.87
C ASP A 166 34.85 -11.64 32.24
N GLU A 167 34.69 -10.76 31.26
CA GLU A 167 34.37 -9.38 31.56
C GLU A 167 32.89 -9.18 31.80
N MET A 168 32.04 -10.03 31.21
CA MET A 168 30.68 -10.18 31.72
C MET A 168 30.67 -10.51 33.19
N GLY A 169 31.37 -11.57 33.59
CA GLY A 169 31.33 -11.97 34.97
C GLY A 169 31.82 -10.86 35.88
N ARG A 170 32.85 -10.16 35.42
CA ARG A 170 33.44 -9.11 36.24
C ARG A 170 32.54 -7.89 36.32
N THR A 171 31.88 -7.51 35.23
CA THR A 171 30.95 -6.39 35.32
C THR A 171 29.71 -6.74 36.13
N ALA A 172 29.28 -8.00 36.08
CA ALA A 172 28.13 -8.41 36.89
C ALA A 172 28.49 -8.40 38.37
N LEU A 173 29.62 -9.00 38.73
CA LEU A 173 30.04 -8.96 40.12
C LEU A 173 30.34 -7.53 40.55
N SER A 174 30.72 -6.68 39.60
CA SER A 174 30.95 -5.28 39.90
C SER A 174 29.67 -4.59 40.34
N GLY A 175 28.56 -4.91 39.68
CA GLY A 175 27.33 -4.20 39.95
C GLY A 175 27.29 -2.80 39.41
N THR A 176 28.08 -2.49 38.38
CA THR A 176 28.25 -1.12 37.92
C THR A 176 27.67 -0.98 36.53
N MET A 177 26.83 0.02 36.36
CA MET A 177 26.28 0.39 35.07
C MET A 177 27.39 0.75 34.10
N PRO A 178 27.63 -0.04 33.06
CA PRO A 178 28.60 0.35 32.06
C PRO A 178 28.09 1.55 31.27
N PRO A 179 28.99 2.42 30.82
CA PRO A 179 28.57 3.63 30.15
C PRO A 179 27.97 3.34 28.80
N PRO A 180 27.15 4.25 28.29
CA PRO A 180 26.59 4.06 26.95
C PRO A 180 27.63 4.29 25.87
N LEU A 181 27.23 3.99 24.65
CA LEU A 181 28.12 4.21 23.52
C LEU A 181 28.31 5.69 23.29
N GLU A 182 29.53 6.05 22.91
CA GLU A 182 29.86 7.44 22.60
C GLU A 182 29.21 7.79 21.27
N ASP A 183 27.98 8.28 21.36
CA ASP A 183 27.26 8.83 20.22
C ASP A 183 27.31 7.87 19.03
N SER A 184 27.04 6.62 19.31
CA SER A 184 27.20 5.62 18.27
C SER A 184 25.91 5.43 17.48
N PRO A 185 26.03 5.17 16.17
CA PRO A 185 24.87 4.76 15.39
C PRO A 185 24.27 3.45 15.85
N LYS A 186 24.95 2.79 16.78
CA LYS A 186 24.53 1.50 17.28
C LYS A 186 23.29 1.63 18.15
N CYS A 187 23.27 2.61 19.05
CA CYS A 187 22.12 2.83 19.92
C CYS A 187 20.81 3.04 19.17
N PRO A 188 20.72 3.93 18.15
CA PRO A 188 19.40 4.34 17.65
C PRO A 188 18.54 3.23 17.09
N ARG A 189 19.03 2.00 17.21
CA ARG A 189 18.16 0.85 16.96
C ARG A 189 18.34 -0.22 18.02
N CYS A 190 18.98 0.12 19.14
CA CYS A 190 19.23 -0.84 20.20
C CYS A 190 17.93 -1.34 20.82
N SER A 191 16.79 -0.80 20.40
CA SER A 191 15.48 -1.24 20.87
C SER A 191 15.33 -1.02 22.36
N LEU A 192 16.34 -0.43 22.99
CA LEU A 192 16.27 -0.04 24.38
C LEU A 192 16.72 1.39 24.58
N VAL A 193 17.11 2.08 23.50
CA VAL A 193 17.29 3.51 23.58
C VAL A 193 16.12 4.16 24.26
N GLY A 194 14.93 3.59 24.12
CA GLY A 194 13.80 4.01 24.91
C GLY A 194 14.00 3.81 26.39
N ILE A 195 14.99 3.03 26.79
CA ILE A 195 15.32 2.87 28.19
C ILE A 195 16.80 3.09 28.45
N CYS A 196 17.65 2.93 27.44
CA CYS A 196 19.05 3.31 27.62
C CYS A 196 19.19 4.81 27.76
N LEU A 197 18.46 5.56 26.94
CA LEU A 197 18.54 7.02 26.93
C LEU A 197 19.98 7.49 26.78
N PRO A 198 20.71 6.99 25.81
CA PRO A 198 22.15 7.20 25.78
C PRO A 198 22.54 8.66 25.65
N ASP A 199 21.95 9.38 24.70
CA ASP A 199 22.30 10.78 24.56
C ASP A 199 22.02 11.55 25.85
N GLU A 200 20.88 11.26 26.45
CA GLU A 200 20.50 11.95 27.67
C GLU A 200 21.42 11.59 28.81
N VAL A 201 21.69 10.29 28.95
CA VAL A 201 22.55 9.84 30.03
C VAL A 201 23.93 10.44 29.86
N ARG A 202 24.39 10.59 28.62
CA ARG A 202 25.67 11.25 28.39
C ARG A 202 25.61 12.71 28.76
N PHE A 203 24.60 13.41 28.25
CA PHE A 203 24.57 14.86 28.32
C PHE A 203 24.44 15.31 29.76
N LEU A 204 23.59 14.63 30.53
CA LEU A 204 23.53 14.89 31.96
C LEU A 204 24.66 14.21 32.70
N SER A 205 25.10 13.07 32.22
CA SER A 205 26.25 12.38 32.77
C SER A 205 27.50 13.17 32.55
N HIS A 206 27.34 14.39 32.09
CA HIS A 206 28.23 15.51 32.34
C HIS A 206 29.42 15.47 31.40
N LEU A 207 29.50 14.44 30.55
CA LEU A 207 30.41 14.40 29.41
C LEU A 207 29.77 15.16 28.24
N SER A 208 29.72 16.47 28.38
CA SER A 208 28.80 17.29 27.59
C SER A 208 28.97 17.08 26.09
N VAL A 209 27.86 16.76 25.44
CA VAL A 209 27.73 16.71 23.99
C VAL A 209 26.40 17.36 23.68
N GLU A 210 25.96 17.30 22.42
CA GLU A 210 24.61 17.77 22.13
C GLU A 210 23.70 16.59 21.88
N PRO A 211 22.65 16.40 22.69
CA PRO A 211 21.69 15.33 22.42
C PRO A 211 21.08 15.47 21.04
N ARG A 212 20.86 14.34 20.39
CA ARG A 212 20.36 14.32 19.02
C ARG A 212 18.84 14.27 19.01
N PRO A 213 18.22 14.45 17.85
CA PRO A 213 16.76 14.37 17.79
C PRO A 213 16.26 13.03 18.30
N ILE A 214 15.12 13.09 18.99
CA ILE A 214 14.58 11.94 19.70
C ILE A 214 14.38 10.77 18.76
N ILE A 215 14.68 9.58 19.25
CA ILE A 215 14.18 8.37 18.60
C ILE A 215 12.68 8.28 18.87
N PRO A 216 11.85 8.29 17.83
CA PRO A 216 10.43 8.57 18.02
C PRO A 216 9.69 7.47 18.76
N ALA A 217 8.39 7.69 18.93
CA ALA A 217 7.54 6.75 19.66
C ALA A 217 7.34 5.46 18.89
N ASP A 218 7.38 4.35 19.63
CA ASP A 218 7.15 3.02 19.08
C ASP A 218 6.38 2.20 20.10
N GLY A 219 5.45 1.39 19.60
CA GLY A 219 4.79 0.40 20.44
C GLY A 219 3.96 0.97 21.56
N ARG A 220 3.38 2.15 21.35
CA ARG A 220 2.59 2.81 22.37
C ARG A 220 1.16 2.98 21.88
N GLY A 221 0.22 2.77 22.78
CA GLY A 221 -1.20 2.89 22.48
C GLY A 221 -1.83 4.09 23.13
N LEU A 222 -3.14 4.03 23.25
CA LEU A 222 -3.91 5.08 23.88
C LEU A 222 -4.77 4.52 25.00
N PRO A 223 -5.11 5.32 26.00
CA PRO A 223 -5.79 4.78 27.17
C PRO A 223 -7.25 4.50 26.91
N LEU A 224 -7.86 3.81 27.88
CA LEU A 224 -9.27 3.44 27.86
C LEU A 224 -9.97 4.12 29.03
N TYR A 225 -10.88 5.03 28.74
CA TYR A 225 -11.59 5.74 29.79
C TYR A 225 -13.03 5.30 29.76
N VAL A 226 -13.53 4.84 30.89
CA VAL A 226 -14.90 4.37 30.99
C VAL A 226 -15.58 5.24 32.04
N GLN A 227 -16.18 6.33 31.58
CA GLN A 227 -16.85 7.24 32.50
C GLN A 227 -18.34 6.97 32.60
N SER A 228 -18.93 6.36 31.59
CA SER A 228 -20.35 6.09 31.62
C SER A 228 -20.67 5.23 32.82
N PRO A 229 -21.34 5.78 33.83
CA PRO A 229 -21.41 5.11 35.14
C PRO A 229 -22.13 3.79 35.09
N LYS A 230 -22.78 3.45 34.00
CA LYS A 230 -23.51 2.20 33.90
C LYS A 230 -23.21 1.53 32.57
N ALA A 231 -21.93 1.46 32.23
CA ALA A 231 -21.49 0.78 31.02
C ALA A 231 -21.01 -0.62 31.35
N TYR A 232 -21.10 -1.46 30.33
CA TYR A 232 -20.71 -2.89 30.37
C TYR A 232 -19.48 -3.00 29.47
N VAL A 233 -18.46 -3.71 29.93
CA VAL A 233 -17.26 -3.88 29.12
C VAL A 233 -17.08 -5.36 28.88
N ARG A 234 -17.08 -5.76 27.61
CA ARG A 234 -17.07 -7.18 27.27
C ARG A 234 -16.01 -7.50 26.23
N LYS A 235 -15.40 -8.66 26.38
CA LYS A 235 -14.42 -9.11 25.41
C LYS A 235 -15.08 -9.92 24.32
N ASP A 236 -14.75 -9.60 23.06
CA ASP A 236 -15.06 -10.48 21.96
C ASP A 236 -13.78 -10.68 21.14
N GLY A 237 -13.22 -11.87 21.26
CA GLY A 237 -11.98 -12.19 20.58
C GLY A 237 -10.88 -11.25 21.01
N ASP A 238 -10.21 -10.63 20.05
CA ASP A 238 -9.22 -9.61 20.33
C ASP A 238 -9.79 -8.21 20.37
N CYS A 239 -11.06 -8.03 20.03
CA CYS A 239 -11.68 -6.74 20.20
C CYS A 239 -12.24 -6.61 21.60
N LEU A 240 -12.46 -5.37 22.03
CA LEU A 240 -13.08 -5.09 23.31
C LEU A 240 -14.26 -4.16 23.07
N VAL A 241 -15.49 -4.60 23.35
CA VAL A 241 -16.67 -3.80 23.06
C VAL A 241 -17.19 -3.18 24.34
N ILE A 242 -17.51 -1.90 24.28
CA ILE A 242 -18.19 -1.24 25.38
C ILE A 242 -19.64 -1.05 24.97
N GLU A 243 -20.55 -1.50 25.82
CA GLU A 243 -21.96 -1.44 25.54
C GLU A 243 -22.68 -0.82 26.72
N GLU A 244 -23.67 0.00 26.45
CA GLU A 244 -24.51 0.56 27.49
C GLU A 244 -25.97 0.41 27.06
N GLU A 245 -26.82 0.04 28.01
CA GLU A 245 -28.20 -0.31 27.71
C GLU A 245 -28.27 -1.38 26.63
N ARG A 246 -27.39 -2.36 26.72
CA ARG A 246 -27.38 -3.51 25.82
C ARG A 246 -27.22 -3.10 24.38
N VAL A 247 -26.54 -1.99 24.11
CA VAL A 247 -26.25 -1.59 22.74
C VAL A 247 -24.76 -1.30 22.63
N ARG A 248 -24.18 -1.70 21.51
CA ARG A 248 -22.74 -1.61 21.30
C ARG A 248 -22.38 -0.15 21.16
N VAL A 249 -22.01 0.48 22.28
CA VAL A 249 -21.64 1.88 22.23
C VAL A 249 -20.39 2.07 21.39
N ALA A 250 -19.36 1.28 21.65
CA ALA A 250 -18.11 1.39 20.90
C ALA A 250 -17.24 0.18 21.21
N GLU A 251 -16.15 0.06 20.47
CA GLU A 251 -15.13 -0.93 20.76
C GLU A 251 -13.78 -0.28 20.55
N ALA A 252 -12.75 -0.83 21.19
CA ALA A 252 -11.38 -0.37 21.03
C ALA A 252 -10.53 -1.53 20.55
N ARG A 253 -9.65 -1.27 19.60
CA ARG A 253 -8.73 -2.29 19.12
C ARG A 253 -7.72 -2.60 20.21
N LEU A 254 -7.63 -3.87 20.60
CA LEU A 254 -6.87 -4.19 21.79
C LEU A 254 -5.43 -3.77 21.68
N GLY A 255 -4.78 -4.06 20.55
CA GLY A 255 -3.37 -3.68 20.41
C GLY A 255 -3.15 -2.20 20.59
N GLU A 256 -4.01 -1.38 20.02
CA GLU A 256 -3.88 0.06 20.15
C GLU A 256 -4.13 0.54 21.56
N THR A 257 -4.67 -0.30 22.41
CA THR A 257 -4.96 0.09 23.77
C THR A 257 -3.68 0.05 24.57
N SER A 258 -3.53 0.99 25.50
CA SER A 258 -2.36 1.00 26.37
C SER A 258 -2.70 1.04 27.84
N GLN A 259 -3.81 1.65 28.23
CA GLN A 259 -4.20 1.75 29.62
C GLN A 259 -5.71 1.59 29.71
N VAL A 260 -6.19 1.31 30.91
CA VAL A 260 -7.63 1.27 31.15
C VAL A 260 -7.94 1.91 32.49
N ALA A 261 -8.84 2.88 32.48
CA ALA A 261 -9.33 3.48 33.72
C ALA A 261 -10.82 3.28 33.80
N LEU A 262 -11.29 2.81 34.93
CA LEU A 262 -12.69 2.46 35.12
C LEU A 262 -13.30 3.37 36.17
N PHE A 263 -13.97 4.41 35.70
CA PHE A 263 -14.60 5.39 36.57
C PHE A 263 -15.86 4.83 37.18
N GLY A 264 -16.05 5.07 38.47
CA GLY A 264 -17.35 4.81 39.07
C GLY A 264 -17.82 3.39 38.91
N ASN A 265 -19.12 3.23 38.72
CA ASN A 265 -19.77 1.92 38.75
C ASN A 265 -19.92 1.30 37.37
N ALA A 266 -18.83 1.25 36.60
CA ALA A 266 -18.83 0.53 35.34
C ALA A 266 -18.61 -0.94 35.63
N THR A 267 -18.92 -1.79 34.66
CA THR A 267 -18.79 -3.22 34.83
C THR A 267 -17.79 -3.81 33.85
N LEU A 268 -16.99 -4.76 34.32
CA LEU A 268 -15.96 -5.41 33.53
C LEU A 268 -16.24 -6.90 33.47
N THR A 269 -16.23 -7.48 32.27
CA THR A 269 -16.28 -8.92 32.19
C THR A 269 -14.97 -9.51 32.63
N THR A 270 -15.06 -10.52 33.49
CA THR A 270 -13.87 -11.16 34.00
C THR A 270 -12.95 -11.57 32.87
N ALA A 271 -13.52 -12.08 31.79
CA ALA A 271 -12.71 -12.46 30.64
C ALA A 271 -11.91 -11.28 30.13
N ALA A 272 -12.52 -10.11 30.07
CA ALA A 272 -11.80 -8.94 29.60
C ALA A 272 -10.62 -8.64 30.52
N LEU A 273 -10.84 -8.75 31.81
CA LEU A 273 -9.75 -8.56 32.74
C LEU A 273 -8.63 -9.54 32.46
N HIS A 274 -8.99 -10.79 32.24
CA HIS A 274 -8.00 -11.80 31.96
C HIS A 274 -7.20 -11.41 30.73
N GLU A 275 -7.91 -11.03 29.66
CA GLU A 275 -7.25 -10.65 28.43
C GLU A 275 -6.27 -9.52 28.67
N CYS A 276 -6.67 -8.53 29.44
CA CYS A 276 -5.78 -7.42 29.71
C CYS A 276 -4.55 -7.88 30.47
N LEU A 277 -4.75 -8.80 31.41
CA LEU A 277 -3.61 -9.37 32.13
C LEU A 277 -2.64 -10.04 31.16
N ARG A 278 -3.17 -10.80 30.21
CA ARG A 278 -2.31 -11.59 29.35
C ARG A 278 -1.49 -10.72 28.42
N ARG A 279 -2.00 -9.54 28.08
CA ARG A 279 -1.23 -8.49 27.45
C ARG A 279 -0.79 -7.45 28.46
N GLU A 280 -0.65 -7.85 29.72
CA GLU A 280 -0.32 -7.01 30.88
C GLU A 280 -0.54 -5.53 30.61
N ILE A 281 -1.75 -5.22 30.17
CA ILE A 281 -2.24 -3.85 30.09
C ILE A 281 -2.72 -3.44 31.47
N PRO A 282 -2.17 -2.40 32.07
CA PRO A 282 -2.63 -2.00 33.39
C PRO A 282 -4.08 -1.58 33.37
N VAL A 283 -4.79 -1.86 34.45
CA VAL A 283 -6.18 -1.47 34.63
C VAL A 283 -6.35 -0.87 36.02
N THR A 284 -7.16 0.18 36.10
CA THR A 284 -7.31 0.95 37.32
C THR A 284 -8.79 1.19 37.61
N TRP A 285 -9.11 1.35 38.89
CA TRP A 285 -10.46 1.67 39.30
C TRP A 285 -10.52 3.03 40.00
N LEU A 286 -11.48 3.83 39.58
CA LEU A 286 -11.66 5.19 40.03
C LEU A 286 -13.08 5.37 40.55
N SER A 287 -13.20 6.12 41.64
CA SER A 287 -14.53 6.47 42.11
C SER A 287 -15.26 7.27 41.05
N TYR A 288 -16.56 7.47 41.29
CA TYR A 288 -17.34 8.24 40.35
C TYR A 288 -16.82 9.67 40.26
N GLY A 289 -16.32 10.19 41.36
CA GLY A 289 -15.63 11.46 41.31
C GLY A 289 -14.21 11.38 40.83
N GLY A 290 -13.67 10.17 40.71
CA GLY A 290 -12.31 9.99 40.27
C GLY A 290 -11.33 9.63 41.35
N TRP A 291 -11.79 9.37 42.58
CA TRP A 291 -10.89 8.87 43.60
C TRP A 291 -10.24 7.60 43.13
N PHE A 292 -8.92 7.51 43.30
CA PHE A 292 -8.13 6.43 42.74
C PHE A 292 -8.08 5.27 43.74
N MET A 293 -8.97 4.30 43.57
CA MET A 293 -9.20 3.33 44.65
C MET A 293 -8.37 2.07 44.46
N GLY A 294 -8.28 1.55 43.24
CA GLY A 294 -7.54 0.33 43.07
C GLY A 294 -7.06 0.09 41.65
N HIS A 295 -6.07 -0.78 41.54
CA HIS A 295 -5.57 -1.22 40.25
C HIS A 295 -5.04 -2.64 40.41
N THR A 296 -4.36 -3.11 39.39
CA THR A 296 -3.81 -4.45 39.35
C THR A 296 -2.29 -4.39 39.35
N VAL A 297 -1.67 -5.52 39.71
CA VAL A 297 -0.23 -5.70 39.60
C VAL A 297 0.01 -7.08 39.01
N SER A 298 1.26 -7.34 38.64
CA SER A 298 1.60 -8.63 38.02
C SER A 298 2.98 -9.06 38.52
N THR A 299 2.98 -9.81 39.63
CA THR A 299 4.18 -10.51 40.10
C THR A 299 5.36 -9.56 40.26
N GLY A 300 5.07 -8.30 40.56
CA GLY A 300 6.11 -7.31 40.67
C GLY A 300 6.74 -6.99 39.32
N HIS A 301 7.73 -6.11 39.33
CA HIS A 301 8.39 -5.69 38.10
C HIS A 301 9.76 -6.34 38.05
N ARG A 302 10.26 -6.56 36.85
CA ARG A 302 11.47 -7.36 36.69
C ARG A 302 12.66 -6.81 37.46
N ASN A 303 12.86 -5.51 37.44
CA ASN A 303 14.03 -4.92 38.08
C ASN A 303 13.91 -5.01 39.59
N VAL A 304 15.06 -5.05 40.27
CA VAL A 304 15.11 -4.92 41.71
C VAL A 304 16.02 -3.78 42.16
N GLU A 305 17.21 -3.66 41.56
CA GLU A 305 18.15 -2.64 41.98
C GLU A 305 17.54 -1.27 41.90
N THR A 306 16.65 -1.06 40.92
CA THR A 306 15.93 0.19 40.85
C THR A 306 15.20 0.45 42.15
N ARG A 307 14.41 -0.51 42.59
CA ARG A 307 13.69 -0.35 43.85
C ARG A 307 14.65 -0.26 45.02
N THR A 308 15.75 -0.99 44.95
CA THR A 308 16.71 -0.97 46.04
C THR A 308 17.27 0.42 46.27
N TYR A 309 17.79 1.03 45.21
CA TYR A 309 18.30 2.39 45.33
C TYR A 309 17.17 3.36 45.62
N GLN A 310 15.98 3.07 45.11
CA GLN A 310 14.82 3.88 45.43
C GLN A 310 14.65 3.95 46.92
N TYR A 311 14.78 2.82 47.58
CA TYR A 311 14.63 2.82 49.02
C TYR A 311 15.82 3.48 49.69
N GLN A 312 17.00 3.37 49.09
CA GLN A 312 18.17 3.98 49.72
C GLN A 312 18.06 5.50 49.76
N ARG A 313 17.87 6.13 48.60
CA ARG A 313 17.11 7.37 48.55
C ARG A 313 16.02 7.50 49.60
N SER A 314 15.13 6.53 49.73
CA SER A 314 14.00 6.77 50.61
C SER A 314 14.45 6.91 52.06
N PHE A 315 15.65 6.45 52.37
CA PHE A 315 16.13 6.52 53.73
C PHE A 315 17.31 7.44 53.91
N ASP A 316 17.61 8.30 52.93
CA ASP A 316 18.57 9.36 53.18
C ASP A 316 17.81 10.66 53.30
N PRO A 317 17.70 11.22 54.51
CA PRO A 317 16.89 12.43 54.69
C PRO A 317 17.36 13.56 53.81
N GLU A 318 18.67 13.68 53.59
CA GLU A 318 19.21 14.77 52.81
C GLU A 318 18.83 14.67 51.35
N THR A 319 18.90 13.48 50.77
CA THR A 319 18.43 13.28 49.42
C THR A 319 16.97 13.70 49.30
N CYS A 320 16.14 13.24 50.24
CA CYS A 320 14.73 13.59 50.20
C CYS A 320 14.55 15.09 50.28
N LEU A 321 15.28 15.74 51.18
CA LEU A 321 15.19 17.17 51.34
C LEU A 321 15.53 17.89 50.05
N ASN A 322 16.64 17.51 49.44
CA ASN A 322 17.07 18.18 48.23
C ASN A 322 16.07 17.98 47.11
N LEU A 323 15.54 16.77 46.99
CA LEU A 323 14.62 16.48 45.92
C LEU A 323 13.33 17.25 46.10
N ALA A 324 12.83 17.31 47.33
CA ALA A 324 11.64 18.10 47.59
C ALA A 324 11.88 19.56 47.29
N ARG A 325 13.04 20.07 47.72
CA ARG A 325 13.42 21.42 47.37
C ARG A 325 13.24 21.65 45.89
N ARG A 326 13.93 20.85 45.08
CA ARG A 326 13.90 21.06 43.65
C ARG A 326 12.50 20.91 43.10
N TRP A 327 11.74 19.95 43.63
CA TRP A 327 10.40 19.72 43.12
C TRP A 327 9.53 20.96 43.30
N ILE A 328 9.47 21.46 44.53
CA ILE A 328 8.62 22.62 44.78
C ILE A 328 9.15 23.86 44.09
N VAL A 329 10.46 24.00 43.98
CA VAL A 329 11.00 25.15 43.24
C VAL A 329 10.52 25.10 41.81
N ALA A 330 10.62 23.92 41.18
CA ALA A 330 10.11 23.79 39.83
C ALA A 330 8.64 24.11 39.76
N LYS A 331 7.88 23.65 40.75
CA LYS A 331 6.44 23.90 40.75
C LYS A 331 6.16 25.39 40.70
N ILE A 332 6.78 26.15 41.61
CA ILE A 332 6.46 27.56 41.68
C ILE A 332 7.11 28.31 40.54
N ALA A 333 8.13 27.71 39.90
CA ALA A 333 8.68 28.32 38.70
C ALA A 333 7.73 28.17 37.53
N ASN A 334 7.08 27.02 37.46
CA ASN A 334 6.05 26.87 36.46
C ASN A 334 4.89 27.82 36.76
N CYS A 335 4.69 28.15 38.03
CA CYS A 335 3.72 29.18 38.37
C CYS A 335 4.16 30.57 37.87
N ARG A 336 5.43 30.93 38.09
CA ARG A 336 6.03 32.03 37.33
C ARG A 336 5.51 32.04 35.91
N THR A 337 5.80 30.97 35.19
CA THR A 337 5.65 30.99 33.75
C THR A 337 4.20 31.11 33.37
N LEU A 338 3.37 30.25 33.93
CA LEU A 338 1.96 30.27 33.59
C LEU A 338 1.34 31.61 33.95
N LEU A 339 1.62 32.09 35.16
CA LEU A 339 0.98 33.30 35.61
C LEU A 339 1.28 34.44 34.67
N ARG A 340 2.55 34.71 34.39
CA ARG A 340 2.81 35.90 33.61
C ARG A 340 2.42 35.70 32.15
N ARG A 341 2.72 34.53 31.60
CA ARG A 341 2.42 34.36 30.18
C ARG A 341 0.93 34.36 29.93
N ASN A 342 0.14 33.79 30.83
CA ASN A 342 -1.28 33.56 30.57
C ASN A 342 -2.18 34.57 31.24
N TRP A 343 -1.62 35.57 31.92
CA TRP A 343 -2.44 36.59 32.55
C TRP A 343 -3.25 37.32 31.49
N ARG A 344 -4.53 37.50 31.74
CA ARG A 344 -5.41 38.23 30.83
C ARG A 344 -5.98 39.41 31.61
N GLY A 345 -5.37 40.58 31.42
CA GLY A 345 -5.98 41.84 31.76
C GLY A 345 -6.43 42.59 30.52
N GLU A 346 -7.39 43.50 30.70
CA GLU A 346 -7.84 44.32 29.59
C GLU A 346 -7.02 45.61 29.44
N GLY A 347 -6.59 46.22 30.54
CA GLY A 347 -5.60 47.27 30.41
C GLY A 347 -5.08 47.75 31.74
N ASP A 348 -3.75 47.70 31.93
CA ASP A 348 -3.02 47.89 33.19
C ASP A 348 -3.08 46.67 34.11
N GLU A 349 -3.85 45.62 33.79
CA GLU A 349 -3.61 44.31 34.38
C GLU A 349 -2.87 43.38 33.45
N ALA A 350 -2.90 43.65 32.14
CA ALA A 350 -2.26 42.79 31.16
C ALA A 350 -0.86 42.35 31.57
N LYS A 351 -0.14 43.18 32.34
CA LYS A 351 1.12 42.74 32.90
C LYS A 351 0.86 42.26 34.32
N ALA A 352 1.45 41.11 34.64
CA ALA A 352 1.30 40.56 35.96
C ALA A 352 1.88 41.54 36.97
N PRO A 353 1.18 41.81 38.07
CA PRO A 353 1.68 42.72 39.07
C PRO A 353 3.02 42.28 39.60
N PRO A 354 4.07 43.08 39.39
CA PRO A 354 5.43 42.64 39.74
C PRO A 354 5.64 42.41 41.22
N GLY A 355 4.80 42.97 42.09
CA GLY A 355 4.88 42.60 43.49
C GLY A 355 4.70 41.10 43.68
N LEU A 356 3.76 40.52 42.95
CA LEU A 356 3.62 39.06 42.91
C LEU A 356 4.93 38.41 42.50
N LEU A 357 5.70 39.09 41.65
CA LEU A 357 6.81 38.43 40.98
C LEU A 357 7.96 38.20 41.93
N MET A 358 8.43 39.26 42.59
CA MET A 358 9.39 39.06 43.68
C MET A 358 8.75 38.31 44.85
N SER A 359 7.44 38.40 45.00
CA SER A 359 6.81 37.57 46.03
C SER A 359 7.15 36.10 45.82
N LEU A 360 6.84 35.58 44.65
CA LEU A 360 7.08 34.18 44.38
C LEU A 360 8.56 33.90 44.21
N GLN A 361 9.34 34.89 43.79
CA GLN A 361 10.76 34.69 43.57
C GLN A 361 11.49 34.52 44.89
N ASP A 362 11.19 35.41 45.84
CA ASP A 362 11.60 35.19 47.22
C ASP A 362 11.08 33.86 47.74
N ASP A 363 9.92 33.41 47.26
CA ASP A 363 9.44 32.10 47.67
C ASP A 363 10.37 30.99 47.23
N MET A 364 10.81 31.00 45.96
CA MET A 364 11.77 30.00 45.49
C MET A 364 13.09 30.08 46.25
N ARG A 365 13.51 31.31 46.55
CA ARG A 365 14.72 31.49 47.33
C ARG A 365 14.59 30.82 48.69
N HIS A 366 13.50 31.11 49.40
CA HIS A 366 13.24 30.46 50.68
C HIS A 366 13.13 28.97 50.49
N ALA A 367 12.65 28.53 49.33
CA ALA A 367 12.47 27.10 49.09
C ALA A 367 13.79 26.38 49.08
N MET A 368 14.74 26.84 48.28
CA MET A 368 16.06 26.25 48.44
C MET A 368 16.66 26.55 49.79
N ARG A 369 16.26 27.63 50.46
CA ARG A 369 16.71 27.83 51.82
C ARG A 369 15.81 27.16 52.84
N ALA A 370 15.09 26.13 52.45
CA ALA A 370 14.36 25.35 53.42
C ALA A 370 15.32 24.42 54.16
N PRO A 371 15.37 24.49 55.49
CA PRO A 371 16.26 23.59 56.25
C PRO A 371 15.72 22.19 56.39
N SER A 372 14.43 22.07 56.64
CA SER A 372 13.78 20.77 56.69
C SER A 372 12.49 20.89 55.91
N LEU A 373 11.81 19.77 55.74
CA LEU A 373 10.71 19.78 54.79
C LEU A 373 9.39 20.20 55.42
N GLU A 374 9.31 20.31 56.74
CA GLU A 374 8.13 20.93 57.32
C GLU A 374 8.07 22.40 56.99
N VAL A 375 9.21 23.09 57.12
CA VAL A 375 9.31 24.43 56.60
C VAL A 375 8.98 24.44 55.13
N LEU A 376 9.34 23.37 54.42
CA LEU A 376 8.99 23.28 53.02
C LEU A 376 7.48 23.19 52.83
N LEU A 377 6.79 22.44 53.68
CA LEU A 377 5.33 22.46 53.67
C LEU A 377 4.82 23.88 53.85
N GLY A 378 5.38 24.60 54.80
CA GLY A 378 4.90 25.95 55.04
C GLY A 378 5.06 26.84 53.83
N ILE A 379 6.25 26.81 53.23
CA ILE A 379 6.50 27.62 52.04
C ILE A 379 5.58 27.19 50.92
N GLU A 380 5.45 25.88 50.73
CA GLU A 380 4.56 25.35 49.71
C GLU A 380 3.16 25.89 49.89
N GLY A 381 2.64 25.81 51.12
CA GLY A 381 1.30 26.27 51.38
C GLY A 381 1.13 27.75 51.11
N ALA A 382 2.10 28.55 51.55
CA ALA A 382 1.98 29.99 51.37
C ALA A 382 1.98 30.34 49.89
N SER A 383 2.94 29.80 49.14
CA SER A 383 3.01 30.10 47.72
C SER A 383 1.76 29.64 47.01
N ALA A 384 1.30 28.43 47.30
CA ALA A 384 0.10 27.93 46.66
C ALA A 384 -1.10 28.78 47.02
N GLY A 385 -1.16 29.26 48.26
CA GLY A 385 -2.27 30.09 48.66
C GLY A 385 -2.33 31.36 47.85
N ARG A 386 -1.19 32.04 47.72
CA ARG A 386 -1.16 33.25 46.90
C ARG A 386 -1.54 32.92 45.47
N TYR A 387 -1.03 31.80 44.97
CA TYR A 387 -1.22 31.45 43.57
C TYR A 387 -2.69 31.20 43.27
N PHE A 388 -3.35 30.37 44.07
CA PHE A 388 -4.77 30.17 43.84
C PHE A 388 -5.56 31.43 44.09
N GLN A 389 -5.23 32.14 45.15
CA GLN A 389 -5.89 33.41 45.43
C GLN A 389 -5.90 34.30 44.21
N HIS A 390 -4.80 34.38 43.49
CA HIS A 390 -4.73 35.17 42.29
C HIS A 390 -5.20 34.42 41.05
N PHE A 391 -5.51 33.14 41.19
CA PHE A 391 -5.79 32.32 40.02
C PHE A 391 -6.87 32.90 39.13
N SER A 392 -7.86 33.55 39.73
CA SER A 392 -9.00 34.04 38.95
C SER A 392 -8.60 35.06 37.91
N ARG A 393 -7.34 35.45 37.85
CA ARG A 393 -7.00 36.67 37.13
C ARG A 393 -6.91 36.46 35.63
N MET A 394 -7.14 35.24 35.14
CA MET A 394 -7.02 35.04 33.71
C MET A 394 -8.19 34.31 33.07
N LEU A 395 -8.87 33.40 33.77
CA LEU A 395 -9.91 32.58 33.15
C LEU A 395 -10.94 33.51 32.55
N ARG A 396 -11.25 33.30 31.26
CA ARG A 396 -12.22 34.13 30.55
C ARG A 396 -11.92 35.61 30.71
N GLY A 397 -10.68 35.92 31.07
CA GLY A 397 -10.35 37.27 31.47
C GLY A 397 -11.11 37.74 32.69
N GLY A 398 -11.40 36.84 33.62
CA GLY A 398 -12.20 37.15 34.78
C GLY A 398 -13.28 36.11 34.97
N ASP A 399 -13.80 36.02 36.19
CA ASP A 399 -14.74 34.96 36.52
C ASP A 399 -16.00 35.08 35.68
N GLY A 400 -16.61 33.96 35.37
CA GLY A 400 -17.81 33.90 34.56
C GLY A 400 -19.07 33.81 35.38
N GLU A 401 -20.09 33.23 34.78
CA GLU A 401 -21.39 33.04 35.44
C GLU A 401 -21.32 31.76 36.25
N GLY A 402 -21.28 31.89 37.57
CA GLY A 402 -21.17 30.73 38.43
C GLY A 402 -19.75 30.21 38.50
N MET A 403 -18.95 30.45 37.47
CA MET A 403 -17.52 30.25 37.61
C MET A 403 -16.88 31.38 38.40
N GLY A 404 -17.16 31.38 39.68
CA GLY A 404 -16.32 32.05 40.68
C GLY A 404 -15.50 30.99 41.39
N PHE A 405 -14.37 31.41 41.95
CA PHE A 405 -13.44 30.51 42.61
C PHE A 405 -13.24 30.89 44.06
N ASP A 406 -13.21 29.89 44.93
CA ASP A 406 -12.88 30.11 46.33
C ASP A 406 -11.61 29.33 46.64
N PHE A 407 -10.51 30.06 46.83
CA PHE A 407 -9.23 29.40 47.01
C PHE A 407 -9.14 28.68 48.34
N THR A 408 -9.95 29.08 49.32
CA THR A 408 -9.94 28.35 50.58
C THR A 408 -10.48 26.94 50.46
N THR A 409 -11.21 26.64 49.41
CA THR A 409 -11.92 25.37 49.30
C THR A 409 -11.06 24.25 48.71
N ARG A 410 -9.77 24.49 48.54
CA ARG A 410 -8.80 23.40 48.61
C ARG A 410 -8.74 22.82 50.00
N ASN A 411 -8.19 21.61 50.08
CA ASN A 411 -8.23 20.80 51.30
C ASN A 411 -9.66 20.56 51.73
N ARG A 412 -10.53 20.25 50.78
CA ARG A 412 -11.96 20.23 51.03
C ARG A 412 -12.58 19.23 50.07
N ARG A 413 -12.92 18.05 50.60
CA ARG A 413 -13.07 16.86 49.76
C ARG A 413 -14.20 16.98 48.75
N PRO A 414 -15.46 17.07 49.13
CA PRO A 414 -16.50 17.30 48.14
C PRO A 414 -16.53 18.77 47.76
N PRO A 415 -16.18 19.08 46.53
CA PRO A 415 -15.96 20.49 46.15
C PRO A 415 -17.26 21.26 46.18
N LYS A 416 -17.20 22.49 46.72
CA LYS A 416 -18.35 23.37 46.78
C LYS A 416 -18.39 24.34 45.61
N ASP A 417 -17.38 24.30 44.75
CA ASP A 417 -17.26 25.23 43.66
C ASP A 417 -17.19 24.47 42.36
N PRO A 418 -17.58 25.10 41.27
CA PRO A 418 -17.38 24.50 39.95
C PRO A 418 -15.91 24.27 39.69
N VAL A 419 -15.17 25.35 39.78
CA VAL A 419 -13.76 25.33 39.45
C VAL A 419 -13.00 24.41 40.39
N ASN A 420 -13.35 24.37 41.68
CA ASN A 420 -12.73 23.41 42.57
C ASN A 420 -13.00 21.98 42.14
N ALA A 421 -14.24 21.68 41.74
CA ALA A 421 -14.51 20.34 41.24
C ALA A 421 -13.63 20.05 40.05
N LEU A 422 -13.54 20.99 39.12
CA LEU A 422 -12.72 20.79 37.94
C LEU A 422 -11.27 20.53 38.31
N LEU A 423 -10.75 21.33 39.23
CA LEU A 423 -9.34 21.26 39.59
C LEU A 423 -9.01 19.97 40.30
N SER A 424 -9.84 19.60 41.27
CA SER A 424 -9.61 18.35 41.97
C SER A 424 -9.72 17.18 41.01
N PHE A 425 -10.69 17.23 40.10
CA PHE A 425 -10.82 16.17 39.12
C PHE A 425 -9.56 16.06 38.29
N ALA A 426 -9.09 17.18 37.78
CA ALA A 426 -7.89 17.16 36.95
C ALA A 426 -6.71 16.63 37.74
N TYR A 427 -6.55 17.10 38.97
CA TYR A 427 -5.45 16.64 39.80
C TYR A 427 -5.48 15.13 39.94
N ALA A 428 -6.56 14.60 40.50
CA ALA A 428 -6.62 13.19 40.77
C ALA A 428 -6.46 12.37 39.51
N MET A 429 -7.05 12.83 38.42
CA MET A 429 -7.04 12.05 37.20
C MET A 429 -5.71 12.11 36.47
N LEU A 430 -4.93 13.18 36.67
CA LEU A 430 -3.51 13.15 36.32
C LEU A 430 -2.74 12.17 37.19
N THR A 431 -3.07 12.12 38.46
CA THR A 431 -2.34 11.27 39.39
C THR A 431 -2.29 9.85 38.90
N ARG A 432 -3.40 9.36 38.34
CA ARG A 432 -3.43 8.02 37.78
C ARG A 432 -2.37 7.86 36.71
N GLU A 433 -2.27 8.83 35.82
CA GLU A 433 -1.26 8.79 34.78
C GLU A 433 0.11 8.59 35.38
N TRP A 434 0.45 9.43 36.36
CA TRP A 434 1.76 9.29 36.99
C TRP A 434 1.95 7.92 37.61
N THR A 435 0.92 7.42 38.28
CA THR A 435 1.06 6.12 38.93
C THR A 435 1.40 5.05 37.92
N VAL A 436 0.68 5.03 36.80
CA VAL A 436 0.97 4.02 35.79
C VAL A 436 2.40 4.17 35.30
N ALA A 437 2.80 5.40 35.01
CA ALA A 437 4.14 5.60 34.48
C ALA A 437 5.19 5.03 35.43
N LEU A 438 5.14 5.42 36.69
CA LEU A 438 6.17 4.95 37.62
C LEU A 438 6.09 3.44 37.84
N ALA A 439 4.90 2.87 37.81
CA ALA A 439 4.84 1.43 37.87
C ALA A 439 5.56 0.79 36.70
N ALA A 440 5.39 1.35 35.51
CA ALA A 440 5.97 0.76 34.31
C ALA A 440 7.48 0.70 34.34
N VAL A 441 8.13 1.58 35.09
CA VAL A 441 9.58 1.65 35.12
C VAL A 441 10.14 0.92 36.33
N GLY A 442 9.33 0.17 37.03
CA GLY A 442 9.80 -0.61 38.14
C GLY A 442 9.83 0.11 39.46
N LEU A 443 9.55 1.40 39.47
CA LEU A 443 9.50 2.12 40.73
C LEU A 443 8.27 1.71 41.51
N ASP A 444 8.40 1.70 42.82
CA ASP A 444 7.24 1.48 43.67
C ASP A 444 6.55 2.81 43.89
N PRO A 445 5.45 3.07 43.19
CA PRO A 445 4.86 4.40 43.21
C PRO A 445 4.41 4.85 44.57
N TYR A 446 4.41 3.95 45.54
CA TYR A 446 3.94 4.30 46.86
C TYR A 446 5.05 4.78 47.77
N ARG A 447 6.24 4.24 47.63
CA ARG A 447 7.36 4.64 48.49
C ARG A 447 7.82 6.00 48.01
N GLY A 448 7.45 7.04 48.74
CA GLY A 448 7.80 8.40 48.38
C GLY A 448 8.92 8.91 49.26
N PHE A 449 9.37 10.14 48.97
CA PHE A 449 10.32 10.80 49.84
C PHE A 449 9.69 11.97 50.57
N TYR A 450 8.97 12.82 49.85
CA TYR A 450 8.34 14.00 50.45
C TYR A 450 6.92 13.73 50.91
N HIS A 451 6.03 13.39 50.00
CA HIS A 451 4.67 13.11 50.42
C HIS A 451 4.60 11.83 51.21
N GLN A 452 3.50 11.65 51.87
CA GLN A 452 3.43 10.52 52.76
C GLN A 452 2.29 9.59 52.35
N PRO A 453 2.48 8.29 52.50
CA PRO A 453 1.61 7.32 51.83
C PRO A 453 0.29 7.12 52.56
N ARG A 454 -0.72 7.88 52.16
CA ARG A 454 -2.07 7.58 52.63
C ARG A 454 -2.92 7.11 51.47
N PHE A 455 -4.11 6.63 51.83
CA PHE A 455 -4.96 5.93 50.89
C PHE A 455 -5.29 6.79 49.68
N GLY A 456 -5.54 6.12 48.55
CA GLY A 456 -5.97 6.77 47.35
C GLY A 456 -4.96 7.72 46.74
N ARG A 457 -3.85 7.99 47.41
CA ARG A 457 -2.89 8.97 46.96
C ARG A 457 -1.49 8.39 47.09
N PRO A 458 -0.99 7.75 46.04
CA PRO A 458 0.35 7.16 46.12
C PRO A 458 1.40 8.22 46.39
N ALA A 459 2.19 7.97 47.41
CA ALA A 459 3.09 9.01 47.90
C ALA A 459 4.13 9.42 46.87
N LEU A 460 4.84 8.47 46.30
CA LEU A 460 5.90 8.84 45.37
C LEU A 460 5.38 9.60 44.17
N ALA A 461 4.31 9.12 43.53
CA ALA A 461 3.77 9.86 42.40
C ALA A 461 3.16 11.18 42.86
N LEU A 462 2.60 11.19 44.07
CA LEU A 462 2.09 12.45 44.58
C LEU A 462 3.19 13.50 44.61
N ASP A 463 4.36 13.10 45.11
CA ASP A 463 5.55 13.93 44.96
C ASP A 463 5.79 14.26 43.49
N MET A 464 5.80 13.24 42.66
CA MET A 464 6.31 13.34 41.31
C MET A 464 5.55 14.33 40.48
N MET A 465 4.28 14.51 40.76
CA MET A 465 3.44 15.29 39.89
C MET A 465 3.55 16.78 40.13
N GLU A 466 3.98 17.20 41.33
CA GLU A 466 3.83 18.60 41.72
C GLU A 466 4.36 19.57 40.67
N PRO A 467 5.54 19.37 40.09
CA PRO A 467 5.98 20.30 39.03
C PRO A 467 5.04 20.34 37.85
N PHE A 468 4.36 19.24 37.55
CA PHE A 468 3.51 19.20 36.38
C PHE A 468 2.10 19.67 36.65
N ARG A 469 1.75 19.94 37.91
CA ARG A 469 0.39 20.40 38.21
C ARG A 469 -0.01 21.59 37.36
N PRO A 470 0.78 22.66 37.28
CA PRO A 470 0.34 23.79 36.47
C PRO A 470 0.37 23.52 34.99
N LEU A 471 1.47 22.96 34.48
CA LEU A 471 1.57 22.71 33.04
C LEU A 471 0.48 21.81 32.52
N ILE A 472 -0.03 20.90 33.34
CA ILE A 472 -1.01 19.94 32.88
C ILE A 472 -2.40 20.29 33.38
N ALA A 473 -2.63 20.17 34.68
CA ALA A 473 -3.99 20.30 35.19
C ALA A 473 -4.48 21.72 35.02
N ASP A 474 -3.69 22.68 35.49
CA ASP A 474 -4.12 24.07 35.40
C ASP A 474 -4.33 24.47 33.96
N SER A 475 -3.39 24.09 33.09
CA SER A 475 -3.50 24.45 31.69
C SER A 475 -4.79 23.91 31.10
N THR A 476 -5.12 22.66 31.40
CA THR A 476 -6.35 22.09 30.87
C THR A 476 -7.58 22.82 31.37
N VAL A 477 -7.62 23.11 32.67
CA VAL A 477 -8.77 23.81 33.22
C VAL A 477 -8.96 25.13 32.49
N LEU A 478 -7.87 25.86 32.31
CA LEU A 478 -7.92 27.13 31.62
C LEU A 478 -8.41 26.94 30.20
N MET A 479 -7.88 25.94 29.51
CA MET A 479 -8.26 25.74 28.12
C MET A 479 -9.76 25.51 28.01
N ALA A 480 -10.28 24.62 28.84
CA ALA A 480 -11.70 24.30 28.74
C ALA A 480 -12.55 25.51 29.09
N ILE A 481 -12.20 26.22 30.17
CA ILE A 481 -13.05 27.31 30.62
C ILE A 481 -13.04 28.44 29.61
N ASN A 482 -11.85 28.88 29.19
CA ASN A 482 -11.76 29.98 28.25
C ASN A 482 -12.36 29.61 26.91
N ASN A 483 -12.06 28.40 26.43
CA ASN A 483 -12.55 27.99 25.12
C ASN A 483 -14.04 27.68 25.13
N GLY A 484 -14.75 28.01 26.21
CA GLY A 484 -16.17 27.78 26.27
C GLY A 484 -16.55 26.31 26.23
N GLU A 485 -15.60 25.43 26.53
CA GLU A 485 -15.90 24.01 26.55
C GLU A 485 -16.86 23.67 27.66
N ILE A 486 -16.69 24.30 28.81
CA ILE A 486 -17.46 24.01 30.01
C ILE A 486 -18.12 25.29 30.48
N ARG A 487 -19.41 25.23 30.76
CA ARG A 487 -20.17 26.41 31.18
C ARG A 487 -20.98 26.04 32.42
N THR A 488 -21.79 27.00 32.88
CA THR A 488 -22.50 26.82 34.14
C THR A 488 -23.46 25.65 34.08
N GLY A 489 -24.23 25.55 33.00
CA GLY A 489 -25.18 24.46 32.88
C GLY A 489 -24.51 23.11 32.81
N ASP A 490 -23.21 23.09 32.58
CA ASP A 490 -22.48 21.84 32.52
C ASP A 490 -22.36 21.18 33.88
N PHE A 491 -22.66 21.90 34.95
CA PHE A 491 -22.44 21.31 36.26
C PHE A 491 -23.75 21.05 36.96
N VAL A 492 -23.72 20.11 37.90
CA VAL A 492 -24.89 19.74 38.66
C VAL A 492 -24.64 20.09 40.12
N ARG A 493 -25.62 20.75 40.72
CA ARG A 493 -25.56 21.08 42.12
C ARG A 493 -26.04 19.91 42.98
N SER A 494 -25.52 19.89 44.21
CA SER A 494 -25.94 18.91 45.19
C SER A 494 -25.44 19.38 46.55
N ALA A 495 -25.95 18.74 47.60
CA ALA A 495 -25.36 18.94 48.92
C ALA A 495 -23.90 18.54 48.91
N GLY A 496 -23.53 17.53 48.12
CA GLY A 496 -22.13 17.21 47.92
C GLY A 496 -21.36 18.35 47.29
N GLY A 497 -22.00 19.05 46.35
CA GLY A 497 -21.40 20.22 45.76
C GLY A 497 -21.59 20.31 44.26
N CYS A 498 -20.53 20.68 43.55
CA CYS A 498 -20.55 20.78 42.10
C CYS A 498 -20.01 19.49 41.51
N ASN A 499 -20.81 18.85 40.67
CA ASN A 499 -20.40 17.63 40.01
C ASN A 499 -20.58 17.80 38.52
N LEU A 500 -20.19 16.79 37.75
CA LEU A 500 -20.09 16.94 36.31
C LEU A 500 -21.19 16.14 35.64
N THR A 501 -21.77 16.71 34.59
CA THR A 501 -22.66 15.92 33.76
C THR A 501 -21.87 15.04 32.82
N ASP A 502 -22.59 14.10 32.21
CA ASP A 502 -21.95 13.21 31.26
C ASP A 502 -21.25 13.99 30.16
N SER A 503 -21.94 14.97 29.58
CA SER A 503 -21.33 15.78 28.54
C SER A 503 -20.12 16.52 29.09
N ALA A 504 -20.23 17.03 30.32
CA ALA A 504 -19.09 17.67 30.94
C ALA A 504 -17.90 16.72 31.01
N ARG A 505 -18.14 15.50 31.49
CA ARG A 505 -17.04 14.57 31.68
C ARG A 505 -16.45 14.15 30.35
N LYS A 506 -17.31 13.81 29.39
CA LYS A 506 -16.90 13.56 28.02
C LYS A 506 -15.86 14.56 27.59
N ARG A 507 -16.24 15.83 27.60
CA ARG A 507 -15.46 16.86 26.96
C ARG A 507 -14.23 17.20 27.77
N PHE A 508 -14.36 17.18 29.10
CA PHE A 508 -13.22 17.46 29.95
C PHE A 508 -12.12 16.42 29.76
N ILE A 509 -12.51 15.16 29.73
CA ILE A 509 -11.53 14.11 29.48
C ILE A 509 -10.92 14.26 28.09
N ALA A 510 -11.75 14.61 27.10
CA ALA A 510 -11.20 14.77 25.76
C ALA A 510 -10.13 15.84 25.75
N GLY A 511 -10.41 16.99 26.36
CA GLY A 511 -9.42 18.05 26.40
C GLY A 511 -8.16 17.62 27.12
N PHE A 512 -8.33 16.95 28.26
CA PHE A 512 -7.17 16.49 28.99
C PHE A 512 -6.32 15.56 28.16
N GLU A 513 -6.97 14.66 27.43
CA GLU A 513 -6.24 13.77 26.55
C GLU A 513 -5.46 14.55 25.53
N ARG A 514 -6.08 15.54 24.91
CA ARG A 514 -5.35 16.33 23.94
C ARG A 514 -4.15 17.00 24.56
N ARG A 515 -4.30 17.48 25.80
CA ARG A 515 -3.18 18.08 26.48
C ARG A 515 -2.04 17.10 26.66
N MET A 516 -2.36 15.86 27.04
CA MET A 516 -1.35 14.81 27.00
C MET A 516 -0.70 14.70 25.64
N GLU A 517 -1.49 14.71 24.57
CA GLU A 517 -0.91 14.56 23.25
C GLU A 517 -0.54 15.89 22.63
N GLN A 518 -0.22 16.87 23.47
CA GLN A 518 0.28 18.15 23.02
C GLN A 518 1.80 18.15 23.13
N GLU A 519 2.46 18.50 22.03
CA GLU A 519 3.91 18.47 21.98
C GLU A 519 4.48 19.71 22.64
N VAL A 520 5.63 19.56 23.29
CA VAL A 520 6.40 20.68 23.81
C VAL A 520 7.87 20.40 23.53
N THR A 521 8.71 21.34 23.95
CA THR A 521 10.15 21.28 23.73
C THR A 521 10.84 21.15 25.06
N HIS A 522 11.73 20.18 25.18
CA HIS A 522 12.41 19.99 26.44
C HIS A 522 13.43 21.10 26.65
N PRO A 523 13.39 21.80 27.80
CA PRO A 523 14.28 22.95 27.98
C PRO A 523 15.75 22.60 27.84
N ILE A 524 16.13 21.41 28.29
CA ILE A 524 17.53 21.04 28.30
C ILE A 524 17.92 20.26 27.06
N PHE A 525 16.99 19.47 26.53
CA PHE A 525 17.32 18.68 25.36
C PHE A 525 16.75 19.22 24.07
N LYS A 526 15.87 20.22 24.15
CA LYS A 526 15.51 21.04 23.01
C LYS A 526 15.06 20.19 21.83
N TYR A 527 14.06 19.36 22.07
CA TYR A 527 13.37 18.69 20.99
C TYR A 527 11.93 18.43 21.38
N THR A 528 11.08 18.34 20.36
CA THR A 528 9.65 18.13 20.56
C THR A 528 9.43 16.77 21.18
N ILE A 529 8.50 16.70 22.11
CA ILE A 529 8.17 15.46 22.81
C ILE A 529 6.85 15.64 23.52
N SER A 530 6.01 14.61 23.48
CA SER A 530 4.73 14.70 24.15
C SER A 530 4.90 14.68 25.65
N TYR A 531 3.97 15.34 26.33
CA TYR A 531 3.95 15.32 27.78
C TYR A 531 4.00 13.88 28.28
N ARG A 532 3.26 13.00 27.61
CA ARG A 532 3.20 11.62 28.05
C ARG A 532 4.57 10.97 27.97
N ARG A 533 5.28 11.15 26.86
CA ARG A 533 6.64 10.66 26.80
C ARG A 533 7.50 11.32 27.86
N LEU A 534 7.29 12.62 28.10
CA LEU A 534 8.01 13.29 29.17
C LEU A 534 7.85 12.55 30.47
N LEU A 535 6.67 11.99 30.69
CA LEU A 535 6.47 11.26 31.93
C LEU A 535 7.48 10.14 32.07
N GLU A 536 7.59 9.29 31.05
CA GLU A 536 8.50 8.16 31.17
C GLU A 536 9.94 8.64 31.25
N VAL A 537 10.28 9.65 30.47
CA VAL A 537 11.69 10.05 30.43
C VAL A 537 12.10 10.64 31.77
N GLN A 538 11.21 11.42 32.38
CA GLN A 538 11.49 11.91 33.72
C GLN A 538 11.61 10.75 34.69
N ALA A 539 10.74 9.75 34.54
CA ALA A 539 10.80 8.60 35.43
C ALA A 539 12.15 7.91 35.35
N ARG A 540 12.56 7.57 34.13
CA ARG A 540 13.80 6.82 33.96
C ARG A 540 14.99 7.67 34.36
N LEU A 541 14.94 8.97 34.12
CA LEU A 541 16.01 9.83 34.58
C LEU A 541 16.10 9.79 36.08
N LEU A 542 14.96 9.83 36.75
CA LEU A 542 14.97 9.69 38.19
C LEU A 542 15.62 8.37 38.57
N THR A 543 15.24 7.31 37.89
CA THR A 543 15.84 6.01 38.19
C THR A 543 17.34 6.11 38.15
N ARG A 544 17.87 6.65 37.06
CA ARG A 544 19.31 6.74 36.90
C ARG A 544 19.91 7.53 38.04
N TYR A 545 19.29 8.65 38.39
CA TYR A 545 19.82 9.46 39.47
C TYR A 545 19.84 8.68 40.77
N LEU A 546 18.85 7.79 40.94
CA LEU A 546 18.86 6.93 42.10
C LEU A 546 20.03 5.98 42.05
N SER A 547 20.31 5.45 40.87
CA SER A 547 21.46 4.59 40.67
C SER A 547 22.77 5.34 40.74
N GLY A 548 22.73 6.66 40.80
CA GLY A 548 23.94 7.45 40.84
C GLY A 548 24.62 7.60 39.50
N GLU A 549 24.01 7.13 38.42
CA GLU A 549 24.64 7.25 37.11
C GLU A 549 24.80 8.71 36.71
N ILE A 550 23.96 9.59 37.23
CA ILE A 550 23.99 11.00 36.88
C ILE A 550 24.14 11.83 38.15
N PRO A 551 24.64 13.06 38.07
CA PRO A 551 24.86 13.82 39.30
C PRO A 551 23.58 14.31 39.96
N ALA A 552 22.62 14.81 39.20
CA ALA A 552 21.43 15.38 39.79
C ALA A 552 20.25 15.23 38.86
N TYR A 553 19.06 15.27 39.44
CA TYR A 553 17.85 15.04 38.69
C TYR A 553 17.41 16.31 37.97
N PRO A 554 17.12 16.25 36.67
CA PRO A 554 16.56 17.42 35.96
C PRO A 554 15.10 17.63 36.35
N ASN A 555 14.78 18.84 36.76
CA ASN A 555 13.45 19.12 37.27
C ASN A 555 12.48 19.62 36.22
N PHE A 556 12.93 19.83 34.98
CA PHE A 556 12.06 20.23 33.89
C PHE A 556 11.33 21.53 34.23
N VAL A 557 12.11 22.58 34.33
CA VAL A 557 11.57 23.91 34.57
C VAL A 557 11.46 24.65 33.25
N THR A 558 10.28 25.18 32.98
CA THR A 558 10.07 25.94 31.75
C THR A 558 10.08 27.42 32.03
N GLY B 219 -4.96 -13.88 64.27
CA GLY B 219 -4.88 -12.83 63.28
C GLY B 219 -6.17 -12.37 62.65
N ARG B 220 -6.00 -11.65 61.55
CA ARG B 220 -7.05 -10.99 60.81
C ARG B 220 -8.12 -11.90 60.20
N GLY B 221 -7.73 -12.89 59.42
CA GLY B 221 -8.67 -13.67 58.65
C GLY B 221 -7.97 -14.78 57.87
N LEU B 222 -8.76 -15.42 57.01
CA LEU B 222 -8.37 -16.58 56.23
C LEU B 222 -8.81 -16.46 54.77
N PRO B 223 -8.08 -17.07 53.85
CA PRO B 223 -8.40 -16.91 52.43
C PRO B 223 -9.69 -17.61 52.04
N LEU B 224 -10.29 -17.12 50.96
CA LEU B 224 -11.55 -17.65 50.47
C LEU B 224 -11.39 -18.11 49.02
N TYR B 225 -11.81 -19.33 48.74
CA TYR B 225 -11.67 -19.92 47.42
C TYR B 225 -13.06 -20.16 46.84
N VAL B 226 -13.20 -19.99 45.53
CA VAL B 226 -14.45 -20.26 44.86
C VAL B 226 -14.13 -20.98 43.56
N GLN B 227 -14.31 -22.30 43.57
CA GLN B 227 -13.94 -23.10 42.40
C GLN B 227 -14.73 -22.62 41.19
N SER B 228 -15.99 -22.32 41.41
CA SER B 228 -17.00 -22.35 40.36
C SER B 228 -16.70 -21.36 39.25
N PRO B 229 -16.65 -21.82 38.00
CA PRO B 229 -16.82 -20.90 36.88
C PRO B 229 -18.22 -20.33 36.80
N LYS B 230 -19.13 -20.77 37.65
CA LYS B 230 -20.50 -20.33 37.55
C LYS B 230 -20.76 -19.18 38.51
N ALA B 231 -19.84 -18.97 39.45
CA ALA B 231 -20.14 -18.26 40.67
C ALA B 231 -20.46 -16.80 40.41
N TYR B 232 -21.48 -16.31 41.12
CA TYR B 232 -21.83 -14.90 41.08
C TYR B 232 -21.80 -14.40 42.51
N VAL B 233 -20.94 -13.43 42.79
CA VAL B 233 -20.69 -12.99 44.15
C VAL B 233 -21.09 -11.53 44.25
N ARG B 234 -21.84 -11.20 45.28
CA ARG B 234 -22.04 -9.80 45.62
C ARG B 234 -21.84 -9.61 47.11
N LYS B 235 -22.18 -8.42 47.58
CA LYS B 235 -21.97 -8.06 48.97
C LYS B 235 -23.31 -7.89 49.67
N ASP B 236 -23.41 -8.42 50.89
CA ASP B 236 -24.55 -8.21 51.78
C ASP B 236 -24.08 -7.33 52.94
N GLY B 237 -24.04 -6.02 52.71
CA GLY B 237 -23.57 -5.10 53.71
C GLY B 237 -22.15 -5.42 54.10
N ASP B 238 -22.01 -6.06 55.26
CA ASP B 238 -20.73 -6.58 55.72
C ASP B 238 -20.44 -7.96 55.17
N CYS B 239 -21.31 -8.50 54.33
CA CYS B 239 -21.19 -9.88 53.93
C CYS B 239 -20.97 -10.00 52.44
N LEU B 240 -20.12 -10.96 52.07
CA LEU B 240 -19.98 -11.41 50.69
C LEU B 240 -20.83 -12.65 50.54
N VAL B 241 -21.62 -12.72 49.48
CA VAL B 241 -22.53 -13.83 49.26
C VAL B 241 -22.22 -14.48 47.93
N ILE B 242 -22.09 -15.81 47.95
CA ILE B 242 -21.80 -16.62 46.78
C ILE B 242 -23.12 -17.18 46.25
N GLU B 243 -23.30 -17.11 44.94
CA GLU B 243 -24.49 -17.62 44.29
C GLU B 243 -24.10 -18.57 43.18
N GLU B 244 -24.88 -19.63 43.04
CA GLU B 244 -24.67 -20.59 41.97
C GLU B 244 -25.48 -20.24 40.74
N GLU B 245 -26.80 -20.23 40.85
CA GLU B 245 -27.67 -19.90 39.73
C GLU B 245 -28.82 -19.03 40.21
N ARG B 246 -28.49 -17.98 40.95
CA ARG B 246 -29.36 -17.20 41.82
C ARG B 246 -29.67 -18.01 43.06
N VAL B 247 -29.18 -19.24 43.13
CA VAL B 247 -29.31 -20.11 44.29
C VAL B 247 -28.01 -20.03 45.07
N ARG B 248 -28.13 -20.04 46.37
CA ARG B 248 -27.09 -19.43 47.17
C ARG B 248 -26.17 -20.48 47.80
N VAL B 249 -24.89 -20.14 47.85
CA VAL B 249 -23.83 -21.12 48.03
C VAL B 249 -23.08 -20.91 49.34
N ALA B 250 -22.38 -19.79 49.46
CA ALA B 250 -21.51 -19.57 50.60
C ALA B 250 -21.44 -18.08 50.90
N GLU B 251 -20.76 -17.74 51.99
CA GLU B 251 -20.52 -16.36 52.40
C GLU B 251 -19.10 -16.23 52.93
N ALA B 252 -18.58 -15.01 52.90
CA ALA B 252 -17.36 -14.67 53.62
C ALA B 252 -17.65 -13.79 54.81
N ARG B 253 -18.47 -12.77 54.62
CA ARG B 253 -19.09 -11.92 55.64
C ARG B 253 -18.04 -11.07 56.33
N LEU B 254 -16.79 -11.20 55.88
CA LEU B 254 -15.70 -10.22 55.95
C LEU B 254 -14.98 -10.12 57.28
N GLY B 255 -15.40 -10.84 58.31
CA GLY B 255 -14.67 -10.71 59.55
C GLY B 255 -13.33 -11.41 59.48
N GLU B 256 -13.36 -12.70 59.18
CA GLU B 256 -12.14 -13.49 59.11
C GLU B 256 -11.72 -13.76 57.68
N THR B 257 -11.89 -12.80 56.78
CA THR B 257 -11.53 -13.03 55.39
C THR B 257 -10.07 -12.66 55.14
N SER B 258 -9.51 -13.28 54.11
CA SER B 258 -8.20 -12.92 53.55
C SER B 258 -8.44 -12.78 52.06
N GLN B 259 -7.35 -12.88 51.28
CA GLN B 259 -7.45 -12.75 49.82
C GLN B 259 -8.71 -13.41 49.29
N VAL B 260 -9.37 -12.71 48.40
CA VAL B 260 -10.46 -13.29 47.65
C VAL B 260 -9.88 -13.75 46.33
N ALA B 261 -9.87 -15.05 46.12
CA ALA B 261 -9.36 -15.62 44.88
C ALA B 261 -10.52 -16.10 44.06
N LEU B 262 -10.52 -15.77 42.78
CA LEU B 262 -11.62 -16.17 41.91
C LEU B 262 -11.06 -17.03 40.79
N PHE B 263 -11.64 -18.21 40.62
CA PHE B 263 -11.19 -19.05 39.52
C PHE B 263 -11.75 -18.53 38.21
N GLY B 264 -11.51 -19.30 37.15
CA GLY B 264 -11.82 -18.87 35.80
C GLY B 264 -13.24 -18.40 35.63
N ASN B 265 -13.38 -17.18 35.11
CA ASN B 265 -14.67 -16.63 34.70
C ASN B 265 -15.66 -16.64 35.85
N ALA B 266 -15.13 -16.56 37.06
CA ALA B 266 -15.97 -16.29 38.21
C ALA B 266 -16.37 -14.82 38.19
N THR B 267 -17.55 -14.49 38.72
CA THR B 267 -18.06 -13.14 38.63
C THR B 267 -18.31 -12.58 40.02
N LEU B 268 -17.89 -11.34 40.22
CA LEU B 268 -18.14 -10.61 41.46
C LEU B 268 -18.51 -9.17 41.14
N THR B 269 -19.50 -8.65 41.85
CA THR B 269 -20.05 -7.35 41.53
C THR B 269 -19.07 -6.24 41.88
N THR B 270 -19.12 -5.18 41.08
CA THR B 270 -18.23 -4.04 41.28
C THR B 270 -18.38 -3.45 42.67
N ALA B 271 -19.60 -3.40 43.17
CA ALA B 271 -19.80 -2.88 44.53
C ALA B 271 -19.04 -3.71 45.54
N ALA B 272 -19.12 -5.04 45.40
CA ALA B 272 -18.35 -5.91 46.27
C ALA B 272 -16.86 -5.62 46.13
N LEU B 273 -16.41 -5.41 44.91
CA LEU B 273 -15.00 -5.10 44.70
C LEU B 273 -14.60 -3.82 45.41
N HIS B 274 -15.42 -2.79 45.29
CA HIS B 274 -15.09 -1.52 45.92
C HIS B 274 -15.02 -1.67 47.42
N GLU B 275 -16.00 -2.36 48.00
CA GLU B 275 -15.97 -2.56 49.43
C GLU B 275 -14.73 -3.33 49.84
N CYS B 276 -14.37 -4.34 49.06
CA CYS B 276 -13.14 -5.09 49.32
C CYS B 276 -11.94 -4.16 49.31
N LEU B 277 -11.86 -3.28 48.31
CA LEU B 277 -10.76 -2.36 48.23
C LEU B 277 -10.71 -1.48 49.47
N ARG B 278 -11.86 -0.97 49.90
CA ARG B 278 -11.91 -0.16 51.10
C ARG B 278 -11.40 -0.93 52.29
N ARG B 279 -11.66 -2.24 52.33
CA ARG B 279 -11.13 -3.05 53.40
C ARG B 279 -9.78 -3.64 53.08
N GLU B 280 -9.16 -3.22 51.97
CA GLU B 280 -7.73 -3.44 51.74
C GLU B 280 -7.41 -4.92 51.69
N ILE B 281 -8.11 -5.63 50.82
CA ILE B 281 -8.01 -7.08 50.72
C ILE B 281 -7.58 -7.42 49.30
N PRO B 282 -6.55 -8.21 49.12
CA PRO B 282 -5.96 -8.50 47.80
C PRO B 282 -6.72 -9.53 46.98
N VAL B 283 -7.68 -9.05 46.20
CA VAL B 283 -8.35 -9.89 45.22
C VAL B 283 -7.33 -10.39 44.21
N THR B 284 -7.45 -11.66 43.84
CA THR B 284 -6.56 -12.29 42.87
C THR B 284 -7.31 -13.26 41.97
N TRP B 285 -6.69 -13.62 40.86
CA TRP B 285 -7.40 -14.22 39.73
C TRP B 285 -6.69 -15.49 39.26
N LEU B 286 -7.44 -16.57 39.18
CA LEU B 286 -6.95 -17.85 38.70
C LEU B 286 -7.73 -18.28 37.47
N SER B 287 -7.07 -19.04 36.61
CA SER B 287 -7.79 -19.69 35.53
C SER B 287 -8.83 -20.65 36.09
N TYR B 288 -9.68 -21.15 35.20
CA TYR B 288 -10.55 -22.25 35.61
C TYR B 288 -9.70 -23.47 35.96
N GLY B 289 -8.60 -23.65 35.25
CA GLY B 289 -7.65 -24.68 35.62
C GLY B 289 -6.99 -24.39 36.95
N GLY B 290 -7.04 -23.13 37.39
CA GLY B 290 -6.42 -22.77 38.64
C GLY B 290 -5.13 -22.03 38.39
N TRP B 291 -4.90 -21.71 37.13
CA TRP B 291 -3.71 -20.97 36.74
C TRP B 291 -3.81 -19.52 37.21
N PHE B 292 -2.88 -19.11 38.06
CA PHE B 292 -2.79 -17.72 38.46
C PHE B 292 -2.40 -16.82 37.30
N MET B 293 -3.09 -15.68 37.19
CA MET B 293 -2.65 -14.66 36.26
C MET B 293 -2.74 -13.22 36.75
N GLY B 294 -3.17 -12.97 37.97
CA GLY B 294 -3.04 -11.61 38.48
C GLY B 294 -3.71 -11.44 39.82
N HIS B 295 -3.21 -10.45 40.56
CA HIS B 295 -3.79 -9.94 41.79
C HIS B 295 -4.46 -8.61 41.50
N THR B 296 -5.19 -8.10 42.49
CA THR B 296 -5.72 -6.74 42.39
C THR B 296 -5.50 -6.10 43.74
N VAL B 297 -4.89 -4.93 43.75
CA VAL B 297 -4.46 -4.30 44.99
C VAL B 297 -5.12 -2.93 45.13
N SER B 298 -5.57 -2.65 46.35
CA SER B 298 -6.04 -1.32 46.70
C SER B 298 -4.86 -0.40 46.94
N THR B 299 -5.15 0.89 46.95
CA THR B 299 -4.11 1.91 47.07
C THR B 299 -4.03 2.37 48.52
N GLY B 300 -3.55 1.46 49.37
CA GLY B 300 -3.54 1.72 50.80
C GLY B 300 -2.21 1.36 51.42
N HIS B 301 -2.02 1.86 52.62
CA HIS B 301 -0.82 1.67 53.39
C HIS B 301 -0.68 0.29 53.95
N ARG B 302 -1.60 -0.67 53.79
CA ARG B 302 -1.26 -2.07 54.08
C ARG B 302 0.11 -2.47 53.58
N ASN B 303 0.35 -2.41 52.28
CA ASN B 303 1.45 -3.19 51.72
C ASN B 303 2.80 -2.52 51.86
N VAL B 304 2.86 -1.21 51.61
CA VAL B 304 4.16 -0.56 51.64
C VAL B 304 4.74 -0.61 53.02
N GLU B 305 3.93 -0.33 54.04
CA GLU B 305 4.38 -0.49 55.42
C GLU B 305 5.12 -1.81 55.57
N THR B 306 4.48 -2.89 55.16
CA THR B 306 5.16 -4.17 55.15
C THR B 306 6.40 -4.10 54.28
N ARG B 307 6.28 -3.52 53.08
CA ARG B 307 7.42 -3.53 52.17
C ARG B 307 8.55 -2.67 52.70
N THR B 308 8.24 -1.50 53.22
CA THR B 308 9.34 -0.72 53.78
C THR B 308 9.96 -1.43 54.97
N TYR B 309 9.15 -1.98 55.87
CA TYR B 309 9.71 -2.78 56.95
C TYR B 309 10.64 -3.83 56.41
N GLN B 310 10.19 -4.50 55.35
CA GLN B 310 11.00 -5.51 54.69
C GLN B 310 12.33 -4.93 54.26
N TYR B 311 12.32 -3.71 53.78
CA TYR B 311 13.56 -3.20 53.19
C TYR B 311 14.58 -2.79 54.23
N GLN B 312 14.21 -2.02 55.26
CA GLN B 312 15.27 -1.78 56.24
C GLN B 312 15.63 -3.05 56.98
N ARG B 313 14.64 -3.82 57.43
CA ARG B 313 15.01 -5.06 58.10
C ARG B 313 15.75 -6.02 57.19
N SER B 314 15.71 -5.79 55.87
CA SER B 314 16.54 -6.56 54.96
C SER B 314 18.01 -6.23 55.10
N PHE B 315 18.34 -4.95 55.28
CA PHE B 315 19.72 -4.55 55.46
C PHE B 315 20.31 -5.07 56.76
N ASP B 316 19.50 -5.39 57.71
CA ASP B 316 20.04 -5.77 59.00
C ASP B 316 20.55 -7.21 58.98
N PRO B 317 21.81 -7.41 59.30
CA PRO B 317 22.43 -8.73 59.11
C PRO B 317 21.92 -9.86 59.99
N GLU B 318 21.91 -9.69 61.32
CA GLU B 318 21.64 -10.86 62.15
C GLU B 318 20.16 -11.25 62.13
N THR B 319 19.26 -10.34 61.75
CA THR B 319 17.93 -10.78 61.37
C THR B 319 18.02 -11.79 60.24
N CYS B 320 18.84 -11.50 59.23
CA CYS B 320 19.02 -12.44 58.14
C CYS B 320 19.58 -13.74 58.65
N LEU B 321 20.54 -13.67 59.57
CA LEU B 321 21.15 -14.88 60.12
C LEU B 321 20.11 -15.75 60.81
N ASN B 322 19.38 -15.16 61.77
CA ASN B 322 18.39 -15.91 62.52
C ASN B 322 17.36 -16.51 61.59
N LEU B 323 16.85 -15.70 60.66
CA LEU B 323 15.79 -16.15 59.78
C LEU B 323 16.28 -17.30 58.92
N ALA B 324 17.48 -17.14 58.38
CA ALA B 324 18.04 -18.17 57.51
C ALA B 324 18.17 -19.48 58.26
N ARG B 325 18.77 -19.47 59.45
CA ARG B 325 19.03 -20.75 60.07
C ARG B 325 17.76 -21.39 60.62
N ARG B 326 16.74 -20.60 60.96
CA ARG B 326 15.42 -21.23 61.02
C ARG B 326 15.02 -21.91 59.72
N TRP B 327 15.06 -21.24 58.58
CA TRP B 327 14.54 -21.97 57.42
C TRP B 327 15.39 -23.20 57.10
N ILE B 328 16.68 -23.15 57.39
CA ILE B 328 17.53 -24.28 57.07
C ILE B 328 17.22 -25.46 57.96
N VAL B 329 17.13 -25.23 59.28
CA VAL B 329 16.77 -26.33 60.15
C VAL B 329 15.38 -26.82 59.81
N ALA B 330 14.51 -25.92 59.38
CA ALA B 330 13.16 -26.34 59.03
C ALA B 330 13.20 -27.33 57.87
N LYS B 331 13.91 -26.98 56.80
CA LYS B 331 14.19 -27.95 55.74
C LYS B 331 14.62 -29.27 56.32
N ILE B 332 15.73 -29.25 57.06
CA ILE B 332 16.45 -30.48 57.30
C ILE B 332 15.71 -31.36 58.30
N ALA B 333 15.08 -30.74 59.29
CA ALA B 333 14.21 -31.50 60.16
C ALA B 333 13.05 -32.10 59.38
N ASN B 334 12.47 -31.33 58.46
CA ASN B 334 11.44 -31.90 57.60
C ASN B 334 11.99 -33.07 56.82
N CYS B 335 13.25 -32.99 56.41
CA CYS B 335 13.86 -34.04 55.61
C CYS B 335 13.93 -35.35 56.39
N ARG B 336 14.45 -35.28 57.62
CA ARG B 336 14.55 -36.49 58.41
C ARG B 336 13.18 -37.02 58.81
N THR B 337 12.26 -36.10 59.11
CA THR B 337 10.89 -36.53 59.38
C THR B 337 10.34 -37.27 58.18
N LEU B 338 10.61 -36.77 56.98
CA LEU B 338 10.22 -37.47 55.77
C LEU B 338 10.94 -38.80 55.62
N LEU B 339 12.17 -38.88 56.08
CA LEU B 339 12.87 -40.15 56.06
C LEU B 339 12.03 -41.20 56.78
N ARG B 340 11.60 -40.87 57.99
CA ARG B 340 10.73 -41.80 58.72
C ARG B 340 9.26 -41.76 58.32
N ARG B 341 8.87 -40.88 57.42
CA ARG B 341 7.52 -40.99 56.89
C ARG B 341 7.49 -41.95 55.70
N ASN B 342 8.58 -42.01 54.95
CA ASN B 342 8.59 -42.73 53.68
C ASN B 342 9.85 -43.55 53.45
N TRP B 343 10.61 -43.87 54.50
CA TRP B 343 11.75 -44.76 54.30
C TRP B 343 11.26 -46.08 53.74
N ARG B 344 11.59 -46.33 52.47
CA ARG B 344 11.14 -47.54 51.81
C ARG B 344 12.29 -48.51 51.56
N GLY B 345 13.20 -48.63 52.53
CA GLY B 345 14.23 -49.64 52.45
C GLY B 345 13.77 -50.96 53.05
N GLU B 346 12.46 -51.21 53.00
CA GLU B 346 11.89 -52.35 53.70
C GLU B 346 12.40 -53.67 53.14
N GLY B 347 11.99 -54.75 53.81
CA GLY B 347 12.40 -56.09 53.46
C GLY B 347 13.46 -56.59 54.42
N ASP B 348 14.44 -55.73 54.68
CA ASP B 348 15.37 -55.93 55.79
C ASP B 348 15.68 -54.64 56.52
N GLU B 349 15.36 -53.48 55.93
CA GLU B 349 15.75 -52.18 56.44
C GLU B 349 14.55 -51.24 56.43
N ALA B 350 13.43 -51.69 56.99
CA ALA B 350 12.31 -50.79 57.19
C ALA B 350 12.68 -49.61 58.09
N LYS B 351 13.82 -49.70 58.75
CA LYS B 351 14.32 -48.66 59.63
C LYS B 351 15.65 -48.16 59.09
N ALA B 352 15.73 -46.86 58.84
CA ALA B 352 16.86 -46.27 58.14
C ALA B 352 18.14 -46.40 58.98
N PRO B 353 19.30 -46.28 58.35
CA PRO B 353 20.56 -46.31 59.11
C PRO B 353 20.56 -45.27 60.22
N PRO B 354 20.75 -45.68 61.46
CA PRO B 354 20.74 -44.71 62.58
C PRO B 354 21.82 -43.66 62.49
N GLY B 355 23.05 -44.04 62.11
CA GLY B 355 24.14 -43.08 62.12
C GLY B 355 23.88 -41.92 61.18
N LEU B 356 23.14 -42.18 60.10
CA LEU B 356 22.67 -41.09 59.26
C LEU B 356 21.93 -40.07 60.09
N LEU B 357 21.13 -40.51 61.06
CA LEU B 357 20.27 -39.60 61.79
C LEU B 357 20.99 -38.88 62.91
N MET B 358 21.95 -39.53 63.56
CA MET B 358 22.82 -38.75 64.42
C MET B 358 23.54 -37.68 63.63
N SER B 359 24.09 -38.04 62.46
CA SER B 359 24.71 -37.04 61.59
C SER B 359 23.72 -35.92 61.26
N LEU B 360 22.49 -36.26 60.94
CA LEU B 360 21.56 -35.20 60.62
C LEU B 360 21.27 -34.31 61.81
N GLN B 361 20.71 -34.87 62.88
CA GLN B 361 20.33 -34.05 64.03
C GLN B 361 21.51 -33.21 64.48
N ASP B 362 22.70 -33.74 64.26
CA ASP B 362 23.87 -32.90 64.36
C ASP B 362 23.84 -31.78 63.32
N ASP B 363 23.32 -32.05 62.11
CA ASP B 363 23.35 -31.02 61.08
C ASP B 363 22.36 -29.89 61.35
N MET B 364 21.13 -30.17 61.83
CA MET B 364 20.40 -29.03 62.42
C MET B 364 21.13 -28.38 63.60
N ARG B 365 21.86 -29.11 64.44
CA ARG B 365 22.61 -28.37 65.45
C ARG B 365 23.67 -27.47 64.79
N HIS B 366 24.36 -28.05 63.80
CA HIS B 366 25.39 -27.35 63.04
C HIS B 366 24.84 -26.05 62.49
N ALA B 367 23.62 -26.12 61.97
CA ALA B 367 22.90 -24.94 61.53
C ALA B 367 22.62 -23.98 62.68
N MET B 368 22.26 -24.49 63.86
CA MET B 368 21.83 -23.56 64.89
C MET B 368 23.02 -22.79 65.47
N ARG B 369 24.23 -23.31 65.31
CA ARG B 369 25.39 -22.52 65.72
C ARG B 369 25.71 -21.43 64.71
N ALA B 370 25.17 -21.55 63.50
CA ALA B 370 25.73 -20.95 62.27
C ALA B 370 26.35 -19.58 62.55
N PRO B 371 27.63 -19.41 62.27
CA PRO B 371 28.30 -18.14 62.56
C PRO B 371 28.05 -17.10 61.49
N SER B 372 28.00 -17.52 60.24
CA SER B 372 27.83 -16.59 59.14
C SER B 372 27.14 -17.28 57.98
N LEU B 373 26.78 -16.50 56.98
CA LEU B 373 25.88 -16.97 55.95
C LEU B 373 26.55 -17.98 55.03
N GLU B 374 27.77 -17.68 54.58
CA GLU B 374 28.49 -18.58 53.70
C GLU B 374 28.76 -19.92 54.39
N VAL B 375 29.07 -19.87 55.68
CA VAL B 375 29.13 -21.11 56.46
C VAL B 375 27.81 -21.84 56.35
N LEU B 376 26.70 -21.13 56.55
CA LEU B 376 25.40 -21.77 56.54
C LEU B 376 25.16 -22.46 55.22
N LEU B 377 25.50 -21.81 54.10
CA LEU B 377 25.30 -22.44 52.80
C LEU B 377 26.23 -23.63 52.61
N GLY B 378 27.44 -23.55 53.15
CA GLY B 378 28.35 -24.68 53.03
C GLY B 378 27.82 -25.92 53.72
N ILE B 379 27.50 -25.79 55.01
CA ILE B 379 26.90 -26.93 55.69
C ILE B 379 25.57 -27.32 55.07
N GLU B 380 24.84 -26.34 54.54
CA GLU B 380 23.63 -26.67 53.78
C GLU B 380 23.93 -27.68 52.70
N GLY B 381 24.87 -27.34 51.81
CA GLY B 381 25.20 -28.24 50.72
C GLY B 381 25.67 -29.59 51.23
N ALA B 382 26.46 -29.59 52.31
CA ALA B 382 26.92 -30.86 52.87
C ALA B 382 25.74 -31.73 53.29
N SER B 383 24.85 -31.16 54.10
CA SER B 383 23.74 -31.95 54.63
C SER B 383 22.78 -32.35 53.52
N ALA B 384 22.67 -31.51 52.49
CA ALA B 384 21.78 -31.84 51.39
C ALA B 384 22.32 -32.99 50.56
N GLY B 385 23.63 -32.97 50.27
CA GLY B 385 24.22 -34.12 49.61
C GLY B 385 24.07 -35.35 50.46
N ARG B 386 24.27 -35.20 51.77
CA ARG B 386 24.00 -36.26 52.72
C ARG B 386 22.62 -36.86 52.50
N TYR B 387 21.61 -36.00 52.47
CA TYR B 387 20.23 -36.42 52.31
C TYR B 387 20.00 -37.12 50.98
N PHE B 388 20.58 -36.57 49.91
CA PHE B 388 20.35 -37.18 48.61
C PHE B 388 21.09 -38.50 48.46
N GLN B 389 22.11 -38.75 49.29
CA GLN B 389 22.76 -40.05 49.26
C GLN B 389 21.75 -41.15 49.49
N HIS B 390 20.86 -40.97 50.45
CA HIS B 390 19.86 -41.96 50.80
C HIS B 390 18.52 -41.67 50.17
N PHE B 391 18.42 -40.56 49.42
CA PHE B 391 17.20 -40.29 48.68
C PHE B 391 16.83 -41.45 47.75
N SER B 392 17.81 -42.19 47.26
CA SER B 392 17.52 -43.36 46.45
C SER B 392 16.72 -44.41 47.23
N ARG B 393 16.99 -44.52 48.53
CA ARG B 393 16.26 -45.48 49.35
C ARG B 393 14.78 -45.18 49.40
N MET B 394 14.39 -43.95 49.13
CA MET B 394 12.99 -43.55 49.12
C MET B 394 12.19 -44.17 47.99
N LEU B 395 12.83 -44.78 47.02
CA LEU B 395 12.08 -45.39 45.93
C LEU B 395 11.20 -46.51 46.48
N ARG B 396 10.36 -47.07 45.63
CA ARG B 396 9.34 -47.99 46.10
C ARG B 396 9.86 -49.40 46.35
N GLY B 397 11.14 -49.53 46.68
CA GLY B 397 11.68 -50.78 47.18
C GLY B 397 13.12 -51.05 46.81
N GLY B 398 13.64 -50.37 45.79
CA GLY B 398 15.02 -50.49 45.40
C GLY B 398 15.47 -49.30 44.58
N ASP B 399 16.56 -49.50 43.84
CA ASP B 399 16.97 -48.52 42.86
C ASP B 399 15.93 -48.45 41.75
N GLY B 400 15.88 -47.32 41.07
CA GLY B 400 14.81 -47.06 40.13
C GLY B 400 15.21 -47.29 38.69
N GLU B 401 15.90 -48.40 38.44
CA GLU B 401 16.53 -48.70 37.15
C GLU B 401 15.69 -48.21 35.98
N GLY B 402 16.36 -47.57 35.01
CA GLY B 402 15.71 -46.77 34.03
C GLY B 402 15.49 -45.34 34.49
N MET B 403 15.29 -45.13 35.79
CA MET B 403 15.19 -43.81 36.39
C MET B 403 16.10 -43.80 37.62
N GLY B 404 17.37 -43.53 37.41
CA GLY B 404 18.34 -43.53 38.49
C GLY B 404 18.60 -42.12 38.96
N PHE B 405 19.01 -42.00 40.22
CA PHE B 405 19.26 -40.72 40.85
C PHE B 405 20.74 -40.51 41.10
N ASP B 406 21.20 -39.30 40.82
CA ASP B 406 22.60 -38.94 41.02
C ASP B 406 22.71 -37.99 42.20
N PHE B 407 23.64 -38.28 43.10
CA PHE B 407 23.79 -37.46 44.28
C PHE B 407 24.66 -36.24 44.02
N THR B 408 25.35 -36.22 42.89
CA THR B 408 26.35 -35.21 42.59
C THR B 408 26.00 -34.34 41.41
N THR B 409 25.15 -34.82 40.52
CA THR B 409 24.66 -33.99 39.43
C THR B 409 23.50 -33.11 39.86
N ARG B 410 23.41 -32.87 41.16
CA ARG B 410 22.32 -32.10 41.73
C ARG B 410 22.21 -30.74 41.06
N ASN B 411 20.98 -30.34 40.75
CA ASN B 411 20.63 -29.02 40.23
C ASN B 411 21.51 -28.58 39.07
N ARG B 412 22.08 -29.54 38.36
CA ARG B 412 22.84 -29.20 37.16
C ARG B 412 21.81 -28.85 36.10
N ARG B 413 22.07 -27.78 35.37
CA ARG B 413 20.96 -26.94 34.92
C ARG B 413 19.94 -27.70 34.07
N PRO B 414 20.25 -28.23 32.89
CA PRO B 414 19.41 -29.28 32.32
C PRO B 414 19.48 -30.55 33.14
N PRO B 415 18.44 -31.36 33.13
CA PRO B 415 18.44 -32.57 33.95
C PRO B 415 19.24 -33.71 33.32
N LYS B 416 20.24 -34.21 34.03
CA LYS B 416 20.99 -35.38 33.56
C LYS B 416 20.37 -36.71 33.99
N ASP B 417 19.45 -36.70 34.95
CA ASP B 417 18.68 -37.87 35.35
C ASP B 417 17.20 -37.53 35.43
N PRO B 418 16.35 -38.50 35.14
CA PRO B 418 14.91 -38.26 35.28
C PRO B 418 14.52 -37.89 36.70
N VAL B 419 15.18 -38.49 37.69
CA VAL B 419 14.94 -38.08 39.06
C VAL B 419 15.22 -36.60 39.22
N ASN B 420 16.36 -36.16 38.70
CA ASN B 420 16.69 -34.73 38.75
C ASN B 420 15.68 -33.91 37.97
N ALA B 421 15.19 -34.42 36.84
CA ALA B 421 14.21 -33.67 36.04
C ALA B 421 12.95 -33.42 36.83
N LEU B 422 12.37 -34.48 37.40
CA LEU B 422 11.15 -34.33 38.17
C LEU B 422 11.40 -33.43 39.37
N LEU B 423 12.53 -33.60 40.04
CA LEU B 423 12.84 -32.74 41.17
C LEU B 423 12.88 -31.28 40.74
N SER B 424 13.53 -31.00 39.62
CA SER B 424 13.66 -29.63 39.16
C SER B 424 12.31 -29.03 38.80
N PHE B 425 11.47 -29.79 38.11
CA PHE B 425 10.18 -29.24 37.72
C PHE B 425 9.31 -29.00 38.94
N ALA B 426 9.33 -29.93 39.89
CA ALA B 426 8.59 -29.73 41.13
C ALA B 426 9.07 -28.50 41.86
N TYR B 427 10.38 -28.33 41.94
CA TYR B 427 10.95 -27.12 42.51
C TYR B 427 10.47 -25.89 41.77
N ALA B 428 10.44 -25.96 40.44
CA ALA B 428 10.02 -24.81 39.66
C ALA B 428 8.64 -24.36 40.11
N MET B 429 7.67 -25.26 40.06
CA MET B 429 6.32 -24.80 40.40
C MET B 429 6.19 -24.45 41.87
N LEU B 430 6.89 -25.16 42.76
CA LEU B 430 6.83 -24.79 44.17
C LEU B 430 7.31 -23.37 44.40
N THR B 431 8.48 -23.04 43.85
CA THR B 431 8.95 -21.66 43.90
C THR B 431 7.89 -20.73 43.33
N ARG B 432 7.25 -21.14 42.26
CA ARG B 432 6.31 -20.27 41.57
C ARG B 432 5.08 -19.98 42.43
N GLU B 433 4.57 -21.00 43.13
CA GLU B 433 3.48 -20.73 44.05
C GLU B 433 3.93 -19.88 45.21
N TRP B 434 5.14 -20.11 45.73
CA TRP B 434 5.62 -19.15 46.73
C TRP B 434 5.65 -17.74 46.19
N THR B 435 6.02 -17.57 44.93
CA THR B 435 6.02 -16.23 44.37
C THR B 435 4.63 -15.63 44.44
N VAL B 436 3.63 -16.37 43.98
CA VAL B 436 2.30 -15.80 43.90
C VAL B 436 1.74 -15.53 45.30
N ALA B 437 1.97 -16.45 46.23
CA ALA B 437 1.47 -16.24 47.59
C ALA B 437 2.17 -15.06 48.25
N LEU B 438 3.48 -14.95 48.02
CA LEU B 438 4.24 -13.85 48.58
C LEU B 438 3.73 -12.52 48.08
N ALA B 439 3.52 -12.42 46.77
CA ALA B 439 2.95 -11.18 46.23
C ALA B 439 1.55 -10.94 46.73
N ALA B 440 0.80 -12.01 47.04
CA ALA B 440 -0.54 -11.83 47.55
C ALA B 440 -0.53 -10.93 48.78
N VAL B 441 0.30 -11.24 49.74
CA VAL B 441 0.50 -10.29 50.83
C VAL B 441 1.40 -9.17 50.34
N GLY B 442 1.41 -8.07 51.10
CA GLY B 442 2.17 -6.90 50.70
C GLY B 442 3.67 -7.08 50.83
N LEU B 443 4.23 -8.03 50.09
CA LEU B 443 5.66 -8.32 50.15
C LEU B 443 6.25 -8.33 48.76
N ASP B 444 7.56 -8.10 48.70
CA ASP B 444 8.29 -8.15 47.45
C ASP B 444 9.09 -9.44 47.39
N PRO B 445 8.84 -10.32 46.43
CA PRO B 445 9.49 -11.64 46.44
C PRO B 445 10.92 -11.62 45.97
N TYR B 446 11.35 -10.59 45.26
CA TYR B 446 12.66 -10.62 44.63
C TYR B 446 13.76 -10.09 45.52
N ARG B 447 13.41 -9.49 46.65
CA ARG B 447 14.39 -8.98 47.59
C ARG B 447 14.47 -9.99 48.74
N GLY B 448 15.48 -10.84 48.71
CA GLY B 448 15.64 -11.88 49.70
C GLY B 448 16.64 -11.51 50.77
N PHE B 449 16.58 -12.26 51.86
CA PHE B 449 17.51 -12.08 52.97
C PHE B 449 18.70 -13.03 52.89
N TYR B 450 18.55 -14.12 52.15
CA TYR B 450 19.54 -15.17 52.10
C TYR B 450 20.13 -15.39 50.72
N HIS B 451 19.31 -15.52 49.69
CA HIS B 451 19.82 -15.68 48.35
C HIS B 451 20.16 -14.32 47.76
N GLN B 452 20.64 -14.32 46.54
CA GLN B 452 21.08 -13.10 45.91
C GLN B 452 20.01 -12.52 45.00
N PRO B 453 19.71 -11.25 45.16
CA PRO B 453 18.45 -10.70 44.66
C PRO B 453 18.41 -10.52 43.16
N ARG B 454 19.49 -9.99 42.58
CA ARG B 454 19.47 -9.56 41.20
C ARG B 454 19.38 -10.78 40.27
N PHE B 455 19.28 -10.50 38.98
CA PHE B 455 19.45 -11.46 37.89
C PHE B 455 18.22 -12.31 37.68
N GLY B 456 17.05 -11.84 38.10
CA GLY B 456 15.82 -12.57 37.91
C GLY B 456 15.44 -13.51 39.03
N ARG B 457 16.34 -13.80 39.93
CA ARG B 457 16.03 -14.80 40.96
C ARG B 457 15.04 -14.21 41.96
N PRO B 458 13.91 -14.84 42.19
CA PRO B 458 13.07 -14.40 43.29
C PRO B 458 13.72 -14.82 44.58
N ALA B 459 14.44 -13.90 45.20
CA ALA B 459 15.31 -14.27 46.30
C ALA B 459 14.54 -14.59 47.56
N LEU B 460 13.57 -13.77 47.92
CA LEU B 460 12.73 -14.06 49.07
C LEU B 460 11.90 -15.32 48.87
N ALA B 461 11.41 -15.55 47.66
CA ALA B 461 10.70 -16.80 47.38
C ALA B 461 11.62 -17.99 47.56
N LEU B 462 12.86 -17.87 47.10
CA LEU B 462 13.79 -18.96 47.28
C LEU B 462 14.04 -19.23 48.76
N ASP B 463 14.12 -18.16 49.55
CA ASP B 463 14.33 -18.32 50.98
C ASP B 463 13.14 -19.01 51.63
N MET B 464 11.94 -18.62 51.23
CA MET B 464 10.71 -19.23 51.70
C MET B 464 10.59 -20.70 51.34
N MET B 465 10.98 -21.07 50.13
CA MET B 465 10.61 -22.37 49.62
C MET B 465 11.45 -23.50 50.20
N GLU B 466 12.52 -23.18 50.93
CA GLU B 466 13.38 -24.24 51.45
C GLU B 466 12.61 -25.25 52.31
N PRO B 467 12.01 -24.87 53.43
CA PRO B 467 11.53 -25.90 54.36
C PRO B 467 10.49 -26.82 53.76
N PHE B 468 9.90 -26.41 52.64
CA PHE B 468 8.78 -27.13 52.08
C PHE B 468 9.15 -27.92 50.85
N ARG B 469 10.40 -27.86 50.42
CA ARG B 469 10.86 -28.80 49.40
C ARG B 469 10.48 -30.23 49.76
N PRO B 470 10.73 -30.72 50.98
CA PRO B 470 10.35 -32.10 51.28
C PRO B 470 8.85 -32.32 51.20
N LEU B 471 8.09 -31.55 51.98
CA LEU B 471 6.68 -31.88 52.16
C LEU B 471 5.91 -31.81 50.86
N ILE B 472 6.44 -31.11 49.86
CA ILE B 472 5.70 -30.92 48.63
C ILE B 472 6.44 -31.45 47.41
N ALA B 473 7.60 -30.89 47.06
CA ALA B 473 8.26 -31.28 45.83
C ALA B 473 8.81 -32.70 45.93
N ASP B 474 9.55 -32.97 47.00
CA ASP B 474 10.08 -34.31 47.20
C ASP B 474 8.93 -35.30 47.34
N SER B 475 7.89 -34.89 48.06
CA SER B 475 6.67 -35.69 48.10
C SER B 475 6.14 -35.93 46.70
N THR B 476 5.82 -34.87 45.98
CA THR B 476 5.16 -35.03 44.69
C THR B 476 5.91 -36.03 43.84
N VAL B 477 7.25 -35.95 43.87
CA VAL B 477 8.07 -36.96 43.22
C VAL B 477 7.76 -38.35 43.79
N LEU B 478 7.60 -38.46 45.11
CA LEU B 478 7.53 -39.80 45.68
C LEU B 478 6.24 -40.50 45.28
N MET B 479 5.08 -39.82 45.37
CA MET B 479 3.92 -40.51 44.76
C MET B 479 4.11 -40.69 43.27
N ALA B 480 4.60 -39.68 42.55
CA ALA B 480 4.61 -39.78 41.10
C ALA B 480 5.42 -40.96 40.61
N ILE B 481 6.41 -41.39 41.37
CA ILE B 481 7.22 -42.52 40.97
C ILE B 481 6.71 -43.82 41.57
N ASN B 482 6.38 -43.83 42.86
CA ASN B 482 5.98 -45.08 43.49
C ASN B 482 4.60 -45.53 43.06
N ASN B 483 3.79 -44.64 42.49
CA ASN B 483 2.47 -45.03 42.03
C ASN B 483 2.42 -45.27 40.53
N GLY B 484 3.57 -45.29 39.86
CA GLY B 484 3.59 -45.71 38.48
C GLY B 484 3.11 -44.67 37.50
N GLU B 485 2.73 -43.48 37.98
CA GLU B 485 2.42 -42.41 37.05
C GLU B 485 3.62 -42.08 36.18
N ILE B 486 4.81 -42.12 36.75
CA ILE B 486 6.05 -41.81 36.05
C ILE B 486 6.72 -43.11 35.67
N ARG B 487 6.94 -43.31 34.37
CA ARG B 487 7.55 -44.53 33.87
C ARG B 487 8.75 -44.18 33.01
N THR B 488 9.40 -45.22 32.48
CA THR B 488 10.61 -45.03 31.70
C THR B 488 10.34 -44.23 30.42
N GLY B 489 9.37 -44.66 29.61
CA GLY B 489 9.17 -44.09 28.29
C GLY B 489 8.84 -42.62 28.29
N ASP B 490 8.47 -42.07 29.45
CA ASP B 490 8.10 -40.66 29.55
C ASP B 490 9.28 -39.74 29.32
N PHE B 491 10.49 -40.25 29.24
CA PHE B 491 11.68 -39.44 29.26
C PHE B 491 12.37 -39.44 27.90
N VAL B 492 13.09 -38.36 27.65
CA VAL B 492 13.83 -38.16 26.40
C VAL B 492 15.24 -37.76 26.75
N ARG B 493 16.22 -38.47 26.18
CA ARG B 493 17.62 -38.22 26.46
C ARG B 493 18.22 -37.41 25.33
N SER B 494 18.95 -36.36 25.68
CA SER B 494 19.42 -35.40 24.67
C SER B 494 20.74 -34.79 25.15
N ALA B 495 21.86 -35.35 24.70
CA ALA B 495 23.18 -34.79 24.95
C ALA B 495 23.39 -34.45 26.42
N GLY B 496 22.86 -35.31 27.28
CA GLY B 496 22.87 -35.07 28.71
C GLY B 496 21.63 -34.41 29.27
N GLY B 497 20.48 -34.57 28.62
CA GLY B 497 19.26 -33.96 29.12
C GLY B 497 18.12 -34.95 29.15
N CYS B 498 17.57 -35.19 30.33
CA CYS B 498 16.46 -36.12 30.50
C CYS B 498 15.20 -35.28 30.66
N ASN B 499 14.54 -34.98 29.55
CA ASN B 499 13.39 -34.09 29.56
C ASN B 499 12.12 -34.90 29.37
N LEU B 500 11.06 -34.43 30.02
CA LEU B 500 9.82 -35.18 30.04
C LEU B 500 9.03 -34.96 28.76
N THR B 501 7.95 -35.73 28.63
CA THR B 501 6.98 -35.51 27.57
C THR B 501 5.79 -34.74 28.11
N ASP B 502 5.19 -33.94 27.23
CA ASP B 502 4.11 -33.06 27.64
C ASP B 502 3.02 -33.82 28.38
N SER B 503 2.67 -34.99 27.88
CA SER B 503 1.70 -35.84 28.58
C SER B 503 2.19 -36.16 29.99
N ALA B 504 3.43 -36.60 30.09
CA ALA B 504 4.01 -36.84 31.41
C ALA B 504 4.03 -35.56 32.21
N ARG B 505 4.40 -34.45 31.58
CA ARG B 505 4.37 -33.16 32.27
C ARG B 505 3.02 -32.93 32.95
N LYS B 506 1.95 -33.03 32.19
CA LYS B 506 0.66 -32.59 32.70
C LYS B 506 0.05 -33.63 33.63
N ARG B 507 0.34 -34.91 33.41
CA ARG B 507 -0.05 -35.91 34.38
C ARG B 507 0.65 -35.64 35.70
N PHE B 508 1.95 -35.38 35.65
CA PHE B 508 2.69 -34.97 36.83
C PHE B 508 2.11 -33.70 37.43
N ILE B 509 1.55 -32.84 36.59
CA ILE B 509 0.99 -31.59 37.08
C ILE B 509 -0.27 -31.86 37.87
N ALA B 510 -1.14 -32.72 37.35
CA ALA B 510 -2.28 -33.15 38.12
C ALA B 510 -1.84 -33.79 39.44
N GLY B 511 -0.76 -34.56 39.39
CA GLY B 511 -0.25 -35.14 40.62
C GLY B 511 0.20 -34.09 41.61
N PHE B 512 0.81 -33.02 41.10
CA PHE B 512 1.21 -31.93 41.98
C PHE B 512 -0.02 -31.26 42.57
N GLU B 513 -1.04 -31.04 41.76
CA GLU B 513 -2.25 -30.49 42.35
C GLU B 513 -2.75 -31.39 43.46
N ARG B 514 -2.63 -32.70 43.25
CA ARG B 514 -3.02 -33.65 44.29
C ARG B 514 -2.24 -33.42 45.56
N ARG B 515 -0.91 -33.36 45.46
CA ARG B 515 -0.11 -32.92 46.59
C ARG B 515 -0.59 -31.60 47.18
N MET B 516 -0.99 -30.68 46.34
CA MET B 516 -1.35 -29.40 46.90
C MET B 516 -2.66 -29.53 47.65
N GLU B 517 -3.44 -30.56 47.33
CA GLU B 517 -4.78 -30.68 47.84
C GLU B 517 -4.84 -31.29 49.23
N GLN B 518 -3.79 -31.95 49.69
CA GLN B 518 -3.88 -32.51 51.04
C GLN B 518 -3.80 -31.40 52.07
N GLU B 519 -4.41 -31.66 53.21
CA GLU B 519 -4.56 -30.67 54.26
C GLU B 519 -3.71 -31.07 55.46
N VAL B 520 -2.96 -30.13 55.96
CA VAL B 520 -2.30 -30.26 57.25
C VAL B 520 -2.92 -29.22 58.15
N THR B 521 -2.89 -29.49 59.45
CA THR B 521 -3.80 -28.79 60.32
C THR B 521 -3.16 -27.74 61.21
N HIS B 522 -1.86 -27.81 61.46
CA HIS B 522 -1.26 -27.09 62.58
C HIS B 522 -0.14 -26.17 62.10
N PRO B 523 -0.47 -25.02 61.53
CA PRO B 523 0.57 -23.98 61.42
C PRO B 523 0.94 -23.54 62.82
N ILE B 524 -0.06 -23.03 63.52
CA ILE B 524 0.02 -22.80 64.95
C ILE B 524 -1.30 -23.22 65.59
N PHE B 525 -2.32 -23.45 64.76
CA PHE B 525 -3.66 -23.79 65.23
C PHE B 525 -4.23 -24.94 64.42
N LYS B 526 -5.02 -25.81 65.07
CA LYS B 526 -5.84 -26.81 64.38
C LYS B 526 -6.89 -26.12 63.53
N TYR B 527 -6.62 -26.02 62.22
CA TYR B 527 -7.74 -25.81 61.31
C TYR B 527 -7.54 -26.42 59.93
N THR B 528 -6.71 -27.46 59.82
CA THR B 528 -6.75 -28.44 58.73
C THR B 528 -6.80 -27.79 57.35
N ILE B 529 -5.75 -27.07 57.03
CA ILE B 529 -5.73 -26.35 55.75
C ILE B 529 -4.88 -27.11 54.73
N SER B 530 -5.27 -26.96 53.47
CA SER B 530 -4.40 -27.41 52.41
C SER B 530 -3.12 -26.59 52.43
N TYR B 531 -2.10 -27.13 51.78
CA TYR B 531 -0.78 -26.53 51.84
C TYR B 531 -0.85 -25.11 51.32
N ARG B 532 -1.75 -24.91 50.37
CA ARG B 532 -1.85 -23.67 49.61
C ARG B 532 -2.25 -22.51 50.49
N ARG B 533 -3.24 -22.72 51.36
CA ARG B 533 -3.61 -21.74 52.36
C ARG B 533 -2.56 -21.64 53.46
N LEU B 534 -1.85 -22.74 53.73
CA LEU B 534 -0.72 -22.65 54.64
C LEU B 534 0.32 -21.69 54.11
N LEU B 535 0.44 -21.56 52.80
CA LEU B 535 1.39 -20.61 52.23
C LEU B 535 1.05 -19.19 52.65
N GLU B 536 -0.22 -18.81 52.45
CA GLU B 536 -0.67 -17.49 52.86
C GLU B 536 -0.51 -17.31 54.36
N VAL B 537 -0.87 -18.34 55.13
CA VAL B 537 -0.73 -18.24 56.58
C VAL B 537 0.73 -18.00 56.93
N GLN B 538 1.62 -18.69 56.25
CA GLN B 538 3.04 -18.61 56.54
C GLN B 538 3.55 -17.22 56.24
N ALA B 539 3.17 -16.68 55.08
CA ALA B 539 3.61 -15.33 54.72
C ALA B 539 3.08 -14.31 55.70
N ARG B 540 1.82 -14.44 56.09
CA ARG B 540 1.24 -13.50 57.03
C ARG B 540 1.92 -13.59 58.39
N LEU B 541 2.29 -14.80 58.79
CA LEU B 541 3.04 -14.96 60.02
C LEU B 541 4.41 -14.31 59.88
N LEU B 542 4.97 -14.34 58.68
CA LEU B 542 6.21 -13.62 58.45
C LEU B 542 6.00 -12.12 58.64
N THR B 543 4.87 -11.62 58.17
CA THR B 543 4.55 -10.22 58.40
C THR B 543 4.43 -9.92 59.89
N ARG B 544 3.69 -10.74 60.61
CA ARG B 544 3.65 -10.75 62.06
C ARG B 544 5.05 -10.73 62.67
N TYR B 545 6.01 -11.41 62.05
CA TYR B 545 7.36 -11.37 62.60
C TYR B 545 7.98 -10.01 62.35
N LEU B 546 7.98 -9.58 61.09
CA LEU B 546 8.40 -8.24 60.75
C LEU B 546 7.50 -7.23 61.43
N SER B 547 7.90 -5.97 61.32
CA SER B 547 7.25 -4.90 62.04
C SER B 547 7.26 -5.12 63.53
N GLY B 548 8.09 -6.05 64.00
CA GLY B 548 8.27 -6.30 65.41
C GLY B 548 6.97 -6.62 66.12
N GLU B 549 6.16 -7.52 65.54
CA GLU B 549 4.90 -7.89 66.16
C GLU B 549 5.01 -9.21 66.90
N ILE B 550 5.51 -10.25 66.26
CA ILE B 550 5.87 -11.44 67.02
C ILE B 550 7.36 -11.71 66.84
N PRO B 551 8.01 -12.31 67.83
CA PRO B 551 9.44 -12.57 67.74
C PRO B 551 9.72 -13.92 67.10
N ALA B 552 10.68 -13.94 66.17
CA ALA B 552 11.44 -15.13 65.82
C ALA B 552 10.65 -16.15 64.99
N TYR B 553 9.54 -15.75 64.39
CA TYR B 553 9.00 -16.43 63.22
C TYR B 553 8.99 -17.96 63.35
N PRO B 554 8.04 -18.52 64.07
CA PRO B 554 8.08 -19.97 64.36
C PRO B 554 7.72 -20.85 63.17
N ASN B 555 8.74 -21.29 62.41
CA ASN B 555 8.55 -22.18 61.26
C ASN B 555 7.52 -23.25 61.52
N PHE B 556 6.80 -23.60 60.46
CA PHE B 556 6.06 -24.85 60.47
C PHE B 556 7.02 -26.01 60.24
N VAL B 557 6.94 -27.01 61.10
CA VAL B 557 7.71 -28.23 60.96
C VAL B 557 6.84 -29.39 61.42
N THR B 558 6.93 -30.51 60.71
CA THR B 558 6.16 -31.69 61.08
C THR B 558 7.06 -32.81 61.56
N LEU C 197 3.48 24.53 -31.09
CA LEU C 197 4.93 24.44 -30.97
C LEU C 197 5.55 25.81 -30.81
N PRO C 198 5.07 26.60 -29.88
CA PRO C 198 5.44 28.02 -29.86
C PRO C 198 6.91 28.25 -29.63
N ASP C 199 7.50 27.60 -28.61
CA ASP C 199 8.93 27.79 -28.38
C ASP C 199 9.73 27.41 -29.60
N GLU C 200 9.37 26.29 -30.22
CA GLU C 200 10.10 25.82 -31.39
C GLU C 200 9.91 26.77 -32.55
N VAL C 201 8.66 27.17 -32.79
CA VAL C 201 8.39 28.07 -33.90
C VAL C 201 9.13 29.37 -33.70
N ARG C 202 9.24 29.82 -32.46
CA ARG C 202 10.02 31.03 -32.20
C ARG C 202 11.49 30.80 -32.46
N PHE C 203 12.03 29.73 -31.89
CA PHE C 203 13.48 29.54 -31.86
C PHE C 203 14.00 29.34 -33.27
N LEU C 204 13.29 28.55 -34.07
CA LEU C 204 13.65 28.43 -35.48
C LEU C 204 13.15 29.62 -36.27
N SER C 205 12.03 30.19 -35.87
CA SER C 205 11.51 31.40 -36.50
C SER C 205 12.43 32.57 -36.22
N HIS C 206 13.59 32.27 -35.67
CA HIS C 206 14.81 33.03 -35.84
C HIS C 206 14.84 34.24 -34.93
N LEU C 207 13.78 34.44 -34.16
CA LEU C 207 13.76 35.37 -33.02
C LEU C 207 14.35 34.67 -31.80
N SER C 208 15.66 34.47 -31.85
CA SER C 208 16.31 33.48 -31.00
C SER C 208 16.02 33.69 -29.52
N VAL C 209 15.53 32.64 -28.88
CA VAL C 209 15.36 32.54 -27.43
C VAL C 209 15.84 31.14 -27.06
N GLU C 210 15.65 30.74 -25.82
CA GLU C 210 15.94 29.36 -25.48
C GLU C 210 14.65 28.57 -25.30
N PRO C 211 14.40 27.55 -26.12
CA PRO C 211 13.21 26.72 -25.91
C PRO C 211 13.19 26.11 -24.52
N ARG C 212 12.00 26.03 -23.95
CA ARG C 212 11.82 25.57 -22.59
C ARG C 212 11.60 24.06 -22.57
N PRO C 213 11.63 23.43 -21.39
CA PRO C 213 11.38 22.00 -21.32
C PRO C 213 10.03 21.64 -21.93
N ILE C 214 10.02 20.49 -22.59
CA ILE C 214 8.87 20.07 -23.38
C ILE C 214 7.62 20.02 -22.53
N ILE C 215 6.50 20.44 -23.10
CA ILE C 215 5.21 20.09 -22.54
C ILE C 215 4.96 18.60 -22.79
N PRO C 216 4.80 17.80 -21.75
CA PRO C 216 4.94 16.35 -21.91
C PRO C 216 3.83 15.72 -22.72
N ALA C 217 3.91 14.40 -22.86
CA ALA C 217 2.94 13.65 -23.65
C ALA C 217 1.58 13.61 -22.97
N ASP C 218 0.53 13.75 -23.78
CA ASP C 218 -0.85 13.69 -23.33
C ASP C 218 -1.69 13.00 -24.40
N GLY C 219 -2.63 12.18 -23.96
CA GLY C 219 -3.62 11.61 -24.86
C GLY C 219 -3.06 10.70 -25.93
N ARG C 220 -1.98 10.01 -25.63
CA ARG C 220 -1.34 9.13 -26.59
C ARG C 220 -1.36 7.69 -26.08
N GLY C 221 -1.63 6.76 -26.99
CA GLY C 221 -1.68 5.36 -26.65
C GLY C 221 -0.52 4.58 -27.23
N LEU C 222 -0.71 3.28 -27.34
CA LEU C 222 0.28 2.39 -27.89
C LEU C 222 -0.29 1.58 -29.03
N PRO C 223 0.54 1.14 -29.97
CA PRO C 223 0.01 0.50 -31.17
C PRO C 223 -0.47 -0.92 -30.92
N LEU C 224 -1.15 -1.46 -31.92
CA LEU C 224 -1.67 -2.82 -31.93
C LEU C 224 -0.99 -3.61 -33.04
N TYR C 225 -0.20 -4.60 -32.67
CA TYR C 225 0.50 -5.41 -33.66
C TYR C 225 -0.10 -6.80 -33.66
N VAL C 226 -0.54 -7.25 -34.82
CA VAL C 226 -1.16 -8.56 -34.94
C VAL C 226 -0.29 -9.35 -35.90
N GLN C 227 0.69 -10.07 -35.37
CA GLN C 227 1.58 -10.85 -36.21
C GLN C 227 1.15 -12.29 -36.32
N SER C 228 0.41 -12.79 -35.35
CA SER C 228 -0.02 -14.17 -35.39
C SER C 228 -0.82 -14.42 -36.65
N PRO C 229 -0.29 -15.17 -37.62
CA PRO C 229 -0.86 -15.18 -38.96
C PRO C 229 -2.25 -15.76 -39.01
N LYS C 230 -2.74 -16.34 -37.92
CA LYS C 230 -4.07 -16.93 -37.91
C LYS C 230 -4.80 -16.53 -36.64
N ALA C 231 -4.74 -15.25 -36.31
CA ALA C 231 -5.44 -14.71 -35.17
C ALA C 231 -6.76 -14.09 -35.59
N TYR C 232 -7.64 -13.89 -34.61
CA TYR C 232 -9.02 -13.48 -34.87
C TYR C 232 -9.28 -12.34 -33.89
N VAL C 233 -9.65 -11.18 -34.42
CA VAL C 233 -9.72 -9.96 -33.63
C VAL C 233 -11.19 -9.61 -33.49
N ARG C 234 -11.69 -9.55 -32.26
CA ARG C 234 -13.11 -9.39 -32.02
C ARG C 234 -13.38 -8.28 -31.02
N LYS C 235 -14.46 -7.54 -31.25
CA LYS C 235 -14.85 -6.50 -30.33
C LYS C 235 -15.80 -7.04 -29.28
N ASP C 236 -15.54 -6.72 -28.01
CA ASP C 236 -16.52 -6.93 -26.97
C ASP C 236 -16.64 -5.62 -26.18
N GLY C 237 -17.75 -4.93 -26.39
CA GLY C 237 -17.97 -3.66 -25.75
C GLY C 237 -16.89 -2.67 -26.12
N ASP C 238 -16.27 -2.05 -25.13
CA ASP C 238 -15.13 -1.19 -25.33
C ASP C 238 -13.79 -1.92 -25.28
N CYS C 239 -13.78 -3.19 -24.91
CA CYS C 239 -12.56 -3.95 -24.97
C CYS C 239 -12.39 -4.56 -26.37
N LEU C 240 -11.17 -4.91 -26.71
CA LEU C 240 -10.87 -5.59 -27.96
C LEU C 240 -10.09 -6.85 -27.65
N VAL C 241 -10.65 -8.02 -27.95
CA VAL C 241 -10.01 -9.28 -27.58
C VAL C 241 -9.36 -9.88 -28.82
N ILE C 242 -8.13 -10.35 -28.66
CA ILE C 242 -7.48 -11.12 -29.70
C ILE C 242 -7.49 -12.57 -29.27
N GLU C 243 -7.96 -13.43 -30.15
CA GLU C 243 -8.09 -14.84 -29.84
C GLU C 243 -7.47 -15.65 -30.98
N GLU C 244 -6.79 -16.72 -30.64
CA GLU C 244 -6.25 -17.64 -31.63
C GLU C 244 -6.59 -19.05 -31.20
N GLU C 245 -7.00 -19.88 -32.16
CA GLU C 245 -7.51 -21.21 -31.87
C GLU C 245 -8.66 -21.14 -30.87
N ARG C 246 -9.53 -20.16 -31.09
CA ARG C 246 -10.75 -19.97 -30.26
C ARG C 246 -10.43 -19.83 -28.77
N VAL C 247 -9.24 -19.31 -28.42
CA VAL C 247 -8.90 -19.05 -27.03
C VAL C 247 -8.47 -17.60 -26.92
N ARG C 248 -8.87 -16.96 -25.82
CA ARG C 248 -8.63 -15.54 -25.63
C ARG C 248 -7.16 -15.33 -25.39
N VAL C 249 -6.42 -15.05 -26.46
CA VAL C 249 -4.99 -14.84 -26.31
C VAL C 249 -4.73 -13.61 -25.46
N ALA C 250 -5.37 -12.50 -25.79
CA ALA C 250 -5.17 -11.26 -25.06
C ALA C 250 -6.26 -10.27 -25.45
N GLU C 251 -6.30 -9.16 -24.73
CA GLU C 251 -7.15 -8.04 -25.11
C GLU C 251 -6.37 -6.76 -24.85
N ALA C 252 -6.76 -5.69 -25.54
CA ALA C 252 -6.15 -4.38 -25.36
C ALA C 252 -7.25 -3.39 -24.97
N ARG C 253 -6.95 -2.53 -24.01
CA ARG C 253 -7.89 -1.50 -23.62
C ARG C 253 -8.01 -0.48 -24.73
N LEU C 254 -9.24 -0.26 -25.22
CA LEU C 254 -9.39 0.52 -26.42
C LEU C 254 -8.81 1.91 -26.30
N GLY C 255 -9.10 2.61 -25.20
CA GLY C 255 -8.59 3.96 -25.05
C GLY C 255 -7.08 4.01 -25.13
N GLU C 256 -6.39 3.08 -24.50
CA GLU C 256 -4.94 3.05 -24.52
C GLU C 256 -4.40 2.71 -25.88
N THR C 257 -5.25 2.26 -26.80
CA THR C 257 -4.79 1.89 -28.12
C THR C 257 -4.62 3.17 -28.92
N SER C 258 -3.62 3.20 -29.79
CA SER C 258 -3.41 4.35 -30.66
C SER C 258 -3.31 3.98 -32.13
N GLN C 259 -2.80 2.80 -32.47
CA GLN C 259 -2.65 2.38 -33.84
C GLN C 259 -2.96 0.90 -33.93
N VAL C 260 -3.21 0.42 -35.14
CA VAL C 260 -3.40 -1.00 -35.37
C VAL C 260 -2.72 -1.40 -36.65
N ALA C 261 -1.85 -2.41 -36.58
CA ALA C 261 -1.22 -2.97 -37.77
C ALA C 261 -1.57 -4.43 -37.84
N LEU C 262 -2.01 -4.87 -39.00
CA LEU C 262 -2.52 -6.22 -39.20
C LEU C 262 -1.60 -6.95 -40.18
N PHE C 263 -0.68 -7.73 -39.63
CA PHE C 263 0.29 -8.47 -40.41
C PHE C 263 -0.38 -9.67 -41.06
N GLY C 264 -0.07 -9.91 -42.33
CA GLY C 264 -0.42 -11.18 -42.94
C GLY C 264 -1.91 -11.48 -42.87
N ASN C 265 -2.23 -12.76 -42.68
CA ASN C 265 -3.60 -13.26 -42.80
C ASN C 265 -4.32 -13.31 -41.46
N ALA C 266 -4.29 -12.22 -40.72
CA ALA C 266 -5.09 -12.11 -39.51
C ALA C 266 -6.51 -11.74 -39.90
N THR C 267 -7.46 -11.93 -38.99
CA THR C 267 -8.86 -11.64 -39.27
C THR C 267 -9.39 -10.57 -38.33
N LEU C 268 -10.21 -9.68 -38.89
CA LEU C 268 -10.79 -8.57 -38.16
C LEU C 268 -12.31 -8.69 -38.19
N THR C 269 -12.96 -8.59 -37.03
CA THR C 269 -14.40 -8.49 -37.06
C THR C 269 -14.81 -7.11 -37.55
N THR C 270 -15.76 -7.11 -38.49
CA THR C 270 -16.22 -5.86 -39.05
C THR C 270 -16.60 -4.88 -37.96
N ALA C 271 -17.25 -5.38 -36.91
CA ALA C 271 -17.62 -4.51 -35.80
C ALA C 271 -16.40 -3.84 -35.21
N ALA C 272 -15.31 -4.57 -35.05
CA ALA C 272 -14.10 -3.98 -34.51
C ALA C 272 -13.61 -2.86 -35.41
N LEU C 273 -13.65 -3.09 -36.72
CA LEU C 273 -13.27 -2.04 -37.64
C LEU C 273 -14.14 -0.82 -37.44
N HIS C 274 -15.44 -1.03 -37.30
CA HIS C 274 -16.34 0.08 -37.10
C HIS C 274 -15.96 0.84 -35.85
N GLU C 275 -15.74 0.12 -34.76
CA GLU C 275 -15.36 0.75 -33.50
C GLU C 275 -14.12 1.60 -33.67
N CYS C 276 -13.12 1.07 -34.38
CA CYS C 276 -11.91 1.83 -34.57
C CYS C 276 -12.18 3.09 -35.38
N LEU C 277 -13.05 2.98 -36.37
CA LEU C 277 -13.44 4.17 -37.14
C LEU C 277 -14.05 5.21 -36.23
N ARG C 278 -14.92 4.78 -35.33
CA ARG C 278 -15.68 5.75 -34.54
C ARG C 278 -14.79 6.47 -33.55
N ARG C 279 -13.71 5.85 -33.12
CA ARG C 279 -12.61 6.50 -32.44
C ARG C 279 -11.47 6.81 -33.37
N GLU C 280 -11.77 6.98 -34.66
CA GLU C 280 -10.81 7.18 -35.76
C GLU C 280 -9.38 6.82 -35.38
N ILE C 281 -9.25 5.58 -34.91
CA ILE C 281 -7.95 4.95 -34.72
C ILE C 281 -7.51 4.40 -36.07
N PRO C 282 -6.37 4.81 -36.59
CA PRO C 282 -5.92 4.30 -37.89
C PRO C 282 -5.68 2.80 -37.81
N VAL C 283 -5.96 2.12 -38.91
CA VAL C 283 -5.71 0.70 -39.05
C VAL C 283 -5.05 0.43 -40.39
N THR C 284 -4.09 -0.49 -40.39
CA THR C 284 -3.25 -0.75 -41.56
C THR C 284 -3.17 -2.24 -41.81
N TRP C 285 -2.94 -2.60 -43.07
CA TRP C 285 -2.76 -3.99 -43.46
C TRP C 285 -1.37 -4.21 -44.04
N LEU C 286 -0.71 -5.25 -43.56
CA LEU C 286 0.65 -5.59 -43.92
C LEU C 286 0.71 -7.02 -44.41
N SER C 287 1.51 -7.25 -45.44
CA SER C 287 1.74 -8.61 -45.88
C SER C 287 2.38 -9.42 -44.75
N TYR C 288 2.45 -10.72 -44.97
CA TYR C 288 3.06 -11.57 -43.97
C TYR C 288 4.52 -11.21 -43.78
N GLY C 289 5.19 -10.80 -44.85
CA GLY C 289 6.51 -10.25 -44.71
C GLY C 289 6.56 -8.82 -44.25
N GLY C 290 5.41 -8.15 -44.22
CA GLY C 290 5.36 -6.76 -43.80
C GLY C 290 5.18 -5.77 -44.93
N TRP C 291 4.96 -6.21 -46.16
CA TRP C 291 4.64 -5.30 -47.23
C TRP C 291 3.41 -4.49 -46.86
N PHE C 292 3.49 -3.18 -47.04
CA PHE C 292 2.46 -2.26 -46.57
C PHE C 292 1.40 -2.10 -47.65
N MET C 293 0.32 -2.87 -47.54
CA MET C 293 -0.59 -3.00 -48.68
C MET C 293 -1.77 -2.04 -48.59
N GLY C 294 -2.34 -1.88 -47.41
CA GLY C 294 -3.49 -1.00 -47.32
C GLY C 294 -3.77 -0.48 -45.93
N HIS C 295 -4.54 0.61 -45.90
CA HIS C 295 -5.01 1.18 -44.64
C HIS C 295 -6.34 1.85 -44.92
N THR C 296 -6.81 2.60 -43.93
CA THR C 296 -8.07 3.30 -44.00
C THR C 296 -7.85 4.80 -43.99
N VAL C 297 -8.86 5.54 -44.45
CA VAL C 297 -8.90 6.99 -44.36
C VAL C 297 -10.27 7.39 -43.87
N SER C 298 -10.41 8.67 -43.53
CA SER C 298 -11.70 9.16 -43.01
C SER C 298 -11.95 10.56 -43.55
N THR C 299 -12.61 10.64 -44.70
CA THR C 299 -13.13 11.90 -45.24
C THR C 299 -12.04 12.96 -45.34
N GLY C 300 -10.81 12.52 -45.55
CA GLY C 300 -9.70 13.46 -45.59
C GLY C 300 -9.42 14.07 -44.23
N HIS C 301 -8.43 14.95 -44.18
CA HIS C 301 -8.01 15.58 -42.94
C HIS C 301 -8.51 17.01 -42.95
N ARG C 302 -8.77 17.56 -41.76
CA ARG C 302 -9.43 18.85 -41.67
C ARG C 302 -8.70 19.95 -42.42
N ASN C 303 -7.38 20.02 -42.30
CA ASN C 303 -6.62 21.10 -42.91
C ASN C 303 -6.63 20.97 -44.42
N VAL C 304 -6.49 22.10 -45.11
CA VAL C 304 -6.26 22.11 -46.53
C VAL C 304 -5.00 22.89 -46.91
N GLU C 305 -4.79 24.07 -46.31
CA GLU C 305 -3.64 24.88 -46.68
C GLU C 305 -2.35 24.11 -46.49
N THR C 306 -2.32 23.23 -45.50
CA THR C 306 -1.16 22.38 -45.32
C THR C 306 -0.88 21.60 -46.60
N ARG C 307 -1.90 20.91 -47.11
CA ARG C 307 -1.73 20.15 -48.34
C ARG C 307 -1.45 21.08 -49.50
N THR C 308 -2.06 22.27 -49.50
CA THR C 308 -1.87 23.19 -50.59
C THR C 308 -0.40 23.58 -50.72
N TYR C 309 0.19 24.06 -49.63
CA TYR C 309 1.60 24.42 -49.67
C TYR C 309 2.46 23.18 -49.87
N GLN C 310 1.99 22.03 -49.36
CA GLN C 310 2.69 20.79 -49.62
C GLN C 310 2.85 20.59 -51.11
N TYR C 311 1.78 20.82 -51.85
CA TYR C 311 1.87 20.65 -53.28
C TYR C 311 2.71 21.76 -53.91
N GLN C 312 2.69 22.96 -53.33
CA GLN C 312 3.47 24.04 -53.92
C GLN C 312 4.96 23.75 -53.85
N ARG C 313 5.48 23.51 -52.64
CA ARG C 313 6.63 22.62 -52.51
C ARG C 313 6.70 21.50 -53.53
N SER C 314 5.66 20.73 -53.73
CA SER C 314 5.82 19.57 -54.59
C SER C 314 6.12 19.98 -56.01
N PHE C 315 5.82 21.22 -56.36
CA PHE C 315 6.03 21.66 -57.72
C PHE C 315 7.09 22.73 -57.85
N ASP C 316 7.91 22.95 -56.82
CA ASP C 316 9.08 23.77 -57.00
C ASP C 316 10.31 22.88 -57.03
N PRO C 317 10.92 22.69 -58.19
CA PRO C 317 12.04 21.75 -58.26
C PRO C 317 13.16 22.09 -57.31
N GLU C 318 13.40 23.38 -57.10
CA GLU C 318 14.50 23.82 -56.25
C GLU C 318 14.26 23.47 -54.80
N THR C 319 13.04 23.69 -54.31
CA THR C 319 12.70 23.26 -52.95
C THR C 319 12.94 21.77 -52.80
N CYS C 320 12.45 20.98 -53.76
CA CYS C 320 12.64 19.55 -53.69
C CYS C 320 14.12 19.19 -53.66
N LEU C 321 14.89 19.84 -54.51
CA LEU C 321 16.32 19.57 -54.58
C LEU C 321 16.98 19.86 -53.24
N ASN C 322 16.69 21.01 -52.66
CA ASN C 322 17.32 21.38 -51.41
C ASN C 322 16.93 20.43 -50.31
N LEU C 323 15.66 20.04 -50.28
CA LEU C 323 15.19 19.18 -49.20
C LEU C 323 15.82 17.81 -49.32
N ALA C 324 15.92 17.29 -50.54
CA ALA C 324 16.58 16.00 -50.74
C ALA C 324 18.04 16.09 -50.34
N ARG C 325 18.70 17.18 -50.73
CA ARG C 325 20.06 17.42 -50.30
C ARG C 325 20.16 17.24 -48.80
N ARG C 326 19.39 18.02 -48.06
CA ARG C 326 19.51 17.99 -46.62
C ARG C 326 19.15 16.62 -46.06
N TRP C 327 18.15 15.97 -46.65
CA TRP C 327 17.74 14.66 -46.16
C TRP C 327 18.89 13.67 -46.25
N ILE C 328 19.47 13.54 -47.43
CA ILE C 328 20.53 12.56 -47.59
C ILE C 328 21.77 12.95 -46.82
N VAL C 329 22.05 14.24 -46.70
CA VAL C 329 23.19 14.66 -45.89
C VAL C 329 22.99 14.21 -44.46
N ALA C 330 21.80 14.45 -43.92
CA ALA C 330 21.51 13.99 -42.58
C ALA C 330 21.66 12.48 -42.48
N LYS C 331 21.19 11.76 -43.50
CA LYS C 331 21.28 10.31 -43.47
C LYS C 331 22.72 9.87 -43.31
N ILE C 332 23.59 10.39 -44.17
CA ILE C 332 24.96 9.91 -44.13
C ILE C 332 25.69 10.49 -42.94
N ALA C 333 25.18 11.57 -42.36
CA ALA C 333 25.77 12.08 -41.13
C ALA C 333 25.42 11.17 -39.96
N ASN C 334 24.21 10.65 -39.97
CA ASN C 334 23.87 9.66 -38.96
C ASN C 334 24.70 8.41 -39.19
N CYS C 335 25.11 8.15 -40.43
CA CYS C 335 26.05 7.06 -40.68
C CYS C 335 27.42 7.35 -40.09
N ARG C 336 27.94 8.57 -40.30
CA ARG C 336 29.05 9.05 -39.47
C ARG C 336 28.91 8.55 -38.04
N THR C 337 27.82 8.98 -37.41
CA THR C 337 27.73 8.86 -35.96
C THR C 337 27.66 7.41 -35.56
N LEU C 338 26.75 6.66 -36.19
CA LEU C 338 26.59 5.26 -35.83
C LEU C 338 27.86 4.50 -36.09
N LEU C 339 28.46 4.70 -37.26
CA LEU C 339 29.63 3.92 -37.62
C LEU C 339 30.73 4.11 -36.60
N ARG C 340 31.11 5.35 -36.32
CA ARG C 340 32.27 5.48 -35.45
C ARG C 340 31.92 5.15 -34.02
N ARG C 341 30.76 5.59 -33.54
CA ARG C 341 30.47 5.33 -32.15
C ARG C 341 30.28 3.84 -31.87
N ASN C 342 29.68 3.10 -32.80
CA ASN C 342 29.28 1.73 -32.56
C ASN C 342 30.22 0.71 -33.15
N TRP C 343 31.32 1.15 -33.76
CA TRP C 343 32.29 0.21 -34.30
C TRP C 343 32.85 -0.65 -33.19
N ARG C 344 32.90 -1.96 -33.41
CA ARG C 344 33.47 -2.89 -32.45
C ARG C 344 34.63 -3.60 -33.13
N GLY C 345 35.84 -3.12 -32.86
CA GLY C 345 37.04 -3.88 -33.11
C GLY C 345 37.64 -4.38 -31.81
N GLU C 346 38.46 -5.44 -31.93
CA GLU C 346 39.14 -5.96 -30.75
C GLU C 346 40.50 -5.29 -30.52
N GLY C 347 41.22 -4.95 -31.58
CA GLY C 347 42.37 -4.07 -31.39
C GLY C 347 43.00 -3.64 -32.69
N ASP C 348 43.11 -2.32 -32.88
CA ASP C 348 43.47 -1.64 -34.13
C ASP C 348 42.32 -1.57 -35.15
N GLU C 349 41.16 -2.22 -34.88
CA GLU C 349 39.93 -1.84 -35.58
C GLU C 349 39.04 -0.98 -34.71
N ALA C 350 39.21 -1.02 -33.38
CA ALA C 350 38.35 -0.28 -32.47
C ALA C 350 38.11 1.16 -32.92
N LYS C 351 39.06 1.76 -33.64
CA LYS C 351 38.81 3.06 -34.25
C LYS C 351 38.40 2.83 -35.70
N ALA C 352 37.34 3.54 -36.09
CA ALA C 352 36.88 3.43 -37.46
C ALA C 352 37.99 3.88 -38.40
N PRO C 353 38.25 3.14 -39.47
CA PRO C 353 39.29 3.52 -40.41
C PRO C 353 39.03 4.90 -40.98
N PRO C 354 39.92 5.84 -40.72
CA PRO C 354 39.67 7.24 -41.11
C PRO C 354 39.56 7.44 -42.61
N GLY C 355 40.09 6.53 -43.43
CA GLY C 355 39.82 6.63 -44.86
C GLY C 355 38.34 6.63 -45.14
N LEU C 356 37.59 5.77 -44.45
CA LEU C 356 36.14 5.79 -44.51
C LEU C 356 35.61 7.17 -44.16
N LEU C 357 36.31 7.87 -43.27
CA LEU C 357 35.73 9.06 -42.66
C LEU C 357 35.70 10.21 -43.64
N MET C 358 36.85 10.55 -44.23
CA MET C 358 36.84 11.50 -45.33
C MET C 358 36.10 10.94 -46.53
N SER C 359 36.05 9.61 -46.68
CA SER C 359 35.24 9.07 -47.76
C SER C 359 33.81 9.58 -47.67
N LEU C 360 33.17 9.34 -46.52
CA LEU C 360 31.79 9.74 -46.35
C LEU C 360 31.66 11.25 -46.22
N GLN C 361 32.71 11.91 -45.74
CA GLN C 361 32.65 13.36 -45.55
C GLN C 361 32.66 14.07 -46.88
N ASP C 362 33.57 13.66 -47.76
CA ASP C 362 33.49 14.08 -49.14
C ASP C 362 32.16 13.71 -49.75
N ASP C 363 31.55 12.60 -49.31
CA ASP C 363 30.21 12.26 -49.80
C ASP C 363 29.19 13.33 -49.45
N MET C 364 29.17 13.78 -48.20
CA MET C 364 28.24 14.86 -47.80
C MET C 364 28.54 16.14 -48.57
N ARG C 365 29.81 16.41 -48.78
CA ARG C 365 30.18 17.59 -49.55
C ARG C 365 29.60 17.51 -50.96
N HIS C 366 29.82 16.38 -51.63
CA HIS C 366 29.23 16.18 -52.95
C HIS C 366 27.72 16.23 -52.88
N ALA C 367 27.15 15.83 -51.74
CA ALA C 367 25.70 15.80 -51.61
C ALA C 367 25.13 17.20 -51.66
N MET C 368 25.65 18.11 -50.83
CA MET C 368 25.22 19.48 -51.03
C MET C 368 25.68 20.02 -52.39
N ARG C 369 26.74 19.49 -52.97
CA ARG C 369 27.09 19.90 -54.32
C ARG C 369 26.39 19.06 -55.37
N ALA C 370 25.27 18.46 -55.04
CA ALA C 370 24.48 17.80 -56.07
C ALA C 370 23.72 18.85 -56.87
N PRO C 371 23.88 18.87 -58.20
CA PRO C 371 23.15 19.85 -59.02
C PRO C 371 21.71 19.46 -59.26
N SER C 372 21.46 18.19 -59.51
CA SER C 372 20.11 17.69 -59.64
C SER C 372 20.03 16.41 -58.84
N LEU C 373 18.82 15.85 -58.75
CA LEU C 373 18.64 14.78 -57.79
C LEU C 373 18.96 13.41 -58.37
N GLU C 374 19.15 13.30 -59.67
CA GLU C 374 19.67 12.05 -60.22
C GLU C 374 21.11 11.83 -59.78
N VAL C 375 21.91 12.88 -59.86
CA VAL C 375 23.23 12.85 -59.26
C VAL C 375 23.09 12.53 -57.78
N LEU C 376 22.03 13.02 -57.16
CA LEU C 376 21.80 12.71 -55.76
C LEU C 376 21.53 11.23 -55.57
N LEU C 377 20.76 10.61 -56.47
CA LEU C 377 20.63 9.16 -56.43
C LEU C 377 21.98 8.48 -56.51
N GLY C 378 22.83 8.95 -57.42
CA GLY C 378 24.13 8.32 -57.56
C GLY C 378 24.95 8.40 -56.28
N ILE C 379 25.00 9.60 -55.71
CA ILE C 379 25.75 9.77 -54.47
C ILE C 379 25.15 8.92 -53.36
N GLU C 380 23.82 8.95 -53.26
CA GLU C 380 23.12 8.13 -52.27
C GLU C 380 23.51 6.67 -52.41
N GLY C 381 23.47 6.16 -53.63
CA GLY C 381 23.78 4.76 -53.85
C GLY C 381 25.22 4.44 -53.48
N ALA C 382 26.15 5.30 -53.87
CA ALA C 382 27.55 5.03 -53.58
C ALA C 382 27.79 5.01 -52.08
N SER C 383 27.31 6.04 -51.38
CA SER C 383 27.53 6.10 -49.95
C SER C 383 26.88 4.92 -49.25
N ALA C 384 25.64 4.59 -49.62
CA ALA C 384 24.97 3.47 -49.00
C ALA C 384 25.70 2.17 -49.30
N GLY C 385 26.25 2.05 -50.50
CA GLY C 385 26.99 0.84 -50.83
C GLY C 385 28.19 0.66 -49.93
N ARG C 386 28.97 1.71 -49.77
CA ARG C 386 30.12 1.62 -48.86
C ARG C 386 29.66 1.31 -47.45
N TYR C 387 28.56 1.94 -47.03
CA TYR C 387 28.10 1.81 -45.67
C TYR C 387 27.66 0.38 -45.37
N PHE C 388 26.82 -0.20 -46.23
CA PHE C 388 26.44 -1.59 -46.00
C PHE C 388 27.63 -2.50 -46.14
N GLN C 389 28.45 -2.28 -47.16
CA GLN C 389 29.64 -3.07 -47.34
C GLN C 389 30.45 -3.18 -46.06
N HIS C 390 30.59 -2.06 -45.35
CA HIS C 390 31.30 -2.07 -44.09
C HIS C 390 30.42 -2.43 -42.92
N PHE C 391 29.13 -2.61 -43.14
CA PHE C 391 28.20 -2.76 -42.03
C PHE C 391 28.59 -3.89 -41.09
N SER C 392 29.16 -4.96 -41.63
CA SER C 392 29.47 -6.13 -40.82
C SER C 392 30.46 -5.84 -39.70
N ARG C 393 30.98 -4.62 -39.63
CA ARG C 393 32.18 -4.40 -38.83
C ARG C 393 31.87 -4.26 -37.35
N MET C 394 30.61 -4.36 -36.95
CA MET C 394 30.31 -4.19 -35.54
C MET C 394 29.42 -5.26 -34.94
N LEU C 395 28.50 -5.85 -35.69
CA LEU C 395 27.52 -6.77 -35.12
C LEU C 395 28.28 -7.89 -34.44
N ARG C 396 27.96 -8.16 -33.17
CA ARG C 396 28.62 -9.20 -32.40
C ARG C 396 30.13 -9.08 -32.46
N GLY C 397 30.60 -7.88 -32.80
CA GLY C 397 32.01 -7.70 -33.11
C GLY C 397 32.47 -8.53 -34.29
N GLY C 398 31.60 -8.74 -35.27
CA GLY C 398 31.91 -9.59 -36.41
C GLY C 398 30.77 -10.55 -36.66
N ASP C 399 30.71 -11.07 -37.88
CA ASP C 399 29.57 -11.90 -38.27
C ASP C 399 29.50 -13.15 -37.41
N GLY C 400 28.29 -13.63 -37.18
CA GLY C 400 28.04 -14.79 -36.37
C GLY C 400 27.87 -16.05 -37.19
N GLU C 401 27.14 -17.00 -36.62
CA GLU C 401 26.85 -18.26 -37.28
C GLU C 401 25.64 -18.07 -38.18
N GLY C 402 25.86 -18.07 -39.49
CA GLY C 402 24.78 -17.84 -40.42
C GLY C 402 24.44 -16.38 -40.55
N MET C 403 24.69 -15.60 -39.50
CA MET C 403 24.66 -14.15 -39.68
C MET C 403 25.91 -13.66 -40.38
N GLY C 404 25.98 -13.96 -41.67
CA GLY C 404 26.80 -13.21 -42.62
C GLY C 404 25.89 -12.29 -43.42
N PHE C 405 26.47 -11.23 -43.95
CA PHE C 405 25.73 -10.21 -44.68
C PHE C 405 26.23 -10.08 -46.10
N ASP C 406 25.31 -9.95 -47.04
CA ASP C 406 25.66 -9.67 -48.43
C ASP C 406 25.06 -8.33 -48.80
N PHE C 407 25.91 -7.32 -48.94
CA PHE C 407 25.40 -5.98 -49.18
C PHE C 407 24.79 -5.83 -50.56
N THR C 408 25.16 -6.70 -51.49
CA THR C 408 24.54 -6.62 -52.81
C THR C 408 23.06 -6.99 -52.79
N THR C 409 22.61 -7.68 -51.75
CA THR C 409 21.26 -8.23 -51.73
C THR C 409 20.22 -7.25 -51.23
N ARG C 410 20.58 -5.99 -51.05
CA ARG C 410 19.62 -4.91 -51.20
C ARG C 410 19.14 -4.80 -52.64
N ASN C 411 18.02 -4.12 -52.82
CA ASN C 411 17.30 -4.09 -54.08
C ASN C 411 16.92 -5.50 -54.52
N ARG C 412 16.45 -6.32 -53.59
CA ARG C 412 16.30 -7.74 -53.83
C ARG C 412 15.16 -8.22 -52.93
N ARG C 413 13.99 -8.44 -53.54
CA ARG C 413 12.74 -8.44 -52.78
C ARG C 413 12.67 -9.56 -51.76
N PRO C 414 12.63 -10.83 -52.12
CA PRO C 414 12.68 -11.87 -51.11
C PRO C 414 14.10 -12.06 -50.62
N PRO C 415 14.38 -11.72 -49.36
CA PRO C 415 15.76 -11.65 -48.90
C PRO C 415 16.39 -13.04 -48.86
N LYS C 416 17.64 -13.12 -49.31
CA LYS C 416 18.38 -14.37 -49.31
C LYS C 416 19.27 -14.49 -48.07
N ASP C 417 19.28 -13.47 -47.23
CA ASP C 417 20.15 -13.44 -46.07
C ASP C 417 19.31 -13.25 -44.83
N PRO C 418 19.81 -13.69 -43.68
CA PRO C 418 19.14 -13.42 -42.42
C PRO C 418 19.06 -11.94 -42.18
N VAL C 419 20.23 -11.31 -42.20
CA VAL C 419 20.34 -9.90 -41.89
C VAL C 419 19.58 -9.05 -42.90
N ASN C 420 19.58 -9.43 -44.19
CA ASN C 420 18.76 -8.71 -45.15
C ASN C 420 17.29 -8.82 -44.82
N ALA C 421 16.83 -10.01 -44.44
CA ALA C 421 15.44 -10.12 -44.02
C ALA C 421 15.15 -9.19 -42.86
N LEU C 422 16.05 -9.19 -41.87
CA LEU C 422 15.84 -8.33 -40.71
C LEU C 422 15.78 -6.87 -41.12
N LEU C 423 16.71 -6.46 -41.98
CA LEU C 423 16.81 -5.06 -42.35
C LEU C 423 15.62 -4.61 -43.16
N SER C 424 15.22 -5.40 -44.14
CA SER C 424 14.06 -5.05 -44.93
C SER C 424 12.83 -5.00 -44.06
N PHE C 425 12.69 -5.96 -43.14
CA PHE C 425 11.56 -5.96 -42.23
C PHE C 425 11.53 -4.68 -41.43
N ALA C 426 12.67 -4.32 -40.83
CA ALA C 426 12.72 -3.11 -40.03
C ALA C 426 12.39 -1.89 -40.86
N TYR C 427 12.95 -1.81 -42.06
CA TYR C 427 12.68 -0.68 -42.93
C TYR C 427 11.19 -0.54 -43.17
N ALA C 428 10.59 -1.57 -43.76
CA ALA C 428 9.19 -1.47 -44.14
C ALA C 428 8.32 -1.21 -42.93
N MET C 429 8.62 -1.82 -41.80
CA MET C 429 7.76 -1.71 -40.65
C MET C 429 7.93 -0.38 -39.93
N LEU C 430 9.09 0.27 -40.05
CA LEU C 430 9.20 1.68 -39.72
C LEU C 430 8.37 2.56 -40.66
N THR C 431 8.37 2.20 -41.94
CA THR C 431 7.68 3.01 -42.93
C THR C 431 6.24 3.22 -42.53
N ARG C 432 5.59 2.19 -42.00
CA ARG C 432 4.22 2.31 -41.54
C ARG C 432 4.10 3.40 -40.49
N GLU C 433 5.02 3.41 -39.54
CA GLU C 433 5.01 4.43 -38.51
C GLU C 433 5.02 5.81 -39.14
N TRP C 434 5.95 6.04 -40.06
CA TRP C 434 6.01 7.34 -40.70
C TRP C 434 4.72 7.67 -41.42
N THR C 435 4.15 6.70 -42.13
CA THR C 435 2.92 6.97 -42.86
C THR C 435 1.83 7.45 -41.93
N VAL C 436 1.65 6.75 -40.81
CA VAL C 436 0.61 7.16 -39.88
C VAL C 436 0.88 8.58 -39.40
N ALA C 437 2.13 8.84 -39.02
CA ALA C 437 2.44 10.16 -38.49
C ALA C 437 2.06 11.25 -39.47
N LEU C 438 2.53 11.14 -40.72
CA LEU C 438 2.23 12.21 -41.68
C LEU C 438 0.76 12.27 -42.01
N ALA C 439 0.05 11.15 -42.00
CA ALA C 439 -1.38 11.26 -42.17
C ALA C 439 -2.02 12.07 -41.05
N ALA C 440 -1.57 11.86 -39.82
CA ALA C 440 -2.16 12.52 -38.67
C ALA C 440 -2.05 14.03 -38.72
N VAL C 441 -1.05 14.56 -39.42
CA VAL C 441 -0.82 16.00 -39.46
C VAL C 441 -1.39 16.61 -40.71
N GLY C 442 -2.20 15.87 -41.46
CA GLY C 442 -2.83 16.42 -42.63
C GLY C 442 -2.02 16.35 -43.89
N LEU C 443 -0.77 15.92 -43.81
CA LEU C 443 0.02 15.78 -45.01
C LEU C 443 -0.46 14.58 -45.81
N ASP C 444 -0.37 14.69 -47.12
CA ASP C 444 -0.66 13.55 -47.98
C ASP C 444 0.59 12.70 -48.09
N PRO C 445 0.68 11.60 -47.36
CA PRO C 445 1.95 10.86 -47.28
C PRO C 445 2.42 10.35 -48.61
N TYR C 446 1.61 10.43 -49.64
CA TYR C 446 1.99 9.90 -50.93
C TYR C 446 2.65 10.94 -51.81
N ARG C 447 2.25 12.19 -51.72
CA ARG C 447 2.82 13.23 -52.55
C ARG C 447 4.19 13.55 -51.98
N GLY C 448 5.23 13.06 -52.63
CA GLY C 448 6.59 13.26 -52.18
C GLY C 448 7.29 14.31 -53.03
N PHE C 449 8.52 14.61 -52.66
CA PHE C 449 9.36 15.47 -53.49
C PHE C 449 10.50 14.71 -54.13
N TYR C 450 11.21 13.90 -53.35
CA TYR C 450 12.35 13.14 -53.86
C TYR C 450 11.96 11.75 -54.32
N HIS C 451 11.45 10.91 -53.43
CA HIS C 451 11.06 9.59 -53.86
C HIS C 451 9.83 9.66 -54.74
N GLN C 452 9.58 8.56 -55.40
CA GLN C 452 8.51 8.61 -56.36
C GLN C 452 7.44 7.59 -56.01
N PRO C 453 6.17 7.92 -56.26
CA PRO C 453 5.07 7.17 -55.65
C PRO C 453 4.76 5.87 -56.38
N ARG C 454 5.39 4.78 -55.93
CA ARG C 454 4.98 3.48 -56.40
C ARG C 454 4.34 2.70 -55.26
N PHE C 455 3.75 1.57 -55.64
CA PHE C 455 2.89 0.82 -54.75
C PHE C 455 3.62 0.41 -53.48
N GLY C 456 2.85 0.25 -52.40
CA GLY C 456 3.36 -0.22 -51.14
C GLY C 456 4.38 0.68 -50.49
N ARG C 457 4.81 1.74 -51.15
CA ARG C 457 5.87 2.60 -50.62
C ARG C 457 5.45 4.04 -50.82
N PRO C 458 4.81 4.64 -49.83
CA PRO C 458 4.37 6.03 -49.95
C PRO C 458 5.55 6.95 -50.15
N ALA C 459 5.47 7.75 -51.21
CA ALA C 459 6.64 8.52 -51.62
C ALA C 459 7.09 9.52 -50.58
N LEU C 460 6.18 10.35 -50.08
CA LEU C 460 6.61 11.37 -49.13
C LEU C 460 7.22 10.79 -47.88
N ALA C 461 6.59 9.80 -47.26
CA ALA C 461 7.17 9.18 -46.09
C ALA C 461 8.44 8.43 -46.44
N LEU C 462 8.48 7.84 -47.63
CA LEU C 462 9.71 7.19 -48.06
C LEU C 462 10.86 8.18 -48.02
N ASP C 463 10.65 9.38 -48.56
CA ASP C 463 11.59 10.47 -48.36
C ASP C 463 11.84 10.69 -46.88
N MET C 464 10.77 10.83 -46.12
CA MET C 464 10.83 11.35 -44.77
C MET C 464 11.66 10.49 -43.86
N MET C 465 11.73 9.20 -44.12
CA MET C 465 12.35 8.30 -43.19
C MET C 465 13.85 8.24 -43.32
N GLU C 466 14.40 8.59 -44.49
CA GLU C 466 15.80 8.29 -44.77
C GLU C 466 16.74 8.73 -43.67
N PRO C 467 16.64 9.94 -43.10
CA PRO C 467 17.53 10.27 -41.99
C PRO C 467 17.38 9.36 -40.81
N PHE C 468 16.20 8.81 -40.58
CA PHE C 468 15.99 7.98 -39.41
C PHE C 468 16.31 6.53 -39.63
N ARG C 469 16.63 6.13 -40.87
CA ARG C 469 16.94 4.73 -41.12
C ARG C 469 18.02 4.22 -40.18
N PRO C 470 19.16 4.88 -40.03
CA PRO C 470 20.19 4.33 -39.15
C PRO C 470 19.82 4.41 -37.69
N LEU C 471 19.35 5.57 -37.23
CA LEU C 471 19.02 5.72 -35.82
C LEU C 471 17.96 4.75 -35.35
N ILE C 472 17.06 4.34 -36.22
CA ILE C 472 15.97 3.48 -35.83
C ILE C 472 16.19 2.05 -36.29
N ALA C 473 16.13 1.81 -37.59
CA ALA C 473 16.16 0.44 -38.08
C ALA C 473 17.50 -0.22 -37.81
N ASP C 474 18.57 0.46 -38.21
CA ASP C 474 19.88 -0.12 -38.03
C ASP C 474 20.15 -0.33 -36.56
N SER C 475 19.83 0.65 -35.73
CA SER C 475 20.07 0.51 -34.31
C SER C 475 19.35 -0.69 -33.74
N THR C 476 18.10 -0.89 -34.13
CA THR C 476 17.35 -2.04 -33.62
C THR C 476 17.99 -3.35 -34.06
N VAL C 477 18.35 -3.44 -35.34
CA VAL C 477 18.95 -4.68 -35.82
C VAL C 477 20.19 -5.00 -35.00
N LEU C 478 21.03 -3.99 -34.79
CA LEU C 478 22.23 -4.17 -34.00
C LEU C 478 21.90 -4.61 -32.59
N MET C 479 20.91 -3.96 -31.97
CA MET C 479 20.58 -4.30 -30.60
C MET C 479 20.17 -5.75 -30.49
N ALA C 480 19.29 -6.19 -31.38
CA ALA C 480 18.80 -7.56 -31.29
C ALA C 480 19.93 -8.54 -31.55
N ILE C 481 20.74 -8.29 -32.58
CA ILE C 481 21.75 -9.27 -32.94
C ILE C 481 22.81 -9.36 -31.86
N ASN C 482 23.36 -8.23 -31.42
CA ASN C 482 24.40 -8.25 -30.41
C ASN C 482 23.86 -8.77 -29.09
N ASN C 483 22.66 -8.34 -28.70
CA ASN C 483 22.12 -8.76 -27.42
C ASN C 483 21.64 -10.20 -27.44
N GLY C 484 21.95 -10.96 -28.48
CA GLY C 484 21.57 -12.35 -28.54
C GLY C 484 20.08 -12.56 -28.61
N GLU C 485 19.34 -11.53 -28.98
CA GLU C 485 17.89 -11.66 -29.10
C GLU C 485 17.52 -12.61 -30.23
N ILE C 486 18.24 -12.52 -31.33
CA ILE C 486 17.96 -13.27 -32.55
C ILE C 486 19.19 -14.08 -32.92
N ARG C 487 19.00 -15.36 -33.19
CA ARG C 487 20.11 -16.26 -33.51
C ARG C 487 19.74 -17.04 -34.76
N THR C 488 20.64 -17.96 -35.14
CA THR C 488 20.47 -18.66 -36.42
C THR C 488 19.20 -19.49 -36.43
N GLY C 489 18.93 -20.22 -35.35
CA GLY C 489 17.74 -21.04 -35.29
C GLY C 489 16.47 -20.23 -35.34
N ASP C 490 16.59 -18.92 -35.11
CA ASP C 490 15.41 -18.07 -35.15
C ASP C 490 14.88 -17.88 -36.56
N PHE C 491 15.63 -18.28 -37.57
CA PHE C 491 15.16 -18.03 -38.92
C PHE C 491 14.80 -19.32 -39.63
N VAL C 492 13.94 -19.19 -40.62
CA VAL C 492 13.50 -20.33 -41.40
C VAL C 492 13.97 -20.15 -42.83
N ARG C 493 14.55 -21.20 -43.38
CA ARG C 493 15.00 -21.20 -44.75
C ARG C 493 13.85 -21.55 -45.70
N SER C 494 13.96 -21.06 -46.91
CA SER C 494 13.02 -21.38 -47.97
C SER C 494 13.63 -20.96 -49.29
N ALA C 495 13.01 -21.41 -50.38
CA ALA C 495 13.36 -20.87 -51.69
C ALA C 495 13.14 -19.37 -51.72
N GLY C 496 12.11 -18.88 -51.01
CA GLY C 496 11.93 -17.45 -50.85
C GLY C 496 13.11 -16.81 -50.14
N GLY C 497 13.67 -17.51 -49.15
CA GLY C 497 14.86 -17.02 -48.48
C GLY C 497 14.82 -17.20 -46.98
N CYS C 498 15.25 -16.18 -46.26
CA CYS C 498 15.25 -16.19 -44.79
C CYS C 498 14.00 -15.49 -44.30
N ASN C 499 13.20 -16.21 -43.51
CA ASN C 499 11.99 -15.65 -42.94
C ASN C 499 12.04 -15.83 -41.43
N LEU C 500 11.04 -15.31 -40.75
CA LEU C 500 11.09 -15.21 -39.31
C LEU C 500 10.14 -16.21 -38.68
N THR C 501 10.56 -16.82 -37.59
CA THR C 501 9.62 -17.61 -36.81
C THR C 501 8.76 -16.71 -35.93
N ASP C 502 7.71 -17.31 -35.40
CA ASP C 502 6.84 -16.56 -34.50
C ASP C 502 7.62 -15.93 -33.36
N SER C 503 8.46 -16.72 -32.71
CA SER C 503 9.26 -16.18 -31.62
C SER C 503 10.17 -15.07 -32.12
N ALA C 504 10.74 -15.25 -33.31
CA ALA C 504 11.55 -14.20 -33.90
C ALA C 504 10.76 -12.93 -34.04
N ARG C 505 9.55 -13.03 -34.61
CA ARG C 505 8.76 -11.83 -34.87
C ARG C 505 8.31 -11.17 -33.58
N LYS C 506 7.82 -11.99 -32.64
CA LYS C 506 7.53 -11.54 -31.30
C LYS C 506 8.60 -10.59 -30.81
N ARG C 507 9.81 -11.11 -30.73
CA ARG C 507 10.88 -10.44 -30.01
C ARG C 507 11.41 -9.27 -30.82
N PHE C 508 11.47 -9.41 -32.14
CA PHE C 508 11.94 -8.32 -32.98
C PHE C 508 11.03 -7.13 -32.87
N ILE C 509 9.71 -7.36 -32.92
CA ILE C 509 8.77 -6.26 -32.75
C ILE C 509 8.89 -5.66 -31.37
N ALA C 510 9.08 -6.51 -30.35
CA ALA C 510 9.20 -5.96 -29.01
C ALA C 510 10.38 -5.01 -28.92
N GLY C 511 11.52 -5.43 -29.45
CA GLY C 511 12.70 -4.57 -29.43
C GLY C 511 12.47 -3.28 -30.19
N PHE C 512 11.86 -3.38 -31.36
CA PHE C 512 11.59 -2.20 -32.15
C PHE C 512 10.70 -1.24 -31.39
N GLU C 513 9.69 -1.77 -30.72
CA GLU C 513 8.82 -0.93 -29.91
C GLU C 513 9.61 -0.22 -28.84
N ARG C 514 10.49 -0.95 -28.16
CA ARG C 514 11.28 -0.29 -27.13
C ARG C 514 12.12 0.82 -27.72
N ARG C 515 12.66 0.59 -28.91
CA ARG C 515 13.44 1.64 -29.56
C ARG C 515 12.59 2.87 -29.81
N MET C 516 11.36 2.69 -30.29
CA MET C 516 10.44 3.81 -30.32
C MET C 516 10.30 4.49 -28.97
N GLU C 517 10.15 3.73 -27.90
CA GLU C 517 9.96 4.33 -26.61
C GLU C 517 11.29 4.56 -25.90
N GLN C 518 12.35 4.75 -26.67
CA GLN C 518 13.65 5.12 -26.13
C GLN C 518 13.83 6.62 -26.25
N GLU C 519 14.17 7.25 -25.14
CA GLU C 519 14.30 8.70 -25.10
C GLU C 519 15.64 9.12 -25.67
N VAL C 520 15.67 10.27 -26.34
CA VAL C 520 16.89 10.90 -26.79
C VAL C 520 16.77 12.41 -26.54
N THR C 521 17.82 13.13 -26.90
CA THR C 521 17.91 14.56 -26.70
C THR C 521 17.95 15.25 -28.04
N HIS C 522 17.09 16.23 -28.24
CA HIS C 522 17.08 16.91 -29.51
C HIS C 522 18.30 17.80 -29.65
N PRO C 523 19.07 17.66 -30.74
CA PRO C 523 20.32 18.42 -30.85
C PRO C 523 20.13 19.92 -30.76
N ILE C 524 19.02 20.42 -31.29
CA ILE C 524 18.81 21.85 -31.35
C ILE C 524 18.00 22.34 -30.16
N PHE C 525 17.07 21.52 -29.67
CA PHE C 525 16.24 21.95 -28.58
C PHE C 525 16.65 21.35 -27.24
N LYS C 526 17.52 20.36 -27.25
CA LYS C 526 18.22 19.93 -26.05
C LYS C 526 17.24 19.60 -24.92
N TYR C 527 16.32 18.69 -25.21
CA TYR C 527 15.51 18.10 -24.17
C TYR C 527 15.12 16.68 -24.57
N THR C 528 14.86 15.88 -23.56
CA THR C 528 14.51 14.48 -23.76
C THR C 528 13.18 14.40 -24.48
N ILE C 529 13.07 13.46 -25.39
CA ILE C 529 11.86 13.26 -26.18
C ILE C 529 11.93 11.92 -26.87
N SER C 530 10.81 11.21 -26.90
CA SER C 530 10.80 9.91 -27.54
C SER C 530 10.92 10.06 -29.04
N TYR C 531 11.52 9.04 -29.66
CA TYR C 531 11.58 9.01 -31.11
C TYR C 531 10.20 9.20 -31.71
N ARG C 532 9.19 8.57 -31.10
CA ARG C 532 7.84 8.67 -31.64
C ARG C 532 7.36 10.11 -31.62
N ARG C 533 7.54 10.80 -30.50
CA ARG C 533 7.20 12.22 -30.48
C ARG C 533 8.02 12.98 -31.51
N LEU C 534 9.29 12.62 -31.65
CA LEU C 534 10.12 13.24 -32.68
C LEU C 534 9.46 13.13 -34.02
N LEU C 535 8.79 12.03 -34.28
CA LEU C 535 8.14 11.89 -35.56
C LEU C 535 7.15 13.02 -35.79
N GLU C 536 6.25 13.24 -34.84
CA GLU C 536 5.24 14.26 -35.05
C GLU C 536 5.87 15.63 -35.10
N VAL C 537 6.87 15.89 -34.25
CA VAL C 537 7.42 17.23 -34.20
C VAL C 537 8.14 17.54 -35.49
N GLN C 538 8.85 16.58 -36.04
CA GLN C 538 9.45 16.78 -37.34
C GLN C 538 8.39 17.00 -38.39
N ALA C 539 7.29 16.25 -38.31
CA ALA C 539 6.23 16.43 -39.28
C ALA C 539 5.69 17.84 -39.25
N ARG C 540 5.31 18.32 -38.06
CA ARG C 540 4.70 19.62 -37.96
C ARG C 540 5.70 20.72 -38.32
N LEU C 541 6.96 20.52 -37.97
CA LEU C 541 7.97 21.48 -38.39
C LEU C 541 8.04 21.56 -39.89
N LEU C 542 8.00 20.41 -40.55
CA LEU C 542 7.96 20.40 -41.99
C LEU C 542 6.76 21.19 -42.48
N THR C 543 5.61 20.95 -41.86
CA THR C 543 4.41 21.67 -42.25
C THR C 543 4.67 23.17 -42.22
N ARG C 544 5.20 23.63 -41.10
CA ARG C 544 5.44 25.06 -40.95
C ARG C 544 6.36 25.55 -42.03
N TYR C 545 7.44 24.81 -42.29
CA TYR C 545 8.38 25.22 -43.32
C TYR C 545 7.68 25.32 -44.67
N LEU C 546 6.71 24.43 -44.90
CA LEU C 546 5.95 24.51 -46.13
C LEU C 546 5.13 25.78 -46.15
N SER C 547 4.55 26.15 -45.00
CA SER C 547 3.80 27.38 -44.87
C SER C 547 4.71 28.60 -44.91
N GLY C 548 6.02 28.40 -44.88
CA GLY C 548 6.93 29.53 -44.86
C GLY C 548 7.07 30.20 -43.52
N GLU C 549 6.45 29.67 -42.47
CA GLU C 549 6.55 30.32 -41.17
C GLU C 549 7.99 30.31 -40.66
N ILE C 550 8.81 29.36 -41.12
CA ILE C 550 10.19 29.26 -40.67
C ILE C 550 11.11 29.28 -41.87
N PRO C 551 12.38 29.64 -41.71
CA PRO C 551 13.25 29.76 -42.89
C PRO C 551 13.63 28.43 -43.51
N ALA C 552 13.97 27.43 -42.69
CA ALA C 552 14.45 26.17 -43.24
C ALA C 552 14.09 25.03 -42.30
N TYR C 553 14.05 23.83 -42.87
CA TYR C 553 13.63 22.66 -42.12
C TYR C 553 14.79 22.11 -41.31
N PRO C 554 14.60 21.83 -40.02
CA PRO C 554 15.65 21.17 -39.22
C PRO C 554 15.73 19.69 -39.59
N ASN C 555 16.92 19.23 -39.91
CA ASN C 555 17.08 17.87 -40.40
C ASN C 555 17.39 16.87 -39.30
N PHE C 556 17.55 17.32 -38.06
CA PHE C 556 17.79 16.41 -36.93
C PHE C 556 19.02 15.54 -37.17
N VAL C 557 20.16 16.20 -37.20
CA VAL C 557 21.43 15.51 -37.34
C VAL C 557 22.06 15.33 -35.97
N THR C 558 22.44 14.11 -35.64
CA THR C 558 23.07 13.83 -34.37
C THR C 558 24.57 13.67 -34.54
N GLY D 219 -15.49 2.25 -69.85
CA GLY D 219 -14.52 2.27 -68.77
C GLY D 219 -14.22 0.94 -68.09
N ARG D 220 -13.58 1.08 -66.95
CA ARG D 220 -13.08 -0.01 -66.14
C ARG D 220 -14.11 -1.00 -65.61
N GLY D 221 -15.13 -0.54 -64.91
CA GLY D 221 -16.05 -1.40 -64.21
C GLY D 221 -17.15 -0.61 -63.54
N LEU D 222 -17.92 -1.34 -62.73
CA LEU D 222 -19.12 -0.86 -62.05
C LEU D 222 -19.15 -1.29 -60.59
N PRO D 223 -19.79 -0.50 -59.72
CA PRO D 223 -19.77 -0.81 -58.30
C PRO D 223 -20.59 -2.04 -57.96
N LEU D 224 -20.25 -2.68 -56.85
CA LEU D 224 -20.91 -3.89 -56.38
C LEU D 224 -21.48 -3.67 -54.99
N TYR D 225 -22.75 -4.00 -54.82
CA TYR D 225 -23.44 -3.79 -53.54
C TYR D 225 -23.83 -5.15 -52.99
N VAL D 226 -23.78 -5.28 -51.67
CA VAL D 226 -24.21 -6.52 -51.01
C VAL D 226 -25.00 -6.12 -49.78
N GLN D 227 -26.33 -6.19 -49.90
CA GLN D 227 -27.19 -5.76 -48.81
C GLN D 227 -26.88 -6.57 -47.56
N SER D 228 -26.67 -7.85 -47.74
CA SER D 228 -26.85 -8.84 -46.70
C SER D 228 -25.95 -8.60 -45.51
N PRO D 229 -26.50 -8.51 -44.31
CA PRO D 229 -25.70 -8.73 -43.10
C PRO D 229 -25.25 -10.17 -42.97
N LYS D 230 -25.69 -11.06 -43.86
CA LYS D 230 -25.35 -12.45 -43.71
C LYS D 230 -24.16 -12.81 -44.57
N ALA D 231 -23.80 -11.92 -45.48
CA ALA D 231 -23.01 -12.28 -46.64
C ALA D 231 -21.61 -12.72 -46.26
N TYR D 232 -21.14 -13.77 -46.91
CA TYR D 232 -19.77 -14.24 -46.75
C TYR D 232 -19.15 -14.25 -48.14
N VAL D 233 -18.09 -13.47 -48.33
CA VAL D 233 -17.52 -13.27 -49.65
C VAL D 233 -16.10 -13.79 -49.62
N ARG D 234 -15.73 -14.57 -50.63
CA ARG D 234 -14.33 -14.88 -50.84
C ARG D 234 -14.00 -14.71 -52.31
N LYS D 235 -12.81 -15.15 -52.67
CA LYS D 235 -12.31 -14.98 -54.03
C LYS D 235 -12.18 -16.34 -54.70
N ASP D 236 -12.62 -16.41 -55.96
CA ASP D 236 -12.41 -17.57 -56.83
C ASP D 236 -11.41 -17.18 -57.91
N GLY D 237 -10.13 -17.25 -57.56
CA GLY D 237 -9.08 -16.85 -58.48
C GLY D 237 -9.27 -15.41 -58.91
N ASP D 238 -9.78 -15.23 -60.13
CA ASP D 238 -10.17 -13.93 -60.64
C ASP D 238 -11.57 -13.52 -60.20
N CYS D 239 -12.24 -14.35 -59.41
CA CYS D 239 -13.63 -14.12 -59.14
C CYS D 239 -13.86 -13.87 -57.65
N LEU D 240 -14.78 -12.96 -57.37
CA LEU D 240 -15.33 -12.76 -56.04
C LEU D 240 -16.65 -13.51 -56.00
N VAL D 241 -16.87 -14.27 -54.93
CA VAL D 241 -18.06 -15.11 -54.81
C VAL D 241 -18.80 -14.73 -53.53
N ILE D 242 -20.11 -14.50 -53.68
CA ILE D 242 -21.00 -14.14 -52.58
C ILE D 242 -21.68 -15.40 -52.09
N GLU D 243 -21.74 -15.58 -50.78
CA GLU D 243 -22.39 -16.71 -50.17
C GLU D 243 -23.41 -16.24 -49.15
N GLU D 244 -24.54 -16.93 -49.09
CA GLU D 244 -25.57 -16.64 -48.11
C GLU D 244 -25.37 -17.46 -46.85
N GLU D 245 -25.46 -18.78 -46.96
CA GLU D 245 -25.29 -19.66 -45.81
C GLU D 245 -24.48 -20.88 -46.21
N ARG D 246 -23.34 -20.62 -46.85
CA ARG D 246 -22.57 -21.57 -47.65
C ARG D 246 -23.30 -21.84 -48.95
N VAL D 247 -24.48 -21.26 -49.13
CA VAL D 247 -25.24 -21.33 -50.37
C VAL D 247 -25.00 -20.06 -51.14
N ARG D 248 -24.90 -20.18 -52.44
CA ARG D 248 -24.15 -19.19 -53.19
C ARG D 248 -25.07 -18.22 -53.90
N VAL D 249 -24.63 -16.96 -53.93
CA VAL D 249 -25.51 -15.83 -54.20
C VAL D 249 -25.13 -15.11 -55.48
N ALA D 250 -23.95 -14.51 -55.51
CA ALA D 250 -23.57 -13.67 -56.64
C ALA D 250 -22.06 -13.72 -56.82
N GLU D 251 -21.58 -13.07 -57.87
CA GLU D 251 -20.16 -12.93 -58.15
C GLU D 251 -19.88 -11.55 -58.69
N ALA D 252 -18.62 -11.11 -58.55
CA ALA D 252 -18.12 -9.93 -59.24
C ALA D 252 -17.17 -10.30 -60.37
N ARG D 253 -16.24 -11.20 -60.08
CA ARG D 253 -15.37 -11.90 -61.01
C ARG D 253 -14.37 -10.91 -61.64
N LEU D 254 -14.44 -9.65 -61.20
CA LEU D 254 -13.38 -8.65 -61.20
C LEU D 254 -13.12 -7.95 -62.52
N GLY D 255 -13.76 -8.32 -63.60
CA GLY D 255 -13.49 -7.62 -64.82
C GLY D 255 -14.07 -6.23 -64.81
N GLU D 256 -15.39 -6.15 -64.64
CA GLU D 256 -16.09 -4.88 -64.64
C GLU D 256 -16.45 -4.42 -63.24
N THR D 257 -15.59 -4.65 -62.26
CA THR D 257 -15.90 -4.27 -60.90
C THR D 257 -15.44 -2.84 -60.62
N SER D 258 -16.11 -2.22 -59.66
CA SER D 258 -15.69 -0.94 -59.08
C SER D 258 -15.69 -1.16 -57.57
N GLN D 259 -15.78 -0.07 -56.80
CA GLN D 259 -15.78 -0.15 -55.35
C GLN D 259 -16.58 -1.35 -54.87
N VAL D 260 -16.02 -2.05 -53.91
CA VAL D 260 -16.74 -3.09 -53.21
C VAL D 260 -17.26 -2.46 -51.94
N ALA D 261 -18.58 -2.34 -51.84
CA ALA D 261 -19.20 -1.78 -50.67
C ALA D 261 -19.84 -2.90 -49.87
N LEU D 262 -19.63 -2.92 -48.58
CA LEU D 262 -20.18 -3.96 -47.73
C LEU D 262 -21.09 -3.33 -46.70
N PHE D 263 -22.32 -3.82 -46.62
CA PHE D 263 -23.21 -3.30 -45.61
C PHE D 263 -22.85 -3.88 -44.25
N GLY D 264 -23.69 -3.56 -43.27
CA GLY D 264 -23.40 -3.89 -41.88
C GLY D 264 -23.05 -5.34 -41.66
N ASN D 265 -21.89 -5.56 -41.04
CA ASN D 265 -21.48 -6.88 -40.58
C ASN D 265 -21.48 -7.89 -41.72
N ALA D 266 -21.25 -7.38 -42.93
CA ALA D 266 -20.95 -8.25 -44.04
C ALA D 266 -19.51 -8.76 -43.89
N THR D 267 -19.24 -9.96 -44.38
CA THR D 267 -17.94 -10.58 -44.18
C THR D 267 -17.29 -10.88 -45.52
N LEU D 268 -16.00 -10.56 -45.61
CA LEU D 268 -15.20 -10.87 -46.79
C LEU D 268 -13.83 -11.35 -46.33
N THR D 269 -13.32 -12.38 -47.00
CA THR D 269 -12.09 -13.03 -46.57
C THR D 269 -10.88 -12.14 -46.82
N THR D 270 -9.89 -12.27 -45.93
CA THR D 270 -8.70 -11.46 -46.04
C THR D 270 -8.00 -11.68 -47.37
N ALA D 271 -8.00 -12.91 -47.87
CA ALA D 271 -7.38 -13.16 -49.16
C ALA D 271 -8.06 -12.34 -50.25
N ALA D 272 -9.39 -12.32 -50.23
CA ALA D 272 -10.13 -11.50 -51.17
C ALA D 272 -9.74 -10.04 -51.02
N LEU D 273 -9.60 -9.58 -49.77
CA LEU D 273 -9.21 -8.20 -49.55
C LEU D 273 -7.84 -7.91 -50.16
N HIS D 274 -6.88 -8.81 -49.94
CA HIS D 274 -5.55 -8.58 -50.45
C HIS D 274 -5.56 -8.51 -51.96
N GLU D 275 -6.27 -9.45 -52.59
CA GLU D 275 -6.34 -9.42 -54.04
C GLU D 275 -6.98 -8.13 -54.52
N CYS D 276 -8.02 -7.68 -53.84
CA CYS D 276 -8.64 -6.40 -54.16
C CYS D 276 -7.64 -5.27 -54.08
N LEU D 277 -6.85 -5.26 -53.01
CA LEU D 277 -5.85 -4.22 -52.86
C LEU D 277 -4.87 -4.25 -54.01
N ARG D 278 -4.42 -5.44 -54.38
CA ARG D 278 -3.51 -5.58 -55.51
C ARG D 278 -4.14 -5.01 -56.77
N ARG D 279 -5.45 -5.17 -56.92
CA ARG D 279 -6.13 -4.60 -58.06
C ARG D 279 -6.64 -3.21 -57.79
N GLU D 280 -6.27 -2.61 -56.65
CA GLU D 280 -6.39 -1.17 -56.46
C GLU D 280 -7.85 -0.73 -56.53
N ILE D 281 -8.67 -1.36 -55.73
CA ILE D 281 -10.11 -1.15 -55.75
C ILE D 281 -10.54 -0.67 -54.36
N PRO D 282 -11.26 0.41 -54.26
CA PRO D 282 -11.63 1.03 -52.98
C PRO D 282 -12.78 0.37 -52.24
N VAL D 283 -12.43 -0.62 -51.42
CA VAL D 283 -13.40 -1.21 -50.51
C VAL D 283 -13.91 -0.16 -49.55
N THR D 284 -15.22 -0.16 -49.29
CA THR D 284 -15.85 0.78 -48.38
C THR D 284 -16.95 0.11 -47.57
N TRP D 285 -17.36 0.77 -46.50
CA TRP D 285 -18.10 0.13 -45.42
C TRP D 285 -19.35 0.93 -45.07
N LEU D 286 -20.49 0.26 -45.07
CA LEU D 286 -21.76 0.86 -44.71
C LEU D 286 -22.35 0.12 -43.52
N SER D 287 -23.14 0.85 -42.73
CA SER D 287 -23.93 0.20 -41.71
C SER D 287 -24.91 -0.78 -42.33
N TYR D 288 -25.56 -1.58 -41.49
CA TYR D 288 -26.67 -2.36 -41.98
C TYR D 288 -27.78 -1.44 -42.44
N GLY D 289 -27.94 -0.31 -41.76
CA GLY D 289 -28.87 0.71 -42.23
C GLY D 289 -28.41 1.33 -43.53
N GLY D 290 -27.13 1.18 -43.85
CA GLY D 290 -26.62 1.76 -45.07
C GLY D 290 -25.80 2.98 -44.77
N TRP D 291 -25.58 3.21 -43.48
CA TRP D 291 -24.78 4.34 -43.04
C TRP D 291 -23.31 4.12 -43.37
N PHE D 292 -22.76 5.02 -44.19
CA PHE D 292 -21.34 4.99 -44.48
C PHE D 292 -20.51 5.32 -43.25
N MET D 293 -19.45 4.56 -43.04
CA MET D 293 -18.47 4.92 -42.02
C MET D 293 -17.01 4.72 -42.39
N GLY D 294 -16.69 4.27 -43.58
CA GLY D 294 -15.29 4.27 -43.96
C GLY D 294 -15.05 3.58 -45.30
N HIS D 295 -13.97 4.01 -45.95
CA HIS D 295 -13.40 3.38 -47.12
C HIS D 295 -12.15 2.61 -46.72
N THR D 296 -11.61 1.83 -47.65
CA THR D 296 -10.32 1.20 -47.43
C THR D 296 -9.55 1.36 -48.73
N VAL D 297 -8.33 1.87 -48.64
CA VAL D 297 -7.58 2.24 -49.82
C VAL D 297 -6.26 1.48 -49.84
N SER D 298 -5.91 1.00 -51.03
CA SER D 298 -4.59 0.42 -51.26
C SER D 298 -3.56 1.52 -51.42
N THR D 299 -2.30 1.14 -51.32
CA THR D 299 -1.21 2.10 -51.36
C THR D 299 -0.63 2.14 -52.77
N GLY D 300 -1.41 2.66 -53.70
CA GLY D 300 -1.03 2.64 -55.09
C GLY D 300 -1.24 3.98 -55.76
N HIS D 301 -0.62 4.11 -56.90
CA HIS D 301 -0.64 5.32 -57.70
C HIS D 301 -1.96 5.56 -58.36
N ARG D 302 -3.01 4.73 -58.28
CA ARG D 302 -4.34 5.15 -58.70
C ARG D 302 -4.67 6.57 -58.24
N ASN D 303 -4.71 6.81 -56.93
CA ASN D 303 -5.44 7.97 -56.46
C ASN D 303 -4.66 9.26 -56.55
N VAL D 304 -3.39 9.23 -56.19
CA VAL D 304 -2.64 10.47 -56.16
C VAL D 304 -2.52 11.06 -57.56
N GLU D 305 -2.22 10.21 -58.54
CA GLU D 305 -2.23 10.65 -59.92
C GLU D 305 -3.46 11.48 -60.20
N THR D 306 -4.63 10.94 -59.87
CA THR D 306 -5.85 11.71 -59.97
C THR D 306 -5.76 12.96 -59.11
N ARG D 307 -5.30 12.80 -57.87
CA ARG D 307 -5.28 13.94 -56.97
C ARG D 307 -4.30 15.00 -57.43
N THR D 308 -3.12 14.60 -57.84
CA THR D 308 -2.21 15.63 -58.34
C THR D 308 -2.77 16.30 -59.58
N TYR D 309 -3.31 15.51 -60.52
CA TYR D 309 -3.96 16.12 -61.68
C TYR D 309 -4.98 17.13 -61.22
N GLN D 310 -5.77 16.76 -60.23
CA GLN D 310 -6.77 17.64 -59.66
C GLN D 310 -6.13 18.93 -59.18
N TYR D 311 -4.95 18.83 -58.60
CA TYR D 311 -4.40 20.02 -57.98
C TYR D 311 -3.83 21.01 -58.99
N GLN D 312 -3.01 20.56 -59.94
CA GLN D 312 -2.61 21.60 -60.90
C GLN D 312 -3.77 22.04 -61.76
N ARG D 313 -4.58 21.11 -62.27
CA ARG D 313 -5.73 21.56 -63.04
C ARG D 313 -6.70 22.39 -62.22
N SER D 314 -6.58 22.35 -60.89
CA SER D 314 -7.36 23.23 -60.04
C SER D 314 -6.91 24.67 -60.16
N PHE D 315 -5.61 24.90 -60.23
CA PHE D 315 -5.09 26.25 -60.39
C PHE D 315 -5.44 26.87 -61.72
N ASP D 316 -5.74 26.07 -62.70
CA ASP D 316 -5.96 26.62 -64.02
C ASP D 316 -7.36 27.24 -64.13
N PRO D 317 -7.44 28.50 -64.48
CA PRO D 317 -8.72 29.22 -64.40
C PRO D 317 -9.80 28.79 -65.37
N GLU D 318 -9.51 28.76 -66.68
CA GLU D 318 -10.63 28.56 -67.59
C GLU D 318 -11.14 27.12 -67.61
N THR D 319 -10.33 26.16 -67.15
CA THR D 319 -10.91 24.87 -66.80
C THR D 319 -12.01 25.05 -65.76
N CYS D 320 -11.73 25.85 -64.74
CA CYS D 320 -12.74 26.11 -63.73
C CYS D 320 -13.96 26.77 -64.36
N LEU D 321 -13.73 27.71 -65.27
CA LEU D 321 -14.83 28.40 -65.93
C LEU D 321 -15.72 27.43 -66.70
N ASN D 322 -15.12 26.65 -67.59
CA ASN D 322 -15.87 25.72 -68.39
C ASN D 322 -16.62 24.73 -67.51
N LEU D 323 -15.93 24.18 -66.52
CA LEU D 323 -16.54 23.16 -65.68
C LEU D 323 -17.71 23.75 -64.91
N ALA D 324 -17.52 24.94 -64.36
CA ALA D 324 -18.57 25.58 -63.60
C ALA D 324 -19.79 25.80 -64.46
N ARG D 325 -19.64 26.39 -65.64
CA ARG D 325 -20.84 26.74 -66.37
C ARG D 325 -21.52 25.51 -66.98
N ARG D 326 -20.77 24.43 -67.23
CA ARG D 326 -21.51 23.17 -67.34
C ARG D 326 -22.33 22.84 -66.11
N TRP D 327 -21.75 22.84 -64.89
CA TRP D 327 -22.61 22.39 -63.80
C TRP D 327 -23.80 23.33 -63.60
N ILE D 328 -23.63 24.61 -63.90
CA ILE D 328 -24.71 25.55 -63.68
C ILE D 328 -25.84 25.31 -64.67
N VAL D 329 -25.50 25.19 -65.96
CA VAL D 329 -26.55 24.90 -66.92
C VAL D 329 -27.17 23.56 -66.62
N ALA D 330 -26.38 22.63 -66.10
CA ALA D 330 -26.93 21.32 -65.78
C ALA D 330 -28.00 21.45 -64.72
N LYS D 331 -27.69 22.14 -63.62
CA LYS D 331 -28.73 22.50 -62.66
C LYS D 331 -29.95 23.03 -63.35
N ILE D 332 -29.79 24.12 -64.08
CA ILE D 332 -30.94 24.93 -64.43
C ILE D 332 -31.79 24.25 -65.50
N ALA D 333 -31.13 23.57 -66.43
CA ALA D 333 -31.87 22.74 -67.37
C ALA D 333 -32.63 21.65 -66.63
N ASN D 334 -31.99 21.01 -65.64
CA ASN D 334 -32.71 20.04 -64.83
C ASN D 334 -33.90 20.69 -64.15
N CYS D 335 -33.75 21.95 -63.75
CA CYS D 335 -34.82 22.64 -63.05
C CYS D 335 -36.04 22.80 -63.94
N ARG D 336 -35.83 23.30 -65.15
CA ARG D 336 -36.96 23.49 -66.06
C ARG D 336 -37.55 22.15 -66.48
N THR D 337 -36.69 21.17 -66.70
CA THR D 337 -37.19 19.83 -66.99
C THR D 337 -38.07 19.34 -65.86
N LEU D 338 -37.66 19.59 -64.63
CA LEU D 338 -38.49 19.27 -63.47
C LEU D 338 -39.77 20.08 -63.45
N LEU D 339 -39.70 21.32 -63.92
CA LEU D 339 -40.93 22.10 -64.01
C LEU D 339 -41.96 21.34 -64.81
N ARG D 340 -41.57 20.88 -65.99
CA ARG D 340 -42.49 20.08 -66.80
C ARG D 340 -42.60 18.62 -66.39
N ARG D 341 -41.83 18.15 -65.41
CA ARG D 341 -42.10 16.82 -64.88
C ARG D 341 -43.16 16.89 -63.79
N ASN D 342 -43.19 18.00 -63.04
CA ASN D 342 -44.01 18.07 -61.84
C ASN D 342 -44.75 19.39 -61.68
N TRP D 343 -44.92 20.16 -62.76
CA TRP D 343 -45.73 21.36 -62.64
C TRP D 343 -47.13 20.98 -62.21
N ARG D 344 -47.47 21.34 -60.97
CA ARG D 344 -48.76 20.99 -60.40
C ARG D 344 -49.64 22.21 -60.24
N GLY D 345 -49.63 23.13 -61.23
CA GLY D 345 -50.56 24.23 -61.24
C GLY D 345 -51.85 23.86 -61.95
N GLU D 346 -52.20 22.57 -61.92
CA GLU D 346 -53.31 22.08 -62.71
C GLU D 346 -54.63 22.69 -62.26
N GLY D 347 -55.69 22.37 -63.02
CA GLY D 347 -57.02 22.89 -62.79
C GLY D 347 -57.34 23.96 -63.79
N ASP D 348 -56.40 24.88 -63.98
CA ASP D 348 -56.43 25.80 -65.10
C ASP D 348 -55.06 26.00 -65.72
N GLU D 349 -53.99 25.60 -65.04
CA GLU D 349 -52.62 25.89 -65.44
C GLU D 349 -51.77 24.63 -65.34
N ALA D 350 -52.26 23.54 -65.93
CA ALA D 350 -51.44 22.34 -66.05
C ALA D 350 -50.16 22.62 -66.85
N LYS D 351 -50.11 23.75 -67.52
CA LYS D 351 -48.96 24.16 -68.31
C LYS D 351 -48.41 25.45 -67.72
N ALA D 352 -47.13 25.44 -67.38
CA ALA D 352 -46.53 26.54 -66.63
C ALA D 352 -46.47 27.80 -67.48
N PRO D 353 -46.32 28.97 -66.86
CA PRO D 353 -46.18 30.21 -67.62
C PRO D 353 -45.06 30.13 -68.62
N PRO D 354 -45.35 30.33 -69.91
CA PRO D 354 -44.30 30.22 -70.94
C PRO D 354 -43.18 31.23 -70.76
N GLY D 355 -43.49 32.48 -70.43
CA GLY D 355 -42.45 33.50 -70.35
C GLY D 355 -41.41 33.17 -69.32
N LEU D 356 -41.81 32.46 -68.26
CA LEU D 356 -40.84 31.91 -67.33
C LEU D 356 -39.80 31.09 -68.07
N LEU D 357 -40.23 30.32 -69.07
CA LEU D 357 -39.32 29.38 -69.71
C LEU D 357 -38.45 30.03 -70.77
N MET D 358 -38.97 31.03 -71.47
CA MET D 358 -38.06 31.83 -72.27
C MET D 358 -37.01 32.47 -71.39
N SER D 359 -37.42 33.06 -70.26
CA SER D 359 -36.46 33.61 -69.32
C SER D 359 -35.45 32.55 -68.88
N LEU D 360 -35.91 31.35 -68.59
CA LEU D 360 -34.95 30.35 -68.16
C LEU D 360 -33.99 29.98 -69.28
N GLN D 361 -34.50 29.46 -70.39
CA GLN D 361 -33.61 29.00 -71.46
C GLN D 361 -32.66 30.11 -71.84
N ASP D 362 -33.10 31.35 -71.67
CA ASP D 362 -32.17 32.45 -71.71
C ASP D 362 -31.15 32.32 -70.58
N ASP D 363 -31.56 31.84 -69.40
CA ASP D 363 -30.62 31.81 -68.27
C ASP D 363 -29.55 30.73 -68.44
N MET D 364 -29.89 29.52 -68.94
CA MET D 364 -28.76 28.70 -69.44
C MET D 364 -27.95 29.37 -70.55
N ARG D 365 -28.56 30.14 -71.45
CA ARG D 365 -27.67 30.83 -72.41
C ARG D 365 -26.76 31.82 -71.67
N HIS D 366 -27.36 32.56 -70.74
CA HIS D 366 -26.65 33.55 -69.94
C HIS D 366 -25.45 32.90 -69.26
N ALA D 367 -25.65 31.70 -68.75
CA ALA D 367 -24.58 30.89 -68.20
C ALA D 367 -23.55 30.53 -69.27
N MET D 368 -23.98 30.19 -70.48
CA MET D 368 -23.00 29.69 -71.43
C MET D 368 -22.10 30.80 -71.95
N ARG D 369 -22.53 32.05 -71.84
CA ARG D 369 -21.62 33.15 -72.19
C ARG D 369 -20.60 33.40 -71.09
N ALA D 370 -20.88 32.89 -69.88
CA ALA D 370 -20.34 33.41 -68.62
C ALA D 370 -18.90 33.92 -68.78
N PRO D 371 -18.66 35.19 -68.49
CA PRO D 371 -17.32 35.76 -68.68
C PRO D 371 -16.40 35.45 -67.51
N SER D 372 -16.93 35.44 -66.29
CA SER D 372 -16.11 35.20 -65.12
C SER D 372 -16.95 34.58 -64.03
N LEU D 373 -16.28 34.19 -62.96
CA LEU D 373 -16.91 33.33 -61.97
C LEU D 373 -17.94 34.08 -61.15
N GLU D 374 -17.59 35.28 -60.69
CA GLU D 374 -18.51 36.07 -59.88
C GLU D 374 -19.75 36.43 -60.69
N VAL D 375 -19.57 36.73 -61.98
CA VAL D 375 -20.73 36.87 -62.85
C VAL D 375 -21.57 35.62 -62.80
N LEU D 376 -20.93 34.46 -62.94
CA LEU D 376 -21.66 33.20 -62.96
C LEU D 376 -22.49 33.04 -61.71
N LEU D 377 -21.90 33.34 -60.54
CA LEU D 377 -22.65 33.19 -59.30
C LEU D 377 -23.79 34.21 -59.23
N GLY D 378 -23.57 35.41 -59.76
CA GLY D 378 -24.63 36.40 -59.73
C GLY D 378 -25.84 35.96 -60.53
N ILE D 379 -25.62 35.62 -61.79
CA ILE D 379 -26.75 35.11 -62.58
C ILE D 379 -27.28 33.82 -61.98
N GLU D 380 -26.43 33.01 -61.37
CA GLU D 380 -26.90 31.85 -60.63
C GLU D 380 -27.97 32.24 -59.64
N GLY D 381 -27.64 33.15 -58.73
CA GLY D 381 -28.60 33.56 -57.73
C GLY D 381 -29.87 34.13 -58.35
N ALA D 382 -29.71 34.90 -59.43
CA ALA D 382 -30.88 35.45 -60.10
C ALA D 382 -31.80 34.35 -60.59
N SER D 383 -31.25 33.40 -61.34
CA SER D 383 -32.06 32.34 -61.93
C SER D 383 -32.63 31.44 -60.85
N ALA D 384 -31.89 31.26 -59.76
CA ALA D 384 -32.39 30.42 -58.69
C ALA D 384 -33.56 31.06 -57.97
N GLY D 385 -33.46 32.35 -57.68
CA GLY D 385 -34.62 33.04 -57.12
C GLY D 385 -35.79 32.98 -58.07
N ARG D 386 -35.50 33.15 -59.37
CA ARG D 386 -36.49 32.95 -60.41
C ARG D 386 -37.21 31.61 -60.24
N TYR D 387 -36.43 30.55 -60.12
CA TYR D 387 -36.98 29.20 -60.00
C TYR D 387 -37.80 29.06 -58.72
N PHE D 388 -37.31 29.59 -57.61
CA PHE D 388 -38.04 29.43 -56.37
C PHE D 388 -39.30 30.27 -56.34
N GLN D 389 -39.40 31.30 -57.19
CA GLN D 389 -40.65 32.05 -57.28
C GLN D 389 -41.81 31.12 -57.60
N HIS D 390 -41.60 30.20 -58.53
CA HIS D 390 -42.64 29.28 -58.96
C HIS D 390 -42.50 27.92 -58.30
N PHE D 391 -41.47 27.75 -57.46
CA PHE D 391 -41.37 26.52 -56.69
C PHE D 391 -42.62 26.25 -55.86
N SER D 392 -43.32 27.30 -55.43
CA SER D 392 -44.58 27.09 -54.73
C SER D 392 -45.61 26.38 -55.59
N ARG D 393 -45.59 26.63 -56.90
CA ARG D 393 -46.53 25.97 -57.79
C ARG D 393 -46.35 24.47 -57.82
N MET D 394 -45.16 23.98 -57.44
CA MET D 394 -44.88 22.56 -57.39
C MET D 394 -45.66 21.82 -56.32
N LEU D 395 -46.29 22.53 -55.39
CA LEU D 395 -47.05 21.83 -54.37
C LEU D 395 -48.17 21.04 -55.01
N ARG D 396 -48.88 20.25 -54.21
CA ARG D 396 -49.84 19.30 -54.74
C ARG D 396 -51.17 19.92 -55.12
N GLY D 397 -51.17 21.21 -55.47
CA GLY D 397 -52.34 21.82 -56.07
C GLY D 397 -52.52 23.29 -55.73
N GLY D 398 -51.89 23.76 -54.67
CA GLY D 398 -51.94 25.15 -54.29
C GLY D 398 -50.79 25.53 -53.37
N ASP D 399 -50.98 26.64 -52.66
CA ASP D 399 -50.05 26.98 -51.60
C ASP D 399 -50.16 25.95 -50.49
N GLY D 400 -49.09 25.82 -49.71
CA GLY D 400 -48.99 24.75 -48.74
C GLY D 400 -49.32 25.19 -47.33
N GLU D 401 -50.39 25.96 -47.17
CA GLU D 401 -50.74 26.62 -45.93
C GLU D 401 -50.42 25.76 -44.71
N GLY D 402 -49.83 26.39 -43.70
CA GLY D 402 -49.15 25.69 -42.65
C GLY D 402 -47.72 25.36 -42.97
N MET D 403 -47.42 25.13 -44.26
CA MET D 403 -46.05 24.92 -44.75
C MET D 403 -45.87 25.81 -45.97
N GLY D 404 -45.52 27.07 -45.74
CA GLY D 404 -45.37 28.03 -46.82
C GLY D 404 -43.90 28.16 -47.17
N PHE D 405 -43.64 28.55 -48.42
CA PHE D 405 -42.29 28.69 -48.94
C PHE D 405 -41.96 30.15 -49.17
N ASP D 406 -40.75 30.53 -48.79
CA ASP D 406 -40.25 31.88 -48.97
C ASP D 406 -39.20 31.91 -50.06
N PHE D 407 -39.34 32.85 -50.99
CA PHE D 407 -38.42 32.93 -52.10
C PHE D 407 -37.17 33.70 -51.74
N THR D 408 -37.19 34.40 -50.61
CA THR D 408 -36.14 35.33 -50.24
C THR D 408 -35.40 34.93 -48.98
N THR D 409 -36.00 34.13 -48.12
CA THR D 409 -35.32 33.58 -46.97
C THR D 409 -34.49 32.37 -47.31
N ARG D 410 -34.16 32.24 -48.59
CA ARG D 410 -33.42 31.07 -49.09
C ARG D 410 -32.13 30.88 -48.31
N ASN D 411 -31.86 29.63 -47.95
CA ASN D 411 -30.62 29.19 -47.33
C ASN D 411 -30.22 30.03 -46.13
N ARG D 412 -31.18 30.69 -45.50
CA ARG D 412 -30.89 31.43 -44.29
C ARG D 412 -30.71 30.40 -43.19
N ARG D 413 -29.69 30.59 -42.38
CA ARG D 413 -28.99 29.42 -41.85
C ARG D 413 -29.89 28.46 -41.07
N PRO D 414 -30.49 28.83 -39.93
CA PRO D 414 -31.65 28.08 -39.45
C PRO D 414 -32.84 28.23 -40.37
N PRO D 415 -33.71 27.26 -40.43
CA PRO D 415 -34.85 27.35 -41.36
C PRO D 415 -35.98 28.22 -40.83
N LYS D 416 -36.33 29.27 -41.59
CA LYS D 416 -37.48 30.09 -41.23
C LYS D 416 -38.81 29.57 -41.77
N ASP D 417 -38.79 28.65 -42.72
CA ASP D 417 -39.98 27.97 -43.21
C ASP D 417 -39.75 26.47 -43.25
N PRO D 418 -40.81 25.69 -43.05
CA PRO D 418 -40.66 24.23 -43.16
C PRO D 418 -40.19 23.81 -44.54
N VAL D 419 -40.66 24.50 -45.57
CA VAL D 419 -40.16 24.21 -46.91
C VAL D 419 -38.65 24.37 -46.95
N ASN D 420 -38.16 25.48 -46.39
CA ASN D 420 -36.73 25.70 -46.31
C ASN D 420 -36.05 24.65 -45.46
N ALA D 421 -36.70 24.21 -44.38
CA ALA D 421 -36.10 23.19 -43.53
C ALA D 421 -35.86 21.89 -44.28
N LEU D 422 -36.92 21.40 -44.93
CA LEU D 422 -36.80 20.16 -45.68
C LEU D 422 -35.78 20.32 -46.79
N LEU D 423 -35.80 21.46 -47.48
CA LEU D 423 -34.84 21.69 -48.54
C LEU D 423 -33.42 21.62 -47.99
N SER D 424 -33.18 22.26 -46.85
CA SER D 424 -31.85 22.30 -46.28
C SER D 424 -31.39 20.91 -45.86
N PHE D 425 -32.27 20.14 -45.23
CA PHE D 425 -31.86 18.81 -44.79
C PHE D 425 -31.57 17.90 -45.98
N ALA D 426 -32.41 18.00 -47.01
CA ALA D 426 -32.19 17.23 -48.22
C ALA D 426 -30.85 17.61 -48.84
N TYR D 427 -30.57 18.90 -48.91
CA TYR D 427 -29.28 19.36 -49.38
C TYR D 427 -28.16 18.80 -48.54
N ALA D 428 -28.34 18.79 -47.22
CA ALA D 428 -27.30 18.29 -46.34
C ALA D 428 -26.92 16.87 -46.74
N MET D 429 -27.89 15.98 -46.78
CA MET D 429 -27.51 14.60 -47.06
C MET D 429 -27.05 14.43 -48.49
N LEU D 430 -27.63 15.16 -49.44
CA LEU D 430 -27.14 15.06 -50.82
C LEU D 430 -25.68 15.43 -50.93
N THR D 431 -25.30 16.57 -50.35
CA THR D 431 -23.89 16.93 -50.28
C THR D 431 -23.08 15.83 -49.64
N ARG D 432 -23.64 15.22 -48.61
CA ARG D 432 -22.90 14.23 -47.84
C ARG D 432 -22.65 12.97 -48.67
N GLU D 433 -23.63 12.53 -49.44
CA GLU D 433 -23.37 11.41 -50.33
C GLU D 433 -22.38 11.79 -51.43
N TRP D 434 -22.48 13.00 -51.96
CA TRP D 434 -21.41 13.40 -52.88
C TRP D 434 -20.05 13.33 -52.22
N THR D 435 -19.96 13.70 -50.95
CA THR D 435 -18.67 13.61 -50.28
C THR D 435 -18.18 12.18 -50.29
N VAL D 436 -19.03 11.24 -49.88
CA VAL D 436 -18.57 9.86 -49.76
C VAL D 436 -18.23 9.27 -51.12
N ALA D 437 -19.05 9.55 -52.14
CA ALA D 437 -18.76 9.02 -53.46
C ALA D 437 -17.48 9.64 -54.02
N LEU D 438 -17.29 10.94 -53.79
CA LEU D 438 -16.09 11.60 -54.27
C LEU D 438 -14.85 10.99 -53.64
N ALA D 439 -14.88 10.79 -52.32
CA ALA D 439 -13.74 10.14 -51.68
C ALA D 439 -13.57 8.71 -52.16
N ALA D 440 -14.65 8.05 -52.55
CA ALA D 440 -14.54 6.69 -53.04
C ALA D 440 -13.53 6.62 -54.18
N VAL D 441 -13.70 7.46 -55.17
CA VAL D 441 -12.65 7.58 -56.17
C VAL D 441 -11.51 8.40 -55.60
N GLY D 442 -10.36 8.32 -56.25
CA GLY D 442 -9.17 8.98 -55.77
C GLY D 442 -9.21 10.49 -55.92
N LEU D 443 -10.19 11.13 -55.27
CA LEU D 443 -10.36 12.57 -55.36
C LEU D 443 -10.45 13.18 -53.97
N ASP D 444 -10.11 14.47 -53.90
CA ASP D 444 -10.21 15.22 -52.66
C ASP D 444 -11.44 16.11 -52.71
N PRO D 445 -12.42 15.94 -51.83
CA PRO D 445 -13.67 16.68 -51.97
C PRO D 445 -13.59 18.12 -51.50
N TYR D 446 -12.60 18.48 -50.71
CA TYR D 446 -12.57 19.79 -50.09
C TYR D 446 -11.89 20.84 -50.94
N ARG D 447 -11.23 20.44 -52.00
CA ARG D 447 -10.57 21.36 -52.91
C ARG D 447 -11.46 21.51 -54.14
N GLY D 448 -12.23 22.58 -54.18
CA GLY D 448 -13.17 22.81 -55.26
C GLY D 448 -12.63 23.76 -56.30
N PHE D 449 -13.28 23.74 -57.46
CA PHE D 449 -12.94 24.65 -58.54
C PHE D 449 -13.79 25.90 -58.55
N TYR D 450 -14.95 25.85 -57.91
CA TYR D 450 -15.94 26.91 -57.94
C TYR D 450 -16.22 27.54 -56.59
N HIS D 451 -16.50 26.73 -55.58
CA HIS D 451 -16.74 27.27 -54.26
C HIS D 451 -15.41 27.52 -53.56
N GLN D 452 -15.47 28.00 -52.35
CA GLN D 452 -14.28 28.37 -51.61
C GLN D 452 -13.87 27.26 -50.65
N PRO D 453 -12.62 26.87 -50.70
CA PRO D 453 -12.21 25.57 -50.15
C PRO D 453 -12.17 25.53 -48.64
N ARG D 454 -11.60 26.57 -48.03
CA ARG D 454 -11.30 26.54 -46.61
C ARG D 454 -12.59 26.54 -45.79
N PHE D 455 -12.44 26.45 -44.47
CA PHE D 455 -13.46 26.70 -43.47
C PHE D 455 -14.43 25.54 -43.33
N GLY D 456 -14.01 24.34 -43.71
CA GLY D 456 -14.85 23.17 -43.58
C GLY D 456 -15.71 22.85 -44.76
N ARG D 457 -15.86 23.75 -45.70
CA ARG D 457 -16.78 23.51 -46.80
C ARG D 457 -16.19 22.47 -47.75
N PRO D 458 -16.89 21.39 -48.01
CA PRO D 458 -16.42 20.50 -49.08
C PRO D 458 -16.67 21.17 -50.41
N ALA D 459 -15.64 21.81 -50.94
CA ALA D 459 -15.85 22.69 -52.07
C ALA D 459 -16.13 21.94 -53.36
N LEU D 460 -15.35 20.90 -53.64
CA LEU D 460 -15.61 20.06 -54.80
C LEU D 460 -16.94 19.35 -54.71
N ALA D 461 -17.31 18.88 -53.52
CA ALA D 461 -18.62 18.27 -53.35
C ALA D 461 -19.72 19.28 -53.64
N LEU D 462 -19.54 20.51 -53.17
CA LEU D 462 -20.55 21.52 -53.46
C LEU D 462 -20.67 21.77 -54.94
N ASP D 463 -19.54 21.77 -55.64
CA ASP D 463 -19.55 21.97 -57.08
C ASP D 463 -20.28 20.83 -57.78
N MET D 464 -20.02 19.61 -57.34
CA MET D 464 -20.68 18.43 -57.87
C MET D 464 -22.17 18.42 -57.63
N MET D 465 -22.62 18.85 -56.46
CA MET D 465 -23.99 18.59 -56.06
C MET D 465 -24.99 19.51 -56.73
N GLU D 466 -24.53 20.53 -57.44
CA GLU D 466 -25.48 21.46 -58.06
C GLU D 466 -26.45 20.77 -58.99
N PRO D 467 -26.04 20.13 -60.07
CA PRO D 467 -27.02 19.71 -61.10
C PRO D 467 -28.05 18.76 -60.56
N PHE D 468 -27.80 18.14 -59.41
CA PHE D 468 -28.64 17.09 -58.91
C PHE D 468 -29.51 17.53 -57.75
N ARG D 469 -29.39 18.79 -57.33
CA ARG D 469 -30.36 19.32 -56.39
C ARG D 469 -31.78 19.05 -56.86
N PRO D 470 -32.15 19.32 -58.12
CA PRO D 470 -33.53 19.04 -58.54
C PRO D 470 -33.87 17.57 -58.48
N LEU D 471 -33.09 16.73 -59.18
CA LEU D 471 -33.51 15.36 -59.39
C LEU D 471 -33.62 14.60 -58.07
N ILE D 472 -32.96 15.08 -57.03
CA ILE D 472 -32.93 14.36 -55.78
C ILE D 472 -33.51 15.14 -54.62
N ALA D 473 -32.90 16.26 -54.23
CA ALA D 473 -33.34 16.96 -53.04
C ALA D 473 -34.70 17.61 -53.25
N ASP D 474 -34.82 18.37 -54.35
CA ASP D 474 -36.09 18.98 -54.67
C ASP D 474 -37.15 17.92 -54.90
N SER D 475 -36.76 16.84 -55.56
CA SER D 475 -37.64 15.68 -55.67
C SER D 475 -38.04 15.19 -54.28
N THR D 476 -37.07 14.80 -53.48
CA THR D 476 -37.40 14.17 -52.21
C THR D 476 -38.41 15.01 -51.45
N VAL D 477 -38.22 16.33 -51.47
CA VAL D 477 -39.22 17.22 -50.92
C VAL D 477 -40.57 17.02 -51.61
N LEU D 478 -40.57 16.85 -52.93
CA LEU D 478 -41.87 16.88 -53.61
C LEU D 478 -42.69 15.65 -53.27
N MET D 479 -42.10 14.44 -53.30
CA MET D 479 -42.92 13.35 -52.75
C MET D 479 -43.21 13.56 -51.26
N ALA D 480 -42.23 13.99 -50.47
CA ALA D 480 -42.46 14.01 -49.03
C ALA D 480 -43.62 14.92 -48.64
N ILE D 481 -43.90 15.93 -49.46
CA ILE D 481 -45.00 16.83 -49.16
C ILE D 481 -46.28 16.40 -49.85
N ASN D 482 -46.20 16.06 -51.14
CA ASN D 482 -47.41 15.75 -51.88
C ASN D 482 -48.01 14.42 -51.48
N ASN D 483 -47.24 13.55 -50.83
CA ASN D 483 -47.77 12.27 -50.40
C ASN D 483 -48.14 12.26 -48.93
N GLY D 484 -48.13 13.41 -48.28
CA GLY D 484 -48.65 13.48 -46.93
C GLY D 484 -47.74 12.93 -45.86
N GLU D 485 -46.55 12.46 -46.23
CA GLU D 485 -45.58 12.08 -45.22
C GLU D 485 -45.23 13.26 -44.32
N ILE D 486 -45.14 14.45 -44.91
CA ILE D 486 -44.80 15.67 -44.18
C ILE D 486 -46.08 16.44 -43.92
N ARG D 487 -46.36 16.68 -42.65
CA ARG D 487 -47.56 17.39 -42.25
C ARG D 487 -47.20 18.57 -41.38
N THR D 488 -48.23 19.29 -40.94
CA THR D 488 -48.02 20.49 -40.14
C THR D 488 -47.36 20.19 -38.80
N GLY D 489 -47.92 19.25 -38.04
CA GLY D 489 -47.49 19.05 -36.67
C GLY D 489 -46.05 18.59 -36.53
N ASP D 490 -45.43 18.17 -37.64
CA ASP D 490 -44.06 17.69 -37.61
C ASP D 490 -43.07 18.80 -37.31
N PHE D 491 -43.50 20.05 -37.29
CA PHE D 491 -42.60 21.18 -37.24
C PHE D 491 -42.66 21.88 -35.90
N VAL D 492 -41.55 22.53 -35.55
CA VAL D 492 -41.40 23.25 -34.30
C VAL D 492 -40.87 24.63 -34.62
N ARG D 493 -41.53 25.66 -34.12
CA ARG D 493 -41.17 27.03 -34.39
C ARG D 493 -40.42 27.58 -33.19
N SER D 494 -39.28 28.24 -33.45
CA SER D 494 -38.38 28.64 -32.37
C SER D 494 -37.63 29.90 -32.81
N ALA D 495 -38.14 31.06 -32.40
CA ALA D 495 -37.46 32.35 -32.61
C ALA D 495 -36.98 32.51 -34.04
N GLY D 496 -37.80 32.02 -34.97
CA GLY D 496 -37.44 32.01 -36.37
C GLY D 496 -36.83 30.72 -36.86
N GLY D 497 -37.14 29.59 -36.24
CA GLY D 497 -36.58 28.32 -36.66
C GLY D 497 -37.64 27.26 -36.77
N CYS D 498 -37.83 26.71 -37.97
CA CYS D 498 -38.82 25.67 -38.22
C CYS D 498 -38.07 24.36 -38.30
N ASN D 499 -37.91 23.69 -37.16
CA ASN D 499 -37.13 22.48 -37.10
C ASN D 499 -38.04 21.27 -36.97
N LEU D 500 -37.60 20.17 -37.56
CA LEU D 500 -38.43 18.98 -37.65
C LEU D 500 -38.40 18.20 -36.34
N THR D 501 -39.24 17.18 -36.27
CA THR D 501 -39.19 16.22 -35.19
C THR D 501 -38.47 14.95 -35.67
N ASP D 502 -37.80 14.30 -34.72
CA ASP D 502 -36.97 13.16 -35.05
C ASP D 502 -37.75 12.13 -35.84
N SER D 503 -38.99 11.86 -35.45
CA SER D 503 -39.83 10.96 -36.21
C SER D 503 -40.00 11.45 -37.64
N ALA D 504 -40.34 12.73 -37.79
CA ALA D 504 -40.41 13.31 -39.12
C ALA D 504 -39.07 13.23 -39.82
N ARG D 505 -37.99 13.51 -39.10
CA ARG D 505 -36.66 13.37 -39.66
C ARG D 505 -36.48 12.01 -40.32
N LYS D 506 -36.71 10.95 -39.56
CA LYS D 506 -36.34 9.63 -40.03
C LYS D 506 -37.34 9.09 -41.04
N ARG D 507 -38.61 9.48 -40.93
CA ARG D 507 -39.54 9.15 -41.99
C ARG D 507 -39.11 9.81 -43.29
N PHE D 508 -38.76 11.09 -43.22
CA PHE D 508 -38.19 11.78 -44.35
C PHE D 508 -36.93 11.11 -44.84
N ILE D 509 -36.19 10.50 -43.94
CA ILE D 509 -34.94 9.84 -44.31
C ILE D 509 -35.24 8.58 -45.12
N ALA D 510 -36.21 7.80 -44.66
CA ALA D 510 -36.65 6.67 -45.46
C ALA D 510 -37.14 7.15 -46.83
N GLY D 511 -37.83 8.28 -46.86
CA GLY D 511 -38.27 8.82 -48.14
C GLY D 511 -37.10 9.19 -49.03
N PHE D 512 -36.03 9.71 -48.44
CA PHE D 512 -34.85 10.02 -49.22
C PHE D 512 -34.22 8.74 -49.74
N GLU D 513 -34.16 7.71 -48.92
CA GLU D 513 -33.65 6.46 -49.45
C GLU D 513 -34.49 6.02 -50.63
N ARG D 514 -35.80 6.23 -50.54
CA ARG D 514 -36.68 5.90 -51.64
C ARG D 514 -36.28 6.66 -52.90
N ARG D 515 -36.13 7.98 -52.80
CA ARG D 515 -35.53 8.74 -53.90
C ARG D 515 -34.21 8.14 -54.36
N MET D 516 -33.40 7.69 -53.45
CA MET D 516 -32.11 7.22 -53.89
C MET D 516 -32.27 5.92 -54.64
N GLU D 517 -33.38 5.23 -54.41
CA GLU D 517 -33.56 3.89 -54.93
C GLU D 517 -34.06 3.86 -56.36
N GLN D 518 -34.60 4.95 -56.88
CA GLN D 518 -35.04 4.89 -58.27
C GLN D 518 -33.83 4.86 -59.20
N GLU D 519 -34.04 4.27 -60.36
CA GLU D 519 -32.98 4.04 -61.32
C GLU D 519 -33.23 4.90 -62.55
N VAL D 520 -32.18 5.57 -62.97
CA VAL D 520 -32.16 6.23 -64.27
C VAL D 520 -31.09 5.51 -65.08
N THR D 521 -31.25 5.55 -66.39
CA THR D 521 -30.55 4.58 -67.21
C THR D 521 -29.39 5.12 -68.00
N HIS D 522 -29.33 6.43 -68.26
CA HIS D 522 -28.47 6.96 -69.32
C HIS D 522 -27.52 8.01 -68.77
N PRO D 523 -26.44 7.61 -68.09
CA PRO D 523 -25.34 8.55 -67.91
C PRO D 523 -24.76 8.88 -69.26
N ILE D 524 -24.26 7.83 -69.91
CA ILE D 524 -23.91 7.88 -71.31
C ILE D 524 -24.37 6.59 -71.98
N PHE D 525 -24.76 5.60 -71.17
CA PHE D 525 -25.15 4.29 -71.66
C PHE D 525 -26.41 3.81 -70.95
N LYS D 526 -27.27 3.08 -71.68
CA LYS D 526 -28.39 2.35 -71.07
C LYS D 526 -27.86 1.27 -70.15
N TYR D 527 -27.85 1.53 -68.84
CA TYR D 527 -27.80 0.41 -67.92
C TYR D 527 -28.51 0.68 -66.59
N THR D 528 -29.48 1.59 -66.58
CA THR D 528 -30.56 1.63 -65.58
C THR D 528 -30.04 1.54 -64.15
N ILE D 529 -29.26 2.54 -63.76
CA ILE D 529 -28.67 2.53 -62.43
C ILE D 529 -29.44 3.44 -61.48
N SER D 530 -29.43 3.05 -60.22
CA SER D 530 -29.89 3.98 -59.21
C SER D 530 -28.98 5.18 -59.15
N TYR D 531 -29.49 6.25 -58.56
CA TYR D 531 -28.80 7.52 -58.57
C TYR D 531 -27.43 7.35 -57.94
N ARG D 532 -27.38 6.45 -56.96
CA ARG D 532 -26.23 6.25 -56.10
C ARG D 532 -25.03 5.76 -56.87
N ARG D 533 -25.24 4.79 -57.75
CA ARG D 533 -24.21 4.33 -58.67
C ARG D 533 -23.94 5.36 -59.75
N LEU D 534 -24.94 6.14 -60.12
CA LEU D 534 -24.69 7.24 -61.03
C LEU D 534 -23.70 8.22 -60.42
N LEU D 535 -23.69 8.35 -59.10
CA LEU D 535 -22.71 9.23 -58.46
C LEU D 535 -21.30 8.76 -58.76
N GLU D 536 -21.03 7.48 -58.52
CA GLU D 536 -19.71 6.93 -58.82
C GLU D 536 -19.40 7.06 -60.29
N VAL D 537 -20.38 6.76 -61.14
CA VAL D 537 -20.16 6.89 -62.58
C VAL D 537 -19.77 8.32 -62.92
N GLN D 538 -20.45 9.27 -62.31
CA GLN D 538 -20.23 10.67 -62.59
C GLN D 538 -18.84 11.08 -62.17
N ALA D 539 -18.43 10.68 -60.97
CA ALA D 539 -17.10 11.02 -60.50
C ALA D 539 -16.02 10.40 -61.39
N ARG D 540 -16.23 9.14 -61.78
CA ARG D 540 -15.25 8.48 -62.64
C ARG D 540 -15.18 9.16 -63.99
N LEU D 541 -16.32 9.61 -64.51
CA LEU D 541 -16.31 10.36 -65.74
C LEU D 541 -15.57 11.67 -65.56
N LEU D 542 -15.66 12.25 -64.37
CA LEU D 542 -14.86 13.43 -64.08
C LEU D 542 -13.39 13.11 -64.15
N THR D 543 -13.00 11.95 -63.63
CA THR D 543 -11.62 11.52 -63.73
C THR D 543 -11.20 11.36 -65.18
N ARG D 544 -12.03 10.68 -65.97
CA ARG D 544 -11.90 10.63 -67.41
C ARG D 544 -11.73 12.01 -68.04
N TYR D 545 -12.38 13.03 -67.48
CA TYR D 545 -12.19 14.36 -68.03
C TYR D 545 -10.82 14.88 -67.67
N LEU D 546 -10.50 14.86 -66.38
CA LEU D 546 -9.17 15.19 -65.91
C LEU D 546 -8.17 14.20 -66.51
N SER D 547 -6.90 14.50 -66.29
CA SER D 547 -5.81 13.77 -66.92
C SER D 547 -5.91 13.78 -68.42
N GLY D 548 -6.73 14.67 -68.97
CA GLY D 548 -6.85 14.85 -70.40
C GLY D 548 -7.21 13.57 -71.13
N GLU D 549 -8.20 12.84 -70.62
CA GLU D 549 -8.62 11.60 -71.26
C GLU D 549 -9.86 11.80 -72.11
N ILE D 550 -10.91 12.40 -71.56
CA ILE D 550 -12.01 12.83 -72.42
C ILE D 550 -12.17 14.34 -72.28
N PRO D 551 -12.63 15.02 -73.33
CA PRO D 551 -12.79 16.47 -73.26
C PRO D 551 -14.17 16.85 -72.74
N ALA D 552 -14.19 17.82 -71.83
CA ALA D 552 -15.35 18.68 -71.59
C ALA D 552 -16.49 17.98 -70.84
N TYR D 553 -16.23 16.85 -70.20
CA TYR D 553 -17.06 16.37 -69.09
C TYR D 553 -18.55 16.48 -69.34
N PRO D 554 -19.13 15.57 -70.11
CA PRO D 554 -20.54 15.71 -70.52
C PRO D 554 -21.54 15.44 -69.42
N ASN D 555 -21.96 16.48 -68.69
CA ASN D 555 -22.96 16.38 -67.64
C ASN D 555 -24.08 15.44 -67.97
N PHE D 556 -24.58 14.75 -66.95
CA PHE D 556 -25.87 14.11 -67.05
C PHE D 556 -26.96 15.15 -66.94
N VAL D 557 -27.89 15.14 -67.88
CA VAL D 557 -29.06 16.01 -67.84
C VAL D 557 -30.24 15.22 -68.40
N THR D 558 -31.41 15.41 -67.80
CA THR D 558 -32.60 14.72 -68.25
C THR D 558 -33.61 15.70 -68.83
N MET E 1 6.94 6.06 11.89
CA MET E 1 5.98 7.15 11.78
C MET E 1 4.75 6.60 11.08
N GLU E 2 3.60 6.92 11.64
CA GLU E 2 2.37 6.16 11.46
C GLU E 2 1.97 6.13 9.99
N HIS E 3 1.40 5.00 9.56
CA HIS E 3 0.90 4.82 8.20
C HIS E 3 -0.49 4.24 8.17
N LEU E 4 -1.15 4.40 7.03
CA LEU E 4 -2.49 3.87 6.81
C LEU E 4 -2.43 2.77 5.77
N TYR E 5 -3.22 1.73 5.97
CA TYR E 5 -3.23 0.58 5.10
C TYR E 5 -4.65 0.19 4.76
N ILE E 6 -4.82 -0.40 3.58
CA ILE E 6 -6.10 -0.87 3.09
C ILE E 6 -5.93 -2.32 2.69
N VAL E 7 -6.83 -3.18 3.14
CA VAL E 7 -6.67 -4.62 2.97
C VAL E 7 -7.93 -5.19 2.36
N SER E 8 -7.75 -6.04 1.35
CA SER E 8 -8.85 -6.68 0.65
C SER E 8 -8.61 -8.18 0.62
N TYR E 9 -9.66 -8.95 0.83
CA TYR E 9 -9.49 -10.39 0.92
C TYR E 9 -10.52 -11.10 0.04
N ASP E 10 -10.12 -12.24 -0.48
CA ASP E 10 -11.00 -13.20 -1.14
C ASP E 10 -10.58 -14.56 -0.60
N ILE E 11 -11.49 -15.20 0.13
CA ILE E 11 -11.21 -16.44 0.84
C ILE E 11 -12.24 -17.46 0.42
N ARG E 12 -11.82 -18.73 0.33
CA ARG E 12 -12.69 -19.79 -0.13
C ARG E 12 -12.96 -20.82 0.96
N ASN E 13 -13.10 -20.38 2.20
CA ASN E 13 -13.40 -21.28 3.31
C ASN E 13 -14.06 -20.49 4.43
N GLN E 14 -15.26 -20.91 4.81
CA GLN E 14 -15.96 -20.22 5.88
C GLN E 14 -15.18 -20.27 7.18
N ARG E 15 -14.50 -21.38 7.44
CA ARG E 15 -13.63 -21.45 8.61
C ARG E 15 -12.60 -20.33 8.57
N ARG E 16 -11.77 -20.37 7.54
CA ARG E 16 -10.77 -19.32 7.39
C ARG E 16 -11.42 -17.96 7.34
N TRP E 17 -12.60 -17.88 6.73
CA TRP E 17 -13.25 -16.58 6.67
C TRP E 17 -13.53 -16.06 8.07
N ARG E 18 -14.07 -16.91 8.95
CA ARG E 18 -14.31 -16.48 10.32
C ARG E 18 -13.03 -16.01 10.97
N ARG E 19 -12.01 -16.85 10.92
CA ARG E 19 -10.79 -16.54 11.64
C ARG E 19 -10.19 -15.25 11.14
N LEU E 20 -9.91 -15.20 9.84
CA LEU E 20 -9.39 -14.00 9.23
C LEU E 20 -10.26 -12.80 9.56
N PHE E 21 -11.57 -12.97 9.46
CA PHE E 21 -12.50 -11.87 9.65
C PHE E 21 -12.21 -11.16 10.95
N LYS E 22 -12.32 -11.86 12.06
CA LYS E 22 -12.37 -11.02 13.23
C LYS E 22 -10.97 -10.84 13.79
N THR E 23 -10.01 -11.65 13.35
CA THR E 23 -8.63 -11.21 13.52
C THR E 23 -8.42 -9.86 12.86
N MET E 24 -9.02 -9.66 11.70
CA MET E 24 -8.94 -8.35 11.06
C MET E 24 -9.60 -7.30 11.90
N HIS E 25 -10.78 -7.61 12.46
CA HIS E 25 -11.34 -6.72 13.46
C HIS E 25 -10.32 -6.36 14.52
N GLY E 26 -9.38 -7.27 14.78
CA GLY E 26 -8.33 -6.94 15.72
C GLY E 26 -7.39 -5.84 15.26
N PHE E 27 -7.43 -5.49 13.99
CA PHE E 27 -6.41 -4.59 13.46
C PHE E 27 -6.94 -3.27 12.93
N GLY E 28 -8.09 -3.25 12.29
CA GLY E 28 -8.52 -2.01 11.67
C GLY E 28 -9.99 -1.71 11.89
N CYS E 29 -10.65 -1.26 10.85
CA CYS E 29 -12.09 -1.07 10.87
C CYS E 29 -12.69 -1.47 9.55
N TRP E 30 -13.81 -2.18 9.60
CA TRP E 30 -14.53 -2.54 8.39
C TRP E 30 -14.89 -1.30 7.61
N LEU E 31 -14.66 -1.34 6.31
CA LEU E 31 -14.98 -0.21 5.47
C LEU E 31 -15.81 -0.60 4.27
N GLN E 32 -15.57 -1.78 3.73
CA GLN E 32 -16.20 -2.16 2.49
C GLN E 32 -16.55 -3.62 2.58
N LEU E 33 -17.30 -4.12 1.60
CA LEU E 33 -17.93 -5.42 1.76
C LEU E 33 -16.91 -6.51 2.05
N SER E 34 -15.69 -6.37 1.57
CA SER E 34 -14.62 -7.27 1.97
C SER E 34 -13.32 -6.51 2.15
N VAL E 35 -13.37 -5.32 2.73
CA VAL E 35 -12.21 -4.45 2.86
C VAL E 35 -12.19 -3.77 4.21
N PHE E 36 -10.99 -3.65 4.79
CA PHE E 36 -10.78 -2.97 6.05
C PHE E 36 -9.78 -1.85 5.87
N GLN E 37 -10.06 -0.70 6.46
CA GLN E 37 -9.06 0.35 6.58
C GLN E 37 -8.24 0.05 7.81
N CYS E 38 -6.98 0.46 7.77
CA CYS E 38 -6.02 0.07 8.78
C CYS E 38 -4.98 1.17 8.97
N ARG E 39 -5.01 1.79 10.14
CA ARG E 39 -4.07 2.84 10.51
C ARG E 39 -3.11 2.22 11.52
N LEU E 40 -1.88 1.94 11.10
CA LEU E 40 -0.98 1.14 11.90
C LEU E 40 0.45 1.63 11.89
N ASP E 41 1.24 1.05 12.78
CA ASP E 41 2.65 1.33 12.96
C ASP E 41 3.44 0.08 12.58
N ARG E 42 4.76 0.19 12.53
CA ARG E 42 5.60 -0.86 11.98
C ARG E 42 5.45 -2.18 12.74
N ILE E 43 5.58 -2.11 14.06
CA ILE E 43 5.51 -3.32 14.86
C ILE E 43 4.23 -4.07 14.58
N ARG E 44 3.10 -3.38 14.62
CA ARG E 44 1.89 -4.15 14.45
C ARG E 44 1.62 -4.48 12.98
N ILE E 45 2.18 -3.71 12.03
CA ILE E 45 2.02 -4.18 10.66
C ILE E 45 2.78 -5.48 10.48
N ILE E 46 3.90 -5.63 11.15
CA ILE E 46 4.61 -6.90 11.06
C ILE E 46 3.83 -7.99 11.75
N LYS E 47 3.21 -7.66 12.88
CA LYS E 47 2.37 -8.65 13.57
C LYS E 47 1.25 -9.11 12.66
N MET E 48 0.62 -8.16 11.98
CA MET E 48 -0.36 -8.48 10.97
C MET E 48 0.21 -9.43 9.94
N GLU E 49 1.35 -9.06 9.39
CA GLU E 49 1.97 -9.83 8.33
C GLU E 49 2.14 -11.27 8.78
N ALA E 50 2.62 -11.44 10.00
CA ALA E 50 2.82 -12.77 10.55
C ALA E 50 1.50 -13.53 10.64
N ALA E 51 0.49 -12.93 11.28
CA ALA E 51 -0.76 -13.64 11.47
C ALA E 51 -1.35 -14.09 10.14
N ILE E 52 -1.46 -13.18 9.19
CA ILE E 52 -1.99 -13.58 7.91
C ILE E 52 -0.89 -13.90 6.91
N ASN E 53 -0.24 -15.05 7.13
CA ASN E 53 0.36 -15.88 6.10
C ASN E 53 -0.17 -17.24 6.47
N GLU E 54 -0.76 -17.28 7.66
CA GLU E 54 -0.85 -18.47 8.45
C GLU E 54 -2.23 -18.77 8.99
N ILE E 55 -3.10 -17.76 9.07
CA ILE E 55 -4.53 -18.10 9.00
C ILE E 55 -4.90 -18.42 7.56
N VAL E 56 -4.31 -17.70 6.62
CA VAL E 56 -4.67 -17.78 5.21
C VAL E 56 -4.00 -19.00 4.58
N ASN E 57 -4.56 -19.50 3.49
CA ASN E 57 -3.99 -20.64 2.77
C ASN E 57 -3.54 -20.15 1.41
N HIS E 58 -2.24 -20.23 1.15
CA HIS E 58 -1.58 -19.43 0.12
C HIS E 58 -2.03 -19.69 -1.30
N ALA E 59 -2.00 -20.94 -1.76
CA ALA E 59 -2.01 -21.21 -3.20
C ALA E 59 -3.32 -20.75 -3.84
N GLU E 60 -4.30 -20.42 -3.02
CA GLU E 60 -5.70 -20.56 -3.35
C GLU E 60 -6.66 -19.56 -2.72
N ASP E 61 -6.29 -18.87 -1.65
CA ASP E 61 -6.91 -17.63 -1.25
C ASP E 61 -6.16 -16.45 -1.84
N HIS E 62 -6.57 -15.24 -1.50
CA HIS E 62 -5.79 -14.08 -1.92
C HIS E 62 -6.16 -12.86 -1.08
N VAL E 63 -5.15 -12.18 -0.57
CA VAL E 63 -5.34 -10.97 0.21
C VAL E 63 -4.36 -9.92 -0.29
N LEU E 64 -4.68 -8.66 -0.05
CA LEU E 64 -3.86 -7.53 -0.47
C LEU E 64 -3.81 -6.48 0.61
N ILE E 65 -2.62 -5.97 0.89
CA ILE E 65 -2.43 -4.88 1.83
C ILE E 65 -1.73 -3.75 1.11
N LEU E 66 -2.27 -2.55 1.24
CA LEU E 66 -1.92 -1.39 0.45
C LEU E 66 -1.55 -0.26 1.40
N ASP E 67 -0.31 0.17 1.38
CA ASP E 67 0.10 1.30 2.18
C ASP E 67 -0.29 2.56 1.42
N LEU E 68 -1.29 3.27 1.91
CA LEU E 68 -1.62 4.53 1.27
C LEU E 68 -0.57 5.56 1.57
N GLY E 69 -0.12 5.64 2.81
CA GLY E 69 0.92 6.56 3.16
C GLY E 69 0.90 6.92 4.62
N PRO E 70 1.38 8.12 4.93
CA PRO E 70 1.57 8.51 6.32
C PRO E 70 0.30 8.71 7.11
N ALA E 71 -0.84 8.85 6.44
CA ALA E 71 -2.14 9.01 7.07
C ALA E 71 -2.35 10.37 7.73
N GLU E 72 -1.41 11.29 7.55
CA GLU E 72 -1.76 12.68 7.78
C GLU E 72 -2.55 13.29 6.64
N ASN E 73 -2.23 12.90 5.42
CA ASN E 73 -2.78 13.51 4.22
C ASN E 73 -3.42 12.46 3.33
N VAL E 74 -4.26 11.63 3.93
CA VAL E 74 -4.79 10.48 3.21
C VAL E 74 -5.81 10.92 2.17
N LYS E 75 -6.86 11.60 2.61
CA LYS E 75 -7.98 11.87 1.72
C LYS E 75 -7.57 12.58 0.43
N PRO E 76 -6.45 13.30 0.35
CA PRO E 76 -5.95 13.64 -0.98
C PRO E 76 -5.72 12.43 -1.86
N LYS E 77 -5.64 11.24 -1.29
CA LYS E 77 -5.36 10.05 -2.07
C LYS E 77 -6.59 9.19 -2.27
N VAL E 78 -7.70 9.55 -1.62
CA VAL E 78 -8.90 8.73 -1.54
C VAL E 78 -10.03 9.44 -2.26
N SER E 79 -11.02 8.68 -2.73
CA SER E 79 -12.27 9.25 -3.20
C SER E 79 -13.37 8.23 -3.01
N SER E 80 -14.44 8.65 -2.33
CA SER E 80 -15.57 7.78 -2.05
C SER E 80 -16.84 8.36 -2.68
N ILE E 81 -17.68 7.49 -3.21
CA ILE E 81 -18.88 7.96 -3.88
C ILE E 81 -20.11 7.40 -3.18
N GLY E 82 -19.91 6.38 -2.37
CA GLY E 82 -21.02 5.87 -1.60
C GLY E 82 -21.12 6.65 -0.33
N LYS E 83 -21.04 5.98 0.81
CA LYS E 83 -20.87 6.74 2.02
C LYS E 83 -19.53 7.46 1.96
N THR E 84 -19.46 8.59 2.62
CA THR E 84 -18.24 9.35 2.68
C THR E 84 -17.18 8.61 3.48
N PHE E 85 -15.96 8.64 2.97
CA PHE E 85 -14.80 8.14 3.70
C PHE E 85 -14.16 9.25 4.52
N ASP E 86 -13.76 8.91 5.73
CA ASP E 86 -12.76 9.68 6.44
C ASP E 86 -11.99 8.68 7.29
N PRO E 87 -10.67 8.77 7.35
CA PRO E 87 -9.88 7.69 7.92
C PRO E 87 -10.01 7.56 9.43
N ILE E 88 -9.27 6.59 9.94
CA ILE E 88 -9.16 6.35 11.37
C ILE E 88 -8.49 7.55 12.03
N LEU E 89 -8.89 7.83 13.26
CA LEU E 89 -8.27 8.85 14.08
C LEU E 89 -7.83 8.24 15.38
N ARG E 90 -6.62 8.58 15.83
CA ARG E 90 -6.17 8.12 17.14
C ARG E 90 -6.53 9.16 18.18
N GLN E 91 -7.59 8.88 18.92
CA GLN E 91 -7.78 9.48 20.22
C GLN E 91 -8.10 8.34 21.17
N ALA E 92 -7.86 8.58 22.44
CA ALA E 92 -8.42 7.65 23.38
C ALA E 92 -9.93 7.67 23.23
N VAL E 93 -10.54 6.52 23.45
CA VAL E 93 -11.98 6.42 23.48
C VAL E 93 -12.40 6.70 24.92
N ILE E 94 -13.42 7.54 25.05
CA ILE E 94 -13.76 8.08 26.35
C ILE E 94 -15.19 7.76 26.75
N VAL E 95 -15.93 7.11 25.88
CA VAL E 95 -17.32 6.77 26.12
C VAL E 95 -17.45 5.86 27.32
N MET F 1 1.80 12.93 -15.40
CA MET F 1 2.76 11.84 -15.27
C MET F 1 2.04 10.67 -14.64
N GLU F 2 2.24 9.50 -15.21
CA GLU F 2 1.34 8.37 -15.12
C GLU F 2 1.17 7.94 -13.66
N HIS F 3 -0.03 7.49 -13.33
CA HIS F 3 -0.35 6.99 -12.00
C HIS F 3 -1.10 5.67 -12.04
N LEU F 4 -1.07 4.97 -10.91
CA LEU F 4 -1.77 3.69 -10.76
C LEU F 4 -2.90 3.85 -9.78
N TYR F 5 -4.02 3.20 -10.07
CA TYR F 5 -5.21 3.31 -9.24
C TYR F 5 -5.79 1.93 -8.98
N ILE F 6 -6.46 1.81 -7.85
CA ILE F 6 -7.10 0.57 -7.43
C ILE F 6 -8.54 0.90 -7.09
N VAL F 7 -9.48 0.13 -7.62
CA VAL F 7 -10.89 0.45 -7.52
C VAL F 7 -11.64 -0.75 -6.97
N SER F 8 -12.51 -0.49 -6.01
CA SER F 8 -13.32 -1.53 -5.38
C SER F 8 -14.79 -1.11 -5.43
N TYR F 9 -15.66 -2.06 -5.71
CA TYR F 9 -17.06 -1.73 -5.87
C TYR F 9 -17.92 -2.69 -5.07
N ASP F 10 -19.04 -2.16 -4.59
CA ASP F 10 -20.13 -2.93 -4.02
C ASP F 10 -21.41 -2.35 -4.61
N ILE F 11 -22.10 -3.16 -5.40
CA ILE F 11 -23.26 -2.71 -6.17
C ILE F 11 -24.43 -3.62 -5.83
N ARG F 12 -25.62 -3.06 -5.80
CA ARG F 12 -26.81 -3.81 -5.43
C ARG F 12 -27.81 -3.92 -6.58
N ASN F 13 -27.31 -4.07 -7.81
CA ASN F 13 -28.17 -4.25 -8.96
C ASN F 13 -27.41 -4.97 -10.07
N GLN F 14 -27.94 -6.09 -10.51
CA GLN F 14 -27.28 -6.85 -11.56
C GLN F 14 -27.17 -6.03 -12.83
N ARG F 15 -28.18 -5.22 -13.13
CA ARG F 15 -28.07 -4.31 -14.27
C ARG F 15 -26.85 -3.42 -14.14
N ARG F 16 -26.83 -2.62 -13.08
CA ARG F 16 -25.70 -1.75 -12.84
C ARG F 16 -24.43 -2.57 -12.73
N TRP F 17 -24.51 -3.76 -12.17
CA TRP F 17 -23.32 -4.57 -12.07
C TRP F 17 -22.75 -4.86 -13.44
N ARG F 18 -23.60 -5.28 -14.38
CA ARG F 18 -23.13 -5.53 -15.74
C ARG F 18 -22.47 -4.31 -16.31
N ARG F 19 -23.20 -3.19 -16.27
CA ARG F 19 -22.70 -2.00 -16.95
C ARG F 19 -21.38 -1.57 -16.35
N LEU F 20 -21.37 -1.33 -15.05
CA LEU F 20 -20.15 -0.98 -14.35
C LEU F 20 -19.05 -1.98 -14.65
N PHE F 21 -19.38 -3.25 -14.60
CA PHE F 21 -18.38 -4.30 -14.76
C PHE F 21 -17.58 -4.06 -16.01
N LYS F 22 -18.22 -4.06 -17.15
CA LYS F 22 -17.33 -4.17 -18.28
C LYS F 22 -16.94 -2.79 -18.79
N THR F 23 -17.67 -1.75 -18.35
CA THR F 23 -17.06 -0.44 -18.46
C THR F 23 -15.73 -0.40 -17.73
N MET F 24 -15.66 -1.06 -16.57
CA MET F 24 -14.40 -1.14 -15.87
C MET F 24 -13.38 -1.90 -16.67
N HIS F 25 -13.79 -3.01 -17.28
CA HIS F 25 -12.92 -3.66 -18.25
C HIS F 25 -12.40 -2.66 -19.26
N GLY F 26 -13.16 -1.61 -19.54
CA GLY F 26 -12.68 -0.58 -20.43
C GLY F 26 -11.50 0.21 -19.88
N PHE F 27 -11.21 0.09 -18.58
CA PHE F 27 -10.24 0.98 -17.97
C PHE F 27 -9.02 0.29 -17.40
N GLY F 28 -9.17 -0.87 -16.79
CA GLY F 28 -8.03 -1.47 -16.13
C GLY F 28 -7.90 -2.95 -16.38
N CYS F 29 -7.59 -3.70 -15.33
CA CYS F 29 -7.56 -5.15 -15.40
C CYS F 29 -8.11 -5.72 -14.11
N TRP F 30 -8.94 -6.74 -14.25
CA TRP F 30 -9.45 -7.46 -13.08
C TRP F 30 -8.30 -7.97 -12.25
N LEU F 31 -8.38 -7.78 -10.94
CA LEU F 31 -7.34 -8.26 -10.05
C LEU F 31 -7.91 -9.07 -8.90
N GLN F 32 -9.08 -8.70 -8.41
CA GLN F 32 -9.60 -9.32 -7.22
C GLN F 32 -11.09 -9.48 -7.41
N LEU F 33 -11.72 -10.20 -6.48
CA LEU F 33 -13.07 -10.67 -6.72
C LEU F 33 -14.01 -9.52 -7.05
N SER F 34 -13.76 -8.33 -6.51
CA SER F 34 -14.50 -7.15 -6.92
C SER F 34 -13.59 -5.95 -7.01
N VAL F 35 -12.38 -6.13 -7.55
CA VAL F 35 -11.38 -5.06 -7.58
C VAL F 35 -10.63 -5.09 -8.90
N PHE F 36 -10.34 -3.90 -9.42
CA PHE F 36 -9.57 -3.74 -10.64
C PHE F 36 -8.35 -2.89 -10.37
N GLN F 37 -7.21 -3.29 -10.91
CA GLN F 37 -6.04 -2.42 -10.93
C GLN F 37 -6.16 -1.54 -12.16
N CYS F 38 -5.63 -0.33 -12.05
CA CYS F 38 -5.84 0.69 -13.05
C CYS F 38 -4.62 1.60 -13.14
N ARG F 39 -3.94 1.54 -14.27
CA ARG F 39 -2.76 2.35 -14.57
C ARG F 39 -3.21 3.40 -15.57
N LEU F 40 -3.37 4.63 -15.12
CA LEU F 40 -4.01 5.65 -15.95
C LEU F 40 -3.36 7.02 -15.85
N ASP F 41 -3.78 7.89 -16.75
CA ASP F 41 -3.34 9.27 -16.86
C ASP F 41 -4.51 10.18 -16.52
N ARG F 42 -4.25 11.48 -16.42
CA ARG F 42 -5.23 12.42 -15.90
C ARG F 42 -6.49 12.45 -16.74
N ILE F 43 -6.34 12.60 -18.05
CA ILE F 43 -7.50 12.70 -18.91
C ILE F 43 -8.42 11.51 -18.72
N ARG F 44 -7.86 10.30 -18.75
CA ARG F 44 -8.78 9.19 -18.65
C ARG F 44 -9.21 8.93 -17.23
N ILE F 45 -8.44 9.37 -16.23
CA ILE F 45 -9.00 9.23 -14.88
C ILE F 45 -10.22 10.12 -14.74
N ILE F 46 -10.20 11.28 -15.38
CA ILE F 46 -11.37 12.14 -15.34
C ILE F 46 -12.51 11.50 -16.12
N LYS F 47 -12.19 10.87 -17.25
CA LYS F 47 -13.22 10.19 -18.01
C LYS F 47 -13.88 9.10 -17.16
N MET F 48 -13.04 8.34 -16.46
CA MET F 48 -13.54 7.38 -15.49
C MET F 48 -14.46 8.03 -14.50
N GLU F 49 -13.98 9.12 -13.89
CA GLU F 49 -14.75 9.78 -12.85
C GLU F 49 -16.13 10.13 -13.39
N ALA F 50 -16.17 10.66 -14.59
CA ALA F 50 -17.44 11.03 -15.21
C ALA F 50 -18.34 9.83 -15.38
N ALA F 51 -17.83 8.77 -16.01
CA ALA F 51 -18.66 7.60 -16.28
C ALA F 51 -19.25 7.04 -15.00
N ILE F 52 -18.40 6.80 -14.02
CA ILE F 52 -18.94 6.29 -12.77
C ILE F 52 -19.20 7.40 -11.75
N ASN F 53 -20.23 8.17 -12.00
CA ASN F 53 -21.06 8.85 -11.01
C ASN F 53 -22.45 8.49 -11.47
N GLU F 54 -22.48 7.95 -12.67
CA GLU F 54 -23.64 8.02 -13.53
C GLU F 54 -24.05 6.69 -14.14
N ILE F 55 -23.16 5.71 -14.19
CA ILE F 55 -23.66 4.34 -14.18
C ILE F 55 -24.10 3.96 -12.78
N VAL F 56 -23.37 4.45 -11.78
CA VAL F 56 -23.58 4.07 -10.39
C VAL F 56 -24.75 4.85 -9.80
N ASN F 57 -25.37 4.33 -8.76
CA ASN F 57 -26.48 5.00 -8.09
C ASN F 57 -26.02 5.35 -6.68
N HIS F 58 -25.96 6.65 -6.38
CA HIS F 58 -25.15 7.19 -5.30
C HIS F 58 -25.54 6.73 -3.90
N ALA F 59 -26.80 6.89 -3.51
CA ALA F 59 -27.15 6.87 -2.09
C ALA F 59 -26.88 5.50 -1.46
N GLU F 60 -26.62 4.51 -2.30
CA GLU F 60 -26.94 3.13 -2.03
C GLU F 60 -26.02 2.08 -2.63
N ASP F 61 -25.25 2.40 -3.66
CA ASP F 61 -24.06 1.63 -4.01
C ASP F 61 -22.84 2.23 -3.32
N HIS F 62 -21.67 1.69 -3.62
CA HIS F 62 -20.45 2.32 -3.11
C HIS F 62 -19.24 1.82 -3.90
N VAL F 63 -18.41 2.76 -4.34
CA VAL F 63 -17.19 2.45 -5.07
C VAL F 63 -16.06 3.29 -4.47
N LEU F 64 -14.84 2.83 -4.65
CA LEU F 64 -13.65 3.50 -4.14
C LEU F 64 -12.54 3.44 -5.17
N ILE F 65 -11.88 4.57 -5.37
CA ILE F 65 -10.72 4.66 -6.25
C ILE F 65 -9.55 5.21 -5.45
N LEU F 66 -8.42 4.53 -5.54
CA LEU F 66 -7.27 4.72 -4.67
C LEU F 66 -6.05 4.96 -5.54
N ASP F 67 -5.48 6.16 -5.47
CA ASP F 67 -4.27 6.44 -6.19
C ASP F 67 -3.12 5.88 -5.37
N LEU F 68 -2.50 4.82 -5.87
CA LEU F 68 -1.33 4.32 -5.17
C LEU F 68 -0.15 5.26 -5.38
N GLY F 69 0.04 5.72 -6.59
CA GLY F 69 1.09 6.67 -6.87
C GLY F 69 1.53 6.65 -8.30
N PRO F 70 2.79 6.98 -8.53
CA PRO F 70 3.28 7.16 -9.89
C PRO F 70 3.38 5.89 -10.71
N ALA F 71 3.35 4.72 -10.07
CA ALA F 71 3.38 3.43 -10.74
C ALA F 71 4.74 3.08 -11.33
N GLU F 72 5.75 3.90 -11.07
CA GLU F 72 7.11 3.40 -11.24
C GLU F 72 7.55 2.50 -10.09
N ASN F 73 7.14 2.83 -8.87
CA ASN F 73 7.62 2.19 -7.68
C ASN F 73 6.45 1.65 -6.87
N VAL F 74 5.55 0.94 -7.53
CA VAL F 74 4.32 0.53 -6.89
C VAL F 74 4.57 -0.57 -5.87
N LYS F 75 5.15 -1.67 -6.30
CA LYS F 75 5.24 -2.85 -5.43
C LYS F 75 5.91 -2.56 -4.10
N PRO F 76 6.75 -1.53 -3.94
CA PRO F 76 7.07 -1.10 -2.58
C PRO F 76 5.85 -0.76 -1.75
N LYS F 77 4.72 -0.53 -2.39
CA LYS F 77 3.53 -0.13 -1.67
C LYS F 77 2.51 -1.25 -1.55
N VAL F 78 2.77 -2.38 -2.21
CA VAL F 78 1.82 -3.47 -2.37
C VAL F 78 2.36 -4.70 -1.67
N SER F 79 1.46 -5.59 -1.26
CA SER F 79 1.86 -6.92 -0.81
C SER F 79 0.73 -7.89 -1.09
N SER F 80 1.05 -8.98 -1.77
CA SER F 80 0.08 -10.00 -2.14
C SER F 80 0.48 -11.33 -1.52
N ILE F 81 -0.53 -12.08 -1.07
CA ILE F 81 -0.24 -13.35 -0.41
C ILE F 81 -0.90 -14.48 -1.18
N GLY F 82 -1.83 -14.14 -2.05
CA GLY F 82 -2.44 -15.16 -2.87
C GLY F 82 -1.60 -15.32 -4.11
N LYS F 83 -2.18 -15.14 -5.27
CA LYS F 83 -1.34 -15.02 -6.44
C LYS F 83 -0.48 -13.77 -6.29
N THR F 84 0.69 -13.83 -6.89
CA THR F 84 1.59 -12.69 -6.87
C THR F 84 1.02 -11.54 -7.66
N PHE F 85 1.18 -10.34 -7.13
CA PHE F 85 0.86 -9.11 -7.83
C PHE F 85 2.07 -8.60 -8.57
N ASP F 86 1.85 -8.11 -9.79
CA ASP F 86 2.77 -7.20 -10.43
C ASP F 86 1.92 -6.30 -11.30
N PRO F 87 2.17 -5.00 -11.31
CA PRO F 87 1.21 -4.06 -11.91
C PRO F 87 1.17 -4.14 -13.42
N ILE F 88 0.32 -3.27 -13.97
CA ILE F 88 0.18 -3.10 -15.40
C ILE F 88 1.48 -2.57 -15.98
N LEU F 89 1.78 -2.96 -17.20
CA LEU F 89 2.92 -2.45 -17.93
C LEU F 89 2.43 -1.89 -19.26
N ARG F 90 2.93 -0.73 -19.65
CA ARG F 90 2.60 -0.19 -20.96
C ARG F 90 3.65 -0.65 -21.96
N GLN F 91 3.29 -1.64 -22.76
CA GLN F 91 3.93 -1.87 -24.03
C GLN F 91 2.82 -2.02 -25.04
N ALA F 92 3.16 -1.78 -26.29
CA ALA F 92 2.23 -2.20 -27.30
C ALA F 92 2.05 -3.72 -27.20
N VAL F 93 0.86 -4.18 -27.49
CA VAL F 93 0.59 -5.59 -27.58
C VAL F 93 0.90 -6.00 -29.00
N ILE F 94 1.62 -7.10 -29.14
CA ILE F 94 2.20 -7.47 -30.41
C ILE F 94 1.74 -8.84 -30.87
N VAL F 95 0.95 -9.53 -30.06
CA VAL F 95 0.47 -10.85 -30.38
C VAL F 95 -0.38 -10.84 -31.63
#